data_1CRK
#
_entry.id   1CRK
#
_cell.length_a   126.000
_cell.length_b   126.000
_cell.length_c   144.700
_cell.angle_alpha   90.00
_cell.angle_beta   90.00
_cell.angle_gamma   90.00
#
_symmetry.space_group_name_H-M   'P 42'
#
loop_
_entity.id
_entity.type
_entity.pdbx_description
1 polymer 'CREATINE KINASE'
2 non-polymer 'PHOSPHATE ION'
#
_entity_poly.entity_id   1
_entity_poly.type   'polypeptide(L)'
_entity_poly.pdbx_seq_one_letter_code
;TVHEKRKLFPPSADYPDLRKHNNCMAECLTPAIYAKLRDKLTPNGYSLDQCIQTGVDNPGHPFIKTVGMVAGDEESYEVF
AEIFDPVIKARHNGYDPRTMKHHTDLDASKITHGQFDERYVLSSRVRTGRSIRGLSLPPACSRAERREVENVVVTALAGL
KGDLSGKYYSLTNMSERDQQQLIDDHFLFDKPVSPLLTCAGMARDWPDARGIWHNNDKTFLVWINEEDHTRVISMEKGGN
MKRVFERFCRGLKEVERLIKERGWEFMWNERLGYVLTCPSNLGTGLRAGVHVKLPRLSKDPRFPKILENLRLQKRGTGGV
DTAAVADVYDISNLDRMGRSEVELVQIVIDGVNYLVDCEKKLEKGQDIKVPPPLPQFGRK
;
_entity_poly.pdbx_strand_id   A,B,C,D
#
loop_
_chem_comp.id
_chem_comp.type
_chem_comp.name
_chem_comp.formula
PO4 non-polymer 'PHOSPHATE ION' 'O4 P -3'
#
# COMPACT_ATOMS: atom_id res chain seq x y z
N THR A 1 -7.29 8.00 5.83
CA THR A 1 -6.29 9.11 5.93
C THR A 1 -6.77 10.23 6.87
N VAL A 2 -8.06 10.18 7.21
CA VAL A 2 -8.65 11.11 8.19
C VAL A 2 -8.76 10.41 9.55
N HIS A 3 -8.14 10.98 10.57
CA HIS A 3 -8.02 10.33 11.86
C HIS A 3 -7.90 11.35 12.99
N GLU A 4 -8.88 11.30 13.86
CA GLU A 4 -9.07 12.27 14.93
C GLU A 4 -7.93 12.27 15.92
N LYS A 5 -7.48 11.08 16.31
CA LYS A 5 -6.71 10.88 17.53
C LYS A 5 -7.03 11.96 18.56
N ARG A 6 -8.32 12.07 18.88
CA ARG A 6 -8.80 12.90 20.00
C ARG A 6 -7.83 12.64 21.12
N LYS A 7 -7.63 11.35 21.38
CA LYS A 7 -6.57 10.84 22.26
C LYS A 7 -6.30 11.76 23.43
N LEU A 8 -7.36 12.37 23.94
CA LEU A 8 -7.22 13.12 25.16
C LEU A 8 -7.39 12.19 26.33
N PHE A 9 -7.82 10.97 26.06
CA PHE A 9 -7.71 9.90 27.04
C PHE A 9 -7.65 8.60 26.25
N PRO A 10 -7.15 7.51 26.85
CA PRO A 10 -7.27 6.27 26.10
C PRO A 10 -8.76 5.94 25.94
N PRO A 11 -9.21 5.68 24.69
CA PRO A 11 -10.61 5.55 24.26
C PRO A 11 -11.55 4.85 25.24
N SER A 12 -11.06 3.86 25.97
CA SER A 12 -11.91 3.19 26.93
C SER A 12 -12.41 4.16 28.01
N ALA A 13 -11.60 5.14 28.37
CA ALA A 13 -12.03 6.14 29.33
C ALA A 13 -13.23 6.90 28.80
N ASP A 14 -13.48 6.76 27.51
CA ASP A 14 -14.59 7.45 26.86
C ASP A 14 -15.79 6.54 26.62
N TYR A 15 -15.77 5.32 27.14
CA TYR A 15 -16.86 4.38 26.87
C TYR A 15 -18.18 4.79 27.53
N PRO A 16 -19.31 4.73 26.80
CA PRO A 16 -20.56 5.13 27.43
C PRO A 16 -21.00 4.14 28.52
N ASP A 17 -21.71 4.63 29.53
CA ASP A 17 -22.33 3.75 30.51
C ASP A 17 -23.70 3.33 29.97
N LEU A 18 -23.74 2.18 29.30
CA LEU A 18 -24.98 1.74 28.66
C LEU A 18 -25.71 0.67 29.47
N ARG A 19 -25.49 0.66 30.78
CA ARG A 19 -25.97 -0.43 31.63
C ARG A 19 -27.48 -0.53 31.65
N LYS A 20 -28.14 0.61 31.67
CA LYS A 20 -29.59 0.62 31.78
C LYS A 20 -30.26 0.89 30.43
N HIS A 21 -29.51 0.66 29.36
CA HIS A 21 -30.00 0.97 28.02
C HIS A 21 -30.57 -0.25 27.34
N ASN A 22 -31.67 -0.05 26.61
CA ASN A 22 -32.12 -1.05 25.65
C ASN A 22 -32.44 -0.36 24.34
N ASN A 23 -31.41 -0.16 23.55
CA ASN A 23 -31.57 0.17 22.15
C ASN A 23 -30.51 -0.58 21.36
N CYS A 24 -30.77 -0.76 20.08
CA CYS A 24 -29.96 -1.65 19.25
C CYS A 24 -28.47 -1.28 19.28
N MET A 25 -28.19 0.00 19.46
CA MET A 25 -26.83 0.50 19.61
C MET A 25 -26.19 -0.06 20.87
N ALA A 26 -26.81 0.23 22.02
CA ALA A 26 -26.31 -0.24 23.30
C ALA A 26 -26.17 -1.73 23.27
N GLU A 27 -27.11 -2.38 22.58
CA GLU A 27 -27.19 -3.83 22.59
C GLU A 27 -26.02 -4.41 21.83
N CYS A 28 -25.47 -3.65 20.90
CA CYS A 28 -24.47 -4.18 19.99
C CYS A 28 -23.06 -3.63 20.17
N LEU A 29 -22.93 -2.52 20.90
CA LEU A 29 -21.62 -1.90 21.14
C LEU A 29 -20.79 -2.74 22.11
N THR A 30 -19.49 -2.74 21.91
CA THR A 30 -18.59 -3.46 22.77
C THR A 30 -17.33 -2.64 23.00
N PRO A 31 -16.71 -2.76 24.19
CA PRO A 31 -15.47 -2.08 24.49
C PRO A 31 -14.47 -2.08 23.35
N ALA A 32 -14.36 -3.22 22.67
CA ALA A 32 -13.39 -3.35 21.58
C ALA A 32 -13.76 -2.56 20.33
N ILE A 33 -15.04 -2.56 19.96
CA ILE A 33 -15.50 -1.83 18.79
C ILE A 33 -15.33 -0.34 19.07
N TYR A 34 -15.73 0.08 20.27
CA TYR A 34 -15.63 1.47 20.63
C TYR A 34 -14.20 1.95 20.54
N ALA A 35 -13.28 1.19 21.13
CA ALA A 35 -11.87 1.58 21.16
C ALA A 35 -11.30 1.65 19.74
N LYS A 36 -11.73 0.74 18.88
CA LYS A 36 -11.22 0.66 17.51
C LYS A 36 -11.67 1.84 16.68
N LEU A 37 -12.89 2.31 16.95
CA LEU A 37 -13.54 3.29 16.08
C LEU A 37 -13.52 4.72 16.59
N ARG A 38 -13.24 4.93 17.86
CA ARG A 38 -13.42 6.24 18.45
C ARG A 38 -12.82 7.37 17.60
N ASP A 39 -11.54 7.24 17.25
CA ASP A 39 -10.83 8.32 16.57
C ASP A 39 -10.76 8.17 15.05
N LYS A 40 -11.64 7.36 14.48
CA LYS A 40 -11.76 7.30 13.03
C LYS A 40 -12.78 8.35 12.62
N LEU A 41 -12.42 9.21 11.67
CA LEU A 41 -13.36 10.21 11.19
C LEU A 41 -13.83 9.89 9.78
N THR A 42 -15.03 10.34 9.45
CA THR A 42 -15.47 10.34 8.06
C THR A 42 -14.79 11.50 7.36
N PRO A 43 -14.66 11.41 6.02
CA PRO A 43 -14.15 12.47 5.17
C PRO A 43 -14.53 13.86 5.62
N ASN A 44 -15.74 14.04 6.09
CA ASN A 44 -16.14 15.38 6.53
C ASN A 44 -16.02 15.55 8.03
N GLY A 45 -15.70 14.48 8.73
CA GLY A 45 -15.35 14.60 10.14
C GLY A 45 -16.39 14.16 11.15
N TYR A 46 -17.39 13.41 10.71
CA TYR A 46 -18.35 12.82 11.63
C TYR A 46 -17.64 11.75 12.45
N SER A 47 -17.99 11.67 13.74
CA SER A 47 -17.30 10.79 14.67
C SER A 47 -18.25 9.75 15.21
N LEU A 48 -17.70 8.60 15.60
CA LEU A 48 -18.52 7.52 16.16
C LEU A 48 -19.33 8.04 17.32
N ASP A 49 -18.74 8.92 18.12
CA ASP A 49 -19.41 9.48 19.28
C ASP A 49 -20.69 10.21 18.91
N GLN A 50 -20.68 10.87 17.76
CA GLN A 50 -21.85 11.62 17.30
C GLN A 50 -22.91 10.69 16.77
N CYS A 51 -22.49 9.61 16.11
CA CYS A 51 -23.42 8.58 15.68
C CYS A 51 -24.24 8.07 16.86
N ILE A 52 -23.55 7.63 17.92
CA ILE A 52 -24.20 6.88 18.97
C ILE A 52 -24.81 7.76 20.07
N GLN A 53 -24.72 9.08 19.92
CA GLN A 53 -25.08 9.96 21.02
C GLN A 53 -26.52 9.80 21.42
N THR A 54 -27.45 9.95 20.50
CA THR A 54 -28.86 9.86 20.84
C THR A 54 -29.14 8.54 21.56
N GLY A 55 -28.43 7.48 21.16
CA GLY A 55 -28.63 6.19 21.79
C GLY A 55 -28.08 6.11 23.19
N VAL A 56 -27.10 6.96 23.48
CA VAL A 56 -26.54 7.07 24.82
C VAL A 56 -27.44 7.94 25.66
N ASP A 57 -28.03 8.95 25.05
CA ASP A 57 -28.86 9.88 25.78
C ASP A 57 -30.25 9.34 26.03
N ASN A 58 -30.67 8.36 25.23
CA ASN A 58 -32.04 7.84 25.26
C ASN A 58 -32.04 6.33 25.45
N PRO A 59 -32.02 5.87 26.71
CA PRO A 59 -31.95 4.44 26.99
C PRO A 59 -33.11 3.69 26.36
N GLY A 60 -34.19 4.43 26.10
CA GLY A 60 -35.34 3.85 25.45
C GLY A 60 -36.11 2.98 26.43
N HIS A 61 -37.07 2.23 25.91
CA HIS A 61 -37.94 1.42 26.75
C HIS A 61 -38.08 0.03 26.19
N PRO A 62 -38.05 -1.00 27.05
CA PRO A 62 -37.77 -2.36 26.56
C PRO A 62 -38.92 -2.96 25.74
N PHE A 63 -39.88 -2.13 25.39
CA PHE A 63 -41.07 -2.57 24.67
C PHE A 63 -40.98 -2.24 23.18
N ILE A 64 -40.35 -1.12 22.85
CA ILE A 64 -40.22 -0.66 21.46
C ILE A 64 -38.78 -0.72 20.91
N LYS A 65 -38.63 -1.33 19.74
CA LYS A 65 -37.36 -1.31 19.04
C LYS A 65 -37.00 0.11 18.62
N THR A 66 -35.89 0.62 19.16
CA THR A 66 -35.31 1.87 18.70
C THR A 66 -33.85 1.64 18.41
N VAL A 67 -33.35 2.31 17.37
CA VAL A 67 -32.03 1.96 16.84
C VAL A 67 -30.88 2.47 17.69
N GLY A 68 -30.89 3.75 18.03
CA GLY A 68 -29.94 4.23 19.00
C GLY A 68 -28.72 4.89 18.41
N MET A 69 -28.67 5.00 17.09
CA MET A 69 -27.61 5.73 16.43
C MET A 69 -28.12 6.27 15.13
N VAL A 70 -27.25 6.95 14.40
CA VAL A 70 -27.66 7.81 13.30
C VAL A 70 -26.45 7.97 12.37
N ALA A 71 -26.69 8.28 11.10
CA ALA A 71 -25.57 8.49 10.20
C ALA A 71 -25.47 9.95 9.87
N GLY A 72 -24.29 10.51 10.07
CA GLY A 72 -24.10 11.93 9.80
C GLY A 72 -23.92 12.17 8.32
N ASP A 73 -23.24 11.24 7.68
CA ASP A 73 -23.01 11.35 6.25
C ASP A 73 -22.98 9.98 5.64
N GLU A 74 -22.90 9.94 4.31
CA GLU A 74 -23.02 8.67 3.63
C GLU A 74 -21.89 7.76 4.03
N GLU A 75 -20.73 8.34 4.31
CA GLU A 75 -19.54 7.56 4.64
C GLU A 75 -19.62 6.93 6.01
N SER A 76 -20.52 7.43 6.85
CA SER A 76 -20.66 6.87 8.17
C SER A 76 -20.96 5.39 8.13
N TYR A 77 -21.77 4.96 7.15
CA TYR A 77 -22.21 3.57 7.07
C TYR A 77 -21.05 2.66 6.74
N GLU A 78 -19.98 3.25 6.24
CA GLU A 78 -18.85 2.51 5.71
C GLU A 78 -17.70 2.63 6.70
N VAL A 79 -17.44 3.85 7.16
CA VAL A 79 -16.37 4.06 8.12
C VAL A 79 -16.65 3.33 9.42
N PHE A 80 -17.89 3.37 9.88
CA PHE A 80 -18.24 2.76 11.16
C PHE A 80 -19.10 1.52 10.95
N ALA A 81 -18.85 0.81 9.87
CA ALA A 81 -19.60 -0.39 9.55
C ALA A 81 -19.54 -1.39 10.69
N GLU A 82 -18.40 -1.44 11.38
CA GLU A 82 -18.21 -2.43 12.43
C GLU A 82 -19.21 -2.29 13.58
N ILE A 83 -19.95 -1.20 13.60
CA ILE A 83 -21.04 -1.07 14.56
C ILE A 83 -22.38 -0.91 13.87
N PHE A 84 -22.40 -0.30 12.68
CA PHE A 84 -23.64 -0.19 11.90
C PHE A 84 -24.15 -1.54 11.35
N ASP A 85 -23.25 -2.36 10.82
CA ASP A 85 -23.65 -3.64 10.25
C ASP A 85 -24.42 -4.55 11.22
N PRO A 86 -23.95 -4.69 12.47
CA PRO A 86 -24.75 -5.43 13.46
C PRO A 86 -26.07 -4.75 13.78
N VAL A 87 -26.05 -3.45 14.00
CA VAL A 87 -27.27 -2.73 14.37
C VAL A 87 -28.32 -2.89 13.28
N ILE A 88 -27.88 -2.90 12.03
CA ILE A 88 -28.79 -3.04 10.89
C ILE A 88 -29.36 -4.43 10.90
N LYS A 89 -28.48 -5.42 11.05
CA LYS A 89 -28.89 -6.82 11.08
C LYS A 89 -29.87 -7.10 12.21
N ALA A 90 -29.71 -6.41 13.32
CA ALA A 90 -30.62 -6.58 14.45
C ALA A 90 -31.94 -5.92 14.14
N ARG A 91 -31.84 -4.69 13.67
CA ARG A 91 -33.00 -3.86 13.41
C ARG A 91 -33.94 -4.55 12.43
N HIS A 92 -33.37 -4.93 11.29
CA HIS A 92 -34.15 -5.52 10.21
C HIS A 92 -34.08 -7.02 10.31
N ASN A 93 -34.50 -7.51 11.47
CA ASN A 93 -34.30 -8.89 11.91
C ASN A 93 -33.83 -9.88 10.84
N GLY A 94 -32.51 -9.99 10.69
CA GLY A 94 -31.97 -10.98 9.79
C GLY A 94 -31.06 -10.38 8.74
N TYR A 95 -31.56 -9.38 8.02
CA TYR A 95 -30.84 -8.83 6.88
C TYR A 95 -29.44 -8.41 7.29
N ASP A 96 -28.44 -8.99 6.66
CA ASP A 96 -27.05 -8.74 7.05
C ASP A 96 -26.30 -8.06 5.90
N PRO A 97 -26.09 -6.74 5.99
CA PRO A 97 -25.46 -5.97 4.91
C PRO A 97 -24.10 -6.49 4.53
N ARG A 98 -23.50 -7.28 5.43
CA ARG A 98 -22.18 -7.83 5.19
C ARG A 98 -22.24 -8.87 4.08
N THR A 99 -23.33 -9.65 4.10
CA THR A 99 -23.40 -10.86 3.30
C THR A 99 -24.45 -10.76 2.19
N MET A 100 -25.45 -9.91 2.37
CA MET A 100 -26.56 -9.81 1.43
C MET A 100 -26.51 -8.55 0.57
N LYS A 101 -27.22 -8.59 -0.55
CA LYS A 101 -27.39 -7.42 -1.40
C LYS A 101 -28.87 -7.03 -1.43
N HIS A 102 -29.18 -5.85 -1.93
CA HIS A 102 -30.55 -5.37 -1.90
C HIS A 102 -31.02 -4.87 -3.26
N HIS A 103 -32.21 -5.31 -3.66
CA HIS A 103 -32.71 -5.04 -4.99
C HIS A 103 -33.81 -4.00 -4.91
N THR A 104 -33.68 -2.95 -5.70
CA THR A 104 -34.67 -1.88 -5.77
C THR A 104 -35.50 -2.11 -7.02
N ASP A 105 -36.77 -1.75 -7.01
CA ASP A 105 -37.68 -2.11 -8.10
C ASP A 105 -38.90 -1.20 -8.12
N LEU A 106 -38.84 -0.13 -8.89
CA LEU A 106 -39.92 0.85 -8.86
C LEU A 106 -40.78 0.79 -10.10
N ASP A 107 -40.98 -0.42 -10.60
CA ASP A 107 -41.86 -0.69 -11.71
C ASP A 107 -43.31 -0.92 -11.25
N ALA A 108 -44.05 0.17 -11.08
CA ALA A 108 -45.40 0.10 -10.51
C ALA A 108 -46.41 -0.53 -11.46
N SER A 109 -45.97 -0.81 -12.69
CA SER A 109 -46.81 -1.57 -13.60
C SER A 109 -47.09 -2.89 -12.91
N LYS A 110 -46.00 -3.52 -12.44
CA LYS A 110 -46.02 -4.87 -11.90
C LYS A 110 -47.10 -5.18 -10.85
N ILE A 111 -47.68 -4.16 -10.22
CA ILE A 111 -48.70 -4.43 -9.20
C ILE A 111 -50.08 -4.70 -9.80
N THR A 112 -50.91 -5.45 -9.06
CA THR A 112 -52.19 -5.94 -9.56
C THR A 112 -53.40 -5.45 -8.77
N HIS A 113 -53.62 -6.02 -7.59
CA HIS A 113 -54.92 -5.87 -6.94
C HIS A 113 -55.11 -4.56 -6.16
N GLY A 114 -54.61 -3.47 -6.74
CA GLY A 114 -54.53 -2.21 -6.03
C GLY A 114 -55.78 -1.35 -6.03
N GLN A 115 -56.93 -1.99 -5.91
CA GLN A 115 -58.19 -1.27 -5.93
C GLN A 115 -59.07 -1.72 -4.76
N PHE A 116 -58.55 -1.58 -3.55
CA PHE A 116 -59.25 -1.95 -2.33
C PHE A 116 -60.75 -1.61 -2.33
N ASP A 117 -61.54 -2.42 -1.62
CA ASP A 117 -62.95 -2.14 -1.37
C ASP A 117 -63.10 -0.84 -0.58
N GLU A 118 -63.47 0.23 -1.28
CA GLU A 118 -63.42 1.59 -0.73
C GLU A 118 -64.52 1.92 0.28
N ARG A 119 -65.09 0.90 0.94
CA ARG A 119 -66.03 1.13 2.01
C ARG A 119 -65.49 0.63 3.36
N TYR A 120 -64.23 0.21 3.34
CA TYR A 120 -63.49 -0.01 4.58
C TYR A 120 -62.11 0.65 4.48
N VAL A 121 -61.53 0.60 3.28
CA VAL A 121 -60.23 1.19 3.04
C VAL A 121 -60.39 2.67 2.75
N LEU A 122 -60.26 3.47 3.80
CA LEU A 122 -60.41 4.91 3.71
C LEU A 122 -59.29 5.58 2.93
N SER A 123 -58.06 5.26 3.27
CA SER A 123 -56.91 6.04 2.84
C SER A 123 -55.80 5.15 2.33
N SER A 124 -55.08 5.63 1.32
CA SER A 124 -53.86 4.95 0.87
C SER A 124 -52.70 5.94 0.72
N ARG A 125 -51.52 5.51 1.15
CA ARG A 125 -50.33 6.34 1.05
C ARG A 125 -49.08 5.47 0.99
N VAL A 126 -48.00 6.05 0.50
CA VAL A 126 -46.75 5.35 0.30
C VAL A 126 -45.64 6.40 0.44
N ARG A 127 -44.82 6.30 1.50
CA ARG A 127 -43.70 7.24 1.66
C ARG A 127 -42.36 6.53 1.71
N THR A 128 -41.40 7.12 1.01
CA THR A 128 -40.01 6.72 1.12
C THR A 128 -39.26 8.00 1.46
N GLY A 129 -37.94 7.91 1.52
CA GLY A 129 -37.15 9.12 1.64
C GLY A 129 -36.00 9.03 0.66
N ARG A 130 -35.46 10.18 0.26
CA ARG A 130 -34.28 10.19 -0.60
C ARG A 130 -33.24 11.17 -0.05
N SER A 131 -31.97 10.79 -0.15
CA SER A 131 -30.88 11.65 0.30
C SER A 131 -30.01 12.07 -0.86
N ILE A 132 -29.72 13.37 -0.96
CA ILE A 132 -28.86 13.87 -2.04
C ILE A 132 -27.39 13.57 -1.77
N ARG A 133 -26.73 12.87 -2.69
CA ARG A 133 -25.33 12.51 -2.53
C ARG A 133 -24.44 13.72 -2.62
N GLY A 134 -23.44 13.78 -1.75
CA GLY A 134 -22.51 14.90 -1.75
C GLY A 134 -22.74 15.91 -0.64
N LEU A 135 -23.90 15.82 0.00
CA LEU A 135 -24.22 16.72 1.11
C LEU A 135 -24.51 15.86 2.34
N SER A 136 -24.06 16.33 3.50
CA SER A 136 -24.19 15.59 4.73
C SER A 136 -25.66 15.46 5.12
N LEU A 137 -25.96 14.39 5.84
CA LEU A 137 -27.31 14.13 6.34
C LEU A 137 -27.62 15.12 7.47
N PRO A 138 -28.88 15.15 7.93
CA PRO A 138 -29.31 16.19 8.87
C PRO A 138 -28.59 16.27 10.21
N PRO A 139 -28.10 15.14 10.76
CA PRO A 139 -27.44 15.22 12.06
C PRO A 139 -26.19 16.07 12.00
N ALA A 140 -25.67 16.26 10.79
CA ALA A 140 -24.34 16.79 10.60
C ALA A 140 -24.30 18.02 9.72
N CYS A 141 -25.24 18.15 8.81
CA CYS A 141 -25.09 19.06 7.67
C CYS A 141 -25.04 20.49 8.15
N SER A 142 -24.07 21.24 7.64
CA SER A 142 -23.94 22.66 7.97
C SER A 142 -25.06 23.41 7.30
N ARG A 143 -25.29 24.64 7.72
CA ARG A 143 -26.39 25.45 7.18
C ARG A 143 -26.26 25.52 5.68
N ALA A 144 -25.04 25.65 5.18
CA ALA A 144 -24.81 25.80 3.76
C ALA A 144 -25.18 24.52 3.02
N GLU A 145 -24.82 23.38 3.60
CA GLU A 145 -25.16 22.09 3.02
C GLU A 145 -26.67 21.93 3.04
N ARG A 146 -27.29 22.34 4.13
CA ARG A 146 -28.73 22.16 4.28
C ARG A 146 -29.43 23.02 3.25
N ARG A 147 -28.87 24.21 3.06
CA ARG A 147 -29.40 25.13 2.09
C ARG A 147 -29.33 24.53 0.70
N GLU A 148 -28.21 23.87 0.40
CA GLU A 148 -27.98 23.32 -0.92
C GLU A 148 -28.93 22.18 -1.24
N VAL A 149 -29.26 21.39 -0.22
CA VAL A 149 -30.23 20.31 -0.39
C VAL A 149 -31.56 20.90 -0.82
N GLU A 150 -31.96 21.97 -0.13
CA GLU A 150 -33.21 22.62 -0.45
C GLU A 150 -33.13 23.16 -1.88
N ASN A 151 -31.99 23.72 -2.25
CA ASN A 151 -31.89 24.31 -3.57
C ASN A 151 -31.93 23.28 -4.68
N VAL A 152 -31.23 22.16 -4.49
CA VAL A 152 -31.19 21.11 -5.50
C VAL A 152 -32.59 20.51 -5.67
N VAL A 153 -33.23 20.17 -4.56
CA VAL A 153 -34.50 19.48 -4.61
C VAL A 153 -35.61 20.39 -5.14
N VAL A 154 -35.67 21.63 -4.67
CA VAL A 154 -36.73 22.52 -5.10
C VAL A 154 -36.67 22.82 -6.59
N THR A 155 -35.49 23.07 -7.13
CA THR A 155 -35.35 23.27 -8.56
C THR A 155 -35.85 22.05 -9.30
N ALA A 156 -35.51 20.88 -8.79
CA ALA A 156 -35.90 19.64 -9.43
C ALA A 156 -37.41 19.60 -9.49
N LEU A 157 -38.04 19.85 -8.36
CA LEU A 157 -39.48 19.70 -8.23
C LEU A 157 -40.15 20.73 -9.11
N ALA A 158 -39.52 21.88 -9.24
CA ALA A 158 -40.11 22.97 -10.00
C ALA A 158 -40.21 22.63 -11.48
N GLY A 159 -39.49 21.61 -11.92
CA GLY A 159 -39.55 21.20 -13.31
C GLY A 159 -40.48 20.04 -13.55
N LEU A 160 -41.09 19.52 -12.47
CA LEU A 160 -42.19 18.57 -12.60
C LEU A 160 -43.37 19.28 -13.25
N LYS A 161 -44.11 18.54 -14.05
CA LYS A 161 -45.22 19.11 -14.79
C LYS A 161 -46.31 18.06 -14.95
N GLY A 162 -47.50 18.50 -15.34
CA GLY A 162 -48.61 17.58 -15.46
C GLY A 162 -49.38 17.50 -14.16
N ASP A 163 -49.73 16.28 -13.74
CA ASP A 163 -50.40 16.08 -12.46
C ASP A 163 -49.39 16.13 -11.33
N LEU A 164 -48.12 16.20 -11.70
CA LEU A 164 -47.05 16.20 -10.73
C LEU A 164 -46.49 17.59 -10.47
N SER A 165 -47.08 18.60 -11.11
CA SER A 165 -46.67 19.96 -10.83
C SER A 165 -47.42 20.45 -9.60
N GLY A 166 -46.86 21.45 -8.93
CA GLY A 166 -47.46 21.99 -7.72
C GLY A 166 -46.67 23.18 -7.27
N LYS A 167 -46.63 23.45 -5.96
CA LYS A 167 -45.85 24.57 -5.48
C LYS A 167 -45.10 24.28 -4.17
N TYR A 168 -44.20 25.20 -3.82
CA TYR A 168 -43.33 25.03 -2.67
C TYR A 168 -43.55 26.14 -1.65
N TYR A 169 -43.62 25.76 -0.38
CA TYR A 169 -43.83 26.69 0.71
C TYR A 169 -42.65 26.60 1.67
N SER A 170 -41.99 27.72 1.92
CA SER A 170 -40.84 27.72 2.82
C SER A 170 -41.27 28.00 4.23
N LEU A 171 -40.83 27.16 5.16
CA LEU A 171 -41.11 27.40 6.56
C LEU A 171 -40.72 28.80 7.01
N THR A 172 -39.67 29.38 6.42
CA THR A 172 -39.19 30.67 6.89
C THR A 172 -40.14 31.81 6.58
N ASN A 173 -40.60 31.87 5.34
CA ASN A 173 -41.43 32.98 4.90
C ASN A 173 -42.64 32.46 4.14
N MET A 174 -43.63 31.99 4.90
CA MET A 174 -44.93 31.66 4.34
C MET A 174 -46.00 32.33 5.18
N SER A 175 -47.08 32.75 4.53
CA SER A 175 -48.08 33.60 5.15
C SER A 175 -48.86 32.87 6.21
N GLU A 176 -49.54 33.63 7.05
CA GLU A 176 -50.48 33.10 8.01
C GLU A 176 -51.45 32.14 7.30
N ARG A 177 -51.83 32.50 6.07
CA ARG A 177 -52.78 31.70 5.29
C ARG A 177 -52.09 30.43 4.82
N ASP A 178 -50.90 30.59 4.24
CA ASP A 178 -50.10 29.46 3.79
C ASP A 178 -50.00 28.44 4.90
N GLN A 179 -49.98 28.94 6.13
CA GLN A 179 -49.74 28.12 7.29
C GLN A 179 -50.94 27.28 7.64
N GLN A 180 -52.05 27.95 7.96
CA GLN A 180 -53.29 27.28 8.36
C GLN A 180 -53.80 26.33 7.28
N GLN A 181 -53.71 26.78 6.03
CA GLN A 181 -54.13 25.98 4.87
C GLN A 181 -53.37 24.66 4.81
N LEU A 182 -52.07 24.71 5.05
CA LEU A 182 -51.24 23.51 5.09
C LEU A 182 -51.52 22.69 6.34
N ILE A 183 -52.07 23.33 7.38
CA ILE A 183 -52.45 22.61 8.58
C ILE A 183 -53.74 21.83 8.35
N ASP A 184 -54.66 22.42 7.58
CA ASP A 184 -55.93 21.79 7.29
C ASP A 184 -55.76 20.61 6.34
N ASP A 185 -54.92 20.80 5.33
CA ASP A 185 -54.56 19.73 4.41
C ASP A 185 -53.78 18.63 5.10
N HIS A 186 -53.18 18.97 6.24
CA HIS A 186 -52.27 18.07 6.98
C HIS A 186 -50.96 17.80 6.24
N PHE A 187 -50.38 18.88 5.71
CA PHE A 187 -49.11 18.81 4.99
C PHE A 187 -47.98 19.42 5.81
N LEU A 188 -48.35 20.15 6.86
CA LEU A 188 -47.38 20.90 7.64
C LEU A 188 -46.64 20.01 8.62
N PHE A 189 -45.36 20.31 8.84
CA PHE A 189 -44.62 19.78 9.97
C PHE A 189 -43.92 20.94 10.65
N ASP A 190 -43.37 20.71 11.84
CA ASP A 190 -42.43 21.67 12.40
C ASP A 190 -41.43 21.07 13.39
N LYS A 191 -40.65 21.93 14.04
CA LYS A 191 -39.47 21.53 14.79
C LYS A 191 -39.66 20.24 15.58
N PRO A 192 -38.84 19.22 15.30
CA PRO A 192 -38.95 17.94 16.00
C PRO A 192 -38.88 18.15 17.51
N VAL A 193 -39.52 17.25 18.25
CA VAL A 193 -39.52 17.34 19.70
C VAL A 193 -39.00 16.08 20.37
N SER A 194 -39.12 14.95 19.68
CA SER A 194 -38.61 13.69 20.21
C SER A 194 -37.13 13.83 20.50
N PRO A 195 -36.72 13.56 21.75
CA PRO A 195 -35.30 13.58 22.12
C PRO A 195 -34.47 12.61 21.28
N LEU A 196 -35.14 11.63 20.67
CA LEU A 196 -34.46 10.70 19.80
C LEU A 196 -33.87 11.44 18.61
N LEU A 197 -34.59 12.46 18.15
CA LEU A 197 -34.16 13.24 16.98
C LEU A 197 -33.36 14.47 17.41
N THR A 198 -33.89 15.21 18.37
CA THR A 198 -33.31 16.50 18.72
C THR A 198 -31.98 16.29 19.41
N CYS A 199 -31.85 15.19 20.14
CA CYS A 199 -30.58 14.84 20.76
C CYS A 199 -29.58 14.28 19.74
N ALA A 200 -30.04 14.05 18.51
CA ALA A 200 -29.16 13.68 17.40
C ALA A 200 -28.87 14.89 16.53
N GLY A 201 -29.23 16.07 17.01
CA GLY A 201 -28.89 17.29 16.31
C GLY A 201 -29.63 17.50 15.02
N MET A 202 -30.89 17.11 14.98
CA MET A 202 -31.67 17.20 13.75
C MET A 202 -32.60 18.39 13.78
N ALA A 203 -32.48 19.23 14.80
CA ALA A 203 -33.37 20.37 14.92
C ALA A 203 -32.60 21.69 14.91
N ARG A 204 -31.36 21.63 14.48
CA ARG A 204 -30.50 22.82 14.53
C ARG A 204 -30.97 23.84 13.52
N ASP A 205 -30.77 25.11 13.83
CA ASP A 205 -31.09 26.17 12.88
C ASP A 205 -32.55 26.13 12.38
N TRP A 206 -33.48 25.66 13.20
CA TRP A 206 -34.87 25.60 12.74
C TRP A 206 -35.45 26.99 12.57
N PRO A 207 -36.18 27.24 11.46
CA PRO A 207 -36.66 26.36 10.41
C PRO A 207 -35.88 26.53 9.09
N ASP A 208 -34.70 27.10 9.20
CA ASP A 208 -33.90 27.47 8.05
C ASP A 208 -33.83 26.35 7.02
N ALA A 209 -34.16 26.69 5.78
CA ALA A 209 -34.09 25.75 4.67
C ALA A 209 -34.97 24.51 4.77
N ARG A 210 -36.00 24.53 5.62
CA ARG A 210 -37.07 23.52 5.50
C ARG A 210 -38.24 24.08 4.69
N GLY A 211 -39.07 23.19 4.16
CA GLY A 211 -40.22 23.61 3.38
C GLY A 211 -41.10 22.45 2.93
N ILE A 212 -42.33 22.74 2.56
CA ILE A 212 -43.24 21.72 2.01
C ILE A 212 -43.51 22.03 0.55
N TRP A 213 -43.49 21.00 -0.29
CA TRP A 213 -43.96 21.11 -1.66
C TRP A 213 -45.00 20.04 -1.88
N HIS A 214 -46.08 20.39 -2.57
CA HIS A 214 -47.06 19.40 -2.99
C HIS A 214 -47.59 19.75 -4.37
N ASN A 215 -48.03 18.73 -5.11
CA ASN A 215 -48.63 18.92 -6.42
C ASN A 215 -49.99 19.57 -6.27
N ASN A 216 -50.53 20.05 -7.38
CA ASN A 216 -51.67 20.95 -7.33
C ASN A 216 -52.96 20.32 -6.80
N ASP A 217 -53.18 19.04 -7.07
CA ASP A 217 -54.31 18.38 -6.44
C ASP A 217 -53.93 17.46 -5.28
N LYS A 218 -52.86 17.84 -4.58
CA LYS A 218 -52.59 17.36 -3.23
C LYS A 218 -52.56 15.83 -3.10
N THR A 219 -51.90 15.18 -4.05
CA THR A 219 -51.69 13.75 -3.99
C THR A 219 -50.20 13.36 -4.05
N PHE A 220 -49.33 14.36 -4.00
CA PHE A 220 -47.89 14.14 -3.96
C PHE A 220 -47.25 15.18 -3.05
N LEU A 221 -46.75 14.70 -1.92
CA LEU A 221 -46.11 15.55 -0.92
C LEU A 221 -44.60 15.29 -0.91
N VAL A 222 -43.81 16.37 -0.81
CA VAL A 222 -42.37 16.26 -0.57
C VAL A 222 -42.00 17.20 0.57
N TRP A 223 -41.43 16.64 1.64
CA TRP A 223 -40.97 17.45 2.78
C TRP A 223 -39.48 17.59 2.71
N ILE A 224 -39.03 18.83 2.64
CA ILE A 224 -37.61 19.10 2.43
C ILE A 224 -36.92 19.46 3.74
N ASN A 225 -35.98 18.61 4.11
CA ASN A 225 -35.04 18.92 5.17
C ASN A 225 -35.62 18.76 6.55
N GLU A 226 -36.62 17.90 6.69
CA GLU A 226 -37.16 17.62 8.01
C GLU A 226 -36.22 16.64 8.73
N GLU A 227 -36.60 15.36 8.79
CA GLU A 227 -35.72 14.38 9.40
C GLU A 227 -35.00 13.54 8.36
N ASP A 228 -34.78 14.14 7.20
CA ASP A 228 -34.10 13.51 6.07
C ASP A 228 -34.09 14.47 4.88
N HIS A 229 -33.10 14.35 3.99
CA HIS A 229 -32.96 15.29 2.87
C HIS A 229 -34.30 15.52 2.20
N THR A 230 -34.98 14.44 1.80
CA THR A 230 -36.36 14.51 1.33
C THR A 230 -37.15 13.37 1.93
N ARG A 231 -38.37 13.66 2.37
CA ARG A 231 -39.34 12.59 2.62
C ARG A 231 -40.49 12.69 1.62
N VAL A 232 -40.49 11.83 0.60
CA VAL A 232 -41.46 11.92 -0.48
C VAL A 232 -42.63 10.98 -0.28
N ILE A 233 -43.84 11.49 -0.53
CA ILE A 233 -45.09 10.84 -0.16
C ILE A 233 -46.07 10.92 -1.33
N SER A 234 -46.62 9.78 -1.70
CA SER A 234 -47.79 9.74 -2.56
C SER A 234 -48.95 9.21 -1.74
N MET A 235 -49.98 10.03 -1.57
CA MET A 235 -51.15 9.60 -0.84
C MET A 235 -52.41 10.06 -1.54
N GLU A 236 -53.46 9.27 -1.37
CA GLU A 236 -54.73 9.50 -2.03
C GLU A 236 -55.84 9.06 -1.10
N LYS A 237 -57.02 9.63 -1.27
CA LYS A 237 -58.19 9.13 -0.58
C LYS A 237 -58.71 7.88 -1.26
N GLY A 238 -59.46 7.08 -0.52
CA GLY A 238 -59.98 5.85 -1.08
C GLY A 238 -58.98 4.72 -0.94
N GLY A 239 -58.90 3.88 -1.96
CA GLY A 239 -58.13 2.67 -1.84
C GLY A 239 -57.56 2.19 -3.14
N ASN A 240 -57.38 3.11 -4.09
CA ASN A 240 -56.78 2.76 -5.38
C ASN A 240 -55.26 2.70 -5.21
N MET A 241 -54.79 1.71 -4.47
CA MET A 241 -53.39 1.61 -4.10
C MET A 241 -52.51 1.59 -5.34
N LYS A 242 -52.96 0.88 -6.37
CA LYS A 242 -52.14 0.75 -7.57
C LYS A 242 -51.88 2.10 -8.21
N ARG A 243 -52.87 2.99 -8.15
CA ARG A 243 -52.68 4.29 -8.73
C ARG A 243 -51.75 5.11 -7.87
N VAL A 244 -51.97 5.07 -6.55
CA VAL A 244 -51.09 5.74 -5.62
C VAL A 244 -49.64 5.36 -5.87
N PHE A 245 -49.38 4.07 -6.04
CA PHE A 245 -48.04 3.59 -6.32
C PHE A 245 -47.55 4.03 -7.69
N GLU A 246 -48.43 3.99 -8.69
CA GLU A 246 -48.06 4.34 -10.06
C GLU A 246 -47.56 5.78 -10.16
N ARG A 247 -48.01 6.64 -9.25
CA ARG A 247 -47.60 8.04 -9.26
C ARG A 247 -46.34 8.22 -8.42
N PHE A 248 -46.27 7.48 -7.32
CA PHE A 248 -45.10 7.46 -6.46
C PHE A 248 -43.87 7.12 -7.29
N CYS A 249 -43.94 6.02 -8.06
CA CYS A 249 -42.83 5.64 -8.92
C CYS A 249 -42.59 6.65 -10.04
N ARG A 250 -43.64 7.35 -10.43
CA ARG A 250 -43.54 8.26 -11.56
C ARG A 250 -42.87 9.55 -11.15
N GLY A 251 -43.22 10.05 -9.96
CA GLY A 251 -42.64 11.27 -9.43
C GLY A 251 -41.20 11.02 -9.01
N LEU A 252 -40.95 9.83 -8.48
CA LEU A 252 -39.61 9.47 -8.06
C LEU A 252 -38.66 9.29 -9.22
N LYS A 253 -39.18 8.87 -10.37
CA LYS A 253 -38.33 8.70 -11.55
C LYS A 253 -38.07 10.01 -12.27
N GLU A 254 -38.99 10.95 -12.15
CA GLU A 254 -38.88 12.21 -12.86
C GLU A 254 -38.00 13.19 -12.06
N VAL A 255 -38.09 13.09 -10.73
CA VAL A 255 -37.25 13.88 -9.85
C VAL A 255 -35.81 13.42 -10.02
N GLU A 256 -35.56 12.12 -9.93
CA GLU A 256 -34.20 11.64 -10.11
C GLU A 256 -33.66 12.05 -11.46
N ARG A 257 -34.53 12.07 -12.48
CA ARG A 257 -34.14 12.49 -13.82
C ARG A 257 -33.65 13.93 -13.80
N LEU A 258 -34.38 14.80 -13.14
CA LEU A 258 -34.06 16.20 -13.17
C LEU A 258 -32.87 16.62 -12.30
N ILE A 259 -32.57 15.86 -11.25
CA ILE A 259 -31.39 16.17 -10.46
C ILE A 259 -30.15 15.66 -11.18
N LYS A 260 -30.27 14.51 -11.82
CA LYS A 260 -29.16 13.97 -12.58
C LYS A 260 -28.80 14.89 -13.75
N GLU A 261 -29.80 15.64 -14.21
CA GLU A 261 -29.60 16.56 -15.31
C GLU A 261 -28.70 17.71 -14.92
N ARG A 262 -28.79 18.12 -13.66
CA ARG A 262 -28.00 19.24 -13.16
C ARG A 262 -26.77 18.71 -12.45
N GLY A 263 -26.69 17.39 -12.30
CA GLY A 263 -25.43 16.78 -11.92
C GLY A 263 -25.41 16.03 -10.59
N TRP A 264 -26.55 15.98 -9.91
CA TRP A 264 -26.64 15.38 -8.57
C TRP A 264 -27.23 13.99 -8.65
N GLU A 265 -26.82 13.09 -7.75
CA GLU A 265 -27.44 11.76 -7.66
C GLU A 265 -28.09 11.53 -6.31
N PHE A 266 -28.91 10.49 -6.21
CA PHE A 266 -29.40 10.01 -4.91
C PHE A 266 -28.35 9.07 -4.31
N MET A 267 -28.16 9.12 -2.99
CA MET A 267 -27.30 8.14 -2.32
C MET A 267 -27.98 6.80 -2.37
N TRP A 268 -27.25 5.81 -2.85
CA TRP A 268 -27.77 4.46 -2.96
C TRP A 268 -26.56 3.58 -3.08
N ASN A 269 -26.61 2.41 -2.44
CA ASN A 269 -25.59 1.39 -2.65
C ASN A 269 -26.20 0.01 -2.57
N GLU A 270 -25.47 -0.98 -3.07
CA GLU A 270 -26.07 -2.27 -3.32
C GLU A 270 -26.31 -3.11 -2.08
N ARG A 271 -25.58 -2.84 -1.00
CA ARG A 271 -25.78 -3.63 0.21
C ARG A 271 -26.73 -2.95 1.19
N LEU A 272 -26.97 -1.68 1.00
CA LEU A 272 -27.85 -0.94 1.90
C LEU A 272 -29.07 -0.39 1.20
N GLY A 273 -29.06 -0.38 -0.12
CA GLY A 273 -30.16 0.25 -0.84
C GLY A 273 -30.08 1.75 -0.71
N TYR A 274 -31.21 2.40 -0.47
CA TYR A 274 -31.26 3.85 -0.46
C TYR A 274 -30.82 4.42 0.88
N VAL A 275 -29.62 4.99 0.94
CA VAL A 275 -29.04 5.44 2.21
C VAL A 275 -29.82 6.59 2.81
N LEU A 276 -30.28 6.42 4.05
CA LEU A 276 -30.97 7.48 4.78
C LEU A 276 -30.38 7.60 6.18
N THR A 277 -30.78 8.64 6.90
CA THR A 277 -30.04 8.97 8.11
C THR A 277 -30.26 8.03 9.27
N CYS A 278 -31.42 7.40 9.35
CA CYS A 278 -31.67 6.40 10.42
C CYS A 278 -31.61 4.95 9.91
N PRO A 279 -30.80 4.08 10.53
CA PRO A 279 -30.60 2.71 10.04
C PRO A 279 -31.88 1.93 9.77
N SER A 280 -32.91 2.23 10.55
CA SER A 280 -34.18 1.55 10.43
C SER A 280 -34.89 1.81 9.10
N ASN A 281 -34.51 2.88 8.41
CA ASN A 281 -35.15 3.23 7.16
C ASN A 281 -34.32 2.90 5.92
N LEU A 282 -33.37 2.00 6.08
CA LEU A 282 -32.52 1.62 4.98
C LEU A 282 -33.30 0.83 3.95
N GLY A 283 -32.59 0.35 2.92
CA GLY A 283 -33.22 -0.48 1.90
C GLY A 283 -34.22 0.23 0.99
N THR A 284 -35.49 0.25 1.40
CA THR A 284 -36.55 0.79 0.57
C THR A 284 -37.04 2.11 1.15
N GLY A 285 -36.82 2.27 2.45
CA GLY A 285 -37.37 3.41 3.16
C GLY A 285 -38.86 3.52 3.03
N LEU A 286 -39.51 2.42 2.66
CA LEU A 286 -40.88 2.46 2.17
C LEU A 286 -41.94 2.14 3.22
N ARG A 287 -43.07 2.83 3.12
CA ARG A 287 -44.13 2.70 4.10
C ARG A 287 -45.48 2.78 3.43
N ALA A 288 -45.87 1.69 2.78
CA ALA A 288 -47.17 1.60 2.10
C ALA A 288 -48.21 1.14 3.10
N GLY A 289 -49.29 1.89 3.21
CA GLY A 289 -50.30 1.60 4.21
C GLY A 289 -51.67 2.14 3.88
N VAL A 290 -52.65 1.73 4.66
CA VAL A 290 -54.04 2.07 4.43
C VAL A 290 -54.72 2.36 5.75
N HIS A 291 -55.66 3.30 5.74
CA HIS A 291 -56.59 3.41 6.86
C HIS A 291 -57.78 2.51 6.62
N VAL A 292 -57.82 1.41 7.37
CA VAL A 292 -58.92 0.45 7.27
C VAL A 292 -59.90 0.61 8.43
N LYS A 293 -61.17 0.35 8.14
CA LYS A 293 -62.19 0.23 9.17
C LYS A 293 -62.36 -1.28 9.43
N LEU A 294 -61.98 -1.74 10.62
CA LEU A 294 -61.93 -3.18 10.88
C LEU A 294 -62.46 -3.62 12.25
N PRO A 295 -63.72 -3.27 12.57
CA PRO A 295 -64.26 -3.43 13.93
C PRO A 295 -64.35 -4.88 14.41
N ARG A 296 -64.71 -5.78 13.50
CA ARG A 296 -64.87 -7.20 13.86
C ARG A 296 -63.53 -7.87 14.09
N LEU A 297 -62.69 -7.85 13.07
CA LEU A 297 -61.37 -8.47 13.14
C LEU A 297 -60.54 -7.82 14.24
N SER A 298 -60.85 -6.57 14.54
CA SER A 298 -60.20 -5.84 15.62
C SER A 298 -60.40 -6.54 16.96
N LYS A 299 -61.62 -7.02 17.20
CA LYS A 299 -61.96 -7.63 18.48
C LYS A 299 -61.50 -9.08 18.55
N ASP A 300 -61.37 -9.73 17.39
CA ASP A 300 -60.91 -11.11 17.34
C ASP A 300 -59.47 -11.19 17.81
N PRO A 301 -59.18 -12.16 18.69
CA PRO A 301 -57.83 -12.38 19.23
C PRO A 301 -56.88 -13.12 18.28
N ARG A 302 -57.27 -13.26 17.02
CA ARG A 302 -56.38 -13.79 16.00
C ARG A 302 -55.87 -12.68 15.08
N PHE A 303 -56.35 -11.46 15.32
CA PHE A 303 -55.89 -10.27 14.59
C PHE A 303 -54.36 -10.19 14.61
N PRO A 304 -53.76 -10.14 15.81
CA PRO A 304 -52.31 -9.97 15.92
C PRO A 304 -51.51 -11.01 15.15
N LYS A 305 -51.90 -12.28 15.26
CA LYS A 305 -51.17 -13.34 14.58
C LYS A 305 -51.39 -13.35 13.07
N ILE A 306 -52.55 -12.87 12.61
CA ILE A 306 -52.80 -12.74 11.17
C ILE A 306 -51.90 -11.63 10.66
N LEU A 307 -51.87 -10.52 11.41
CA LEU A 307 -51.03 -9.37 11.10
C LEU A 307 -49.58 -9.81 10.99
N GLU A 308 -49.11 -10.48 12.03
CA GLU A 308 -47.73 -10.92 12.12
C GLU A 308 -47.39 -11.83 10.96
N ASN A 309 -48.31 -12.71 10.61
CA ASN A 309 -48.07 -13.67 9.54
C ASN A 309 -48.08 -12.99 8.18
N LEU A 310 -48.88 -11.95 8.05
CA LEU A 310 -49.02 -11.22 6.79
C LEU A 310 -47.91 -10.19 6.61
N ARG A 311 -47.10 -10.00 7.66
CA ARG A 311 -45.97 -9.06 7.64
C ARG A 311 -46.40 -7.61 7.60
N LEU A 312 -47.56 -7.31 8.20
CA LEU A 312 -47.99 -5.93 8.34
C LEU A 312 -47.83 -5.50 9.80
N GLN A 313 -48.06 -4.22 10.08
CA GLN A 313 -48.15 -3.78 11.46
C GLN A 313 -49.32 -2.81 11.58
N LYS A 314 -49.78 -2.59 12.80
CA LYS A 314 -50.87 -1.64 13.03
C LYS A 314 -50.49 -0.54 14.00
N ARG A 315 -50.99 0.66 13.71
CA ARG A 315 -50.82 1.79 14.61
C ARG A 315 -52.09 2.63 14.55
N GLY A 316 -52.17 3.66 15.39
CA GLY A 316 -53.31 4.56 15.38
C GLY A 316 -52.82 5.99 15.48
N THR A 317 -52.73 6.65 14.33
CA THR A 317 -51.86 7.82 14.16
C THR A 317 -52.60 9.16 14.21
N GLY A 318 -52.00 10.14 14.89
CA GLY A 318 -52.45 11.53 14.77
C GLY A 318 -52.56 12.40 16.02
N GLY A 319 -53.70 12.32 16.70
CA GLY A 319 -53.95 13.19 17.84
C GLY A 319 -55.17 12.79 18.66
N VAL A 320 -55.17 13.22 19.92
CA VAL A 320 -56.28 12.98 20.85
C VAL A 320 -57.63 13.28 20.21
N ASP A 321 -57.69 14.45 19.58
CA ASP A 321 -58.90 15.00 18.95
C ASP A 321 -59.75 13.95 18.24
N THR A 322 -59.07 13.08 17.51
CA THR A 322 -59.70 12.20 16.54
C THR A 322 -59.68 10.75 16.96
N ALA A 323 -58.80 10.42 17.91
CA ALA A 323 -58.68 9.07 18.45
C ALA A 323 -60.02 8.53 18.99
N ALA A 324 -61.01 9.42 19.06
CA ALA A 324 -62.40 9.08 19.39
C ALA A 324 -62.89 7.76 18.77
N VAL A 325 -62.62 7.56 17.49
CA VAL A 325 -63.14 6.40 16.75
C VAL A 325 -62.11 5.29 16.58
N ALA A 326 -62.35 4.16 17.23
CA ALA A 326 -61.41 3.03 17.21
C ALA A 326 -61.82 1.97 16.19
N ASP A 327 -62.59 2.37 15.20
CA ASP A 327 -62.96 1.49 14.10
C ASP A 327 -61.81 1.38 13.07
N VAL A 328 -61.02 2.44 12.97
CA VAL A 328 -60.00 2.57 11.92
C VAL A 328 -58.60 2.21 12.37
N TYR A 329 -57.79 1.74 11.42
CA TYR A 329 -56.43 1.30 11.70
C TYR A 329 -55.44 1.70 10.59
N ASP A 330 -54.19 1.95 11.01
CA ASP A 330 -53.10 2.27 10.10
C ASP A 330 -52.32 0.97 9.92
N ILE A 331 -52.73 0.20 8.91
CA ILE A 331 -52.06 -1.06 8.60
C ILE A 331 -51.06 -0.83 7.46
N SER A 332 -49.79 -1.09 7.74
CA SER A 332 -48.70 -0.79 6.81
C SER A 332 -47.71 -1.94 6.75
N ASN A 333 -46.80 -1.90 5.79
CA ASN A 333 -45.84 -2.99 5.64
C ASN A 333 -44.84 -2.99 6.78
N LEU A 334 -44.46 -4.19 7.18
CA LEU A 334 -43.57 -4.34 8.33
C LEU A 334 -42.12 -4.24 7.86
N ASP A 335 -41.80 -4.97 6.80
CA ASP A 335 -40.45 -4.99 6.27
C ASP A 335 -40.00 -3.68 5.63
N ARG A 336 -38.69 -3.57 5.42
CA ARG A 336 -38.12 -2.37 4.87
C ARG A 336 -36.82 -2.64 4.11
N MET A 337 -36.20 -3.79 4.38
CA MET A 337 -34.95 -4.11 3.72
C MET A 337 -34.90 -5.44 3.01
N GLY A 338 -35.72 -6.39 3.43
CA GLY A 338 -35.70 -7.68 2.76
C GLY A 338 -36.05 -7.61 1.27
N ARG A 339 -37.06 -6.81 0.98
CA ARG A 339 -37.78 -6.90 -0.28
C ARG A 339 -37.64 -5.61 -1.08
N SER A 340 -38.02 -5.68 -2.35
CA SER A 340 -38.02 -4.51 -3.21
C SER A 340 -39.24 -3.65 -2.95
N GLU A 341 -39.27 -2.48 -3.57
CA GLU A 341 -40.36 -1.55 -3.34
C GLU A 341 -41.68 -2.15 -3.88
N VAL A 342 -41.60 -2.79 -5.04
CA VAL A 342 -42.75 -3.52 -5.60
C VAL A 342 -43.19 -4.64 -4.66
N GLU A 343 -42.25 -5.53 -4.30
CA GLU A 343 -42.55 -6.64 -3.41
C GLU A 343 -43.28 -6.17 -2.15
N LEU A 344 -42.82 -5.07 -1.56
CA LEU A 344 -43.41 -4.59 -0.32
C LEU A 344 -44.80 -4.02 -0.53
N VAL A 345 -45.02 -3.32 -1.64
CA VAL A 345 -46.33 -2.73 -1.90
C VAL A 345 -47.35 -3.84 -2.16
N GLN A 346 -46.92 -4.90 -2.85
CA GLN A 346 -47.79 -6.05 -3.09
C GLN A 346 -48.16 -6.74 -1.79
N ILE A 347 -47.19 -6.87 -0.88
CA ILE A 347 -47.43 -7.39 0.47
C ILE A 347 -48.59 -6.64 1.16
N VAL A 348 -48.61 -5.32 1.03
CA VAL A 348 -49.68 -4.55 1.62
C VAL A 348 -50.98 -4.76 0.85
N ILE A 349 -50.90 -4.85 -0.48
CA ILE A 349 -52.08 -5.07 -1.30
C ILE A 349 -52.75 -6.36 -0.87
N ASP A 350 -52.01 -7.47 -0.95
CA ASP A 350 -52.54 -8.78 -0.54
C ASP A 350 -52.99 -8.81 0.91
N GLY A 351 -52.09 -8.43 1.83
CA GLY A 351 -52.40 -8.48 3.24
C GLY A 351 -53.62 -7.68 3.65
N VAL A 352 -53.79 -6.49 3.07
CA VAL A 352 -54.92 -5.65 3.41
C VAL A 352 -56.21 -6.26 2.85
N ASN A 353 -56.13 -6.76 1.62
CA ASN A 353 -57.29 -7.38 0.98
C ASN A 353 -57.79 -8.53 1.82
N TYR A 354 -56.87 -9.39 2.23
CA TYR A 354 -57.17 -10.50 3.15
C TYR A 354 -57.83 -9.97 4.42
N LEU A 355 -57.21 -8.97 5.03
CA LEU A 355 -57.76 -8.34 6.22
C LEU A 355 -59.20 -7.89 6.01
N VAL A 356 -59.48 -7.31 4.84
CA VAL A 356 -60.82 -6.83 4.53
C VAL A 356 -61.77 -8.00 4.40
N ASP A 357 -61.32 -9.03 3.69
CA ASP A 357 -62.09 -10.24 3.47
C ASP A 357 -62.46 -10.91 4.79
N CYS A 358 -61.52 -10.93 5.73
CA CYS A 358 -61.77 -11.48 7.05
C CYS A 358 -62.82 -10.69 7.83
N GLU A 359 -62.84 -9.37 7.62
CA GLU A 359 -63.82 -8.51 8.28
C GLU A 359 -65.20 -8.87 7.76
N LYS A 360 -65.29 -9.01 6.43
CA LYS A 360 -66.53 -9.43 5.78
C LYS A 360 -67.01 -10.77 6.33
N LYS A 361 -66.10 -11.74 6.39
CA LYS A 361 -66.40 -13.08 6.89
C LYS A 361 -67.09 -12.97 8.24
N LEU A 362 -66.44 -12.28 9.17
CA LEU A 362 -66.93 -12.19 10.53
C LEU A 362 -68.23 -11.41 10.65
N GLU A 363 -68.53 -10.60 9.64
CA GLU A 363 -69.84 -9.94 9.58
C GLU A 363 -70.92 -10.97 9.27
N LYS A 364 -70.64 -11.83 8.29
CA LYS A 364 -71.59 -12.87 7.90
C LYS A 364 -71.43 -14.09 8.79
N GLY A 365 -70.97 -13.89 10.03
CA GLY A 365 -70.91 -14.96 11.01
C GLY A 365 -69.76 -15.92 10.80
N GLN A 366 -69.76 -16.59 9.65
CA GLN A 366 -68.71 -17.51 9.23
C GLN A 366 -67.30 -17.08 9.67
N ASP A 367 -66.51 -18.04 10.11
CA ASP A 367 -65.25 -17.73 10.77
C ASP A 367 -64.04 -17.64 9.83
N ILE A 368 -63.08 -16.82 10.26
CA ILE A 368 -61.85 -16.58 9.50
C ILE A 368 -60.78 -17.60 9.90
N LYS A 369 -59.55 -17.34 9.47
CA LYS A 369 -58.41 -18.17 9.88
C LYS A 369 -57.11 -17.35 9.86
N VAL A 370 -56.02 -17.99 10.26
CA VAL A 370 -54.71 -17.35 10.27
C VAL A 370 -53.87 -17.89 9.13
N PRO A 371 -53.52 -17.03 8.14
CA PRO A 371 -52.78 -17.46 6.96
C PRO A 371 -51.35 -17.88 7.31
N PRO A 372 -50.77 -18.78 6.50
CA PRO A 372 -49.41 -19.27 6.78
C PRO A 372 -48.35 -18.19 6.54
N PRO A 373 -47.39 -18.04 7.47
CA PRO A 373 -46.62 -16.81 7.57
C PRO A 373 -45.69 -16.61 6.36
N LEU A 374 -45.58 -15.36 5.92
CA LEU A 374 -44.66 -15.01 4.85
C LEU A 374 -43.23 -15.17 5.32
N PRO A 375 -42.33 -15.57 4.42
CA PRO A 375 -40.88 -15.46 4.62
C PRO A 375 -40.43 -14.02 4.88
N GLN A 376 -39.40 -13.86 5.70
CA GLN A 376 -38.94 -12.51 6.07
C GLN A 376 -38.19 -11.81 4.96
N PHE A 377 -37.75 -12.57 3.97
CA PHE A 377 -37.02 -11.98 2.86
C PHE A 377 -37.75 -12.06 1.54
N GLY A 378 -37.17 -11.45 0.51
CA GLY A 378 -37.78 -11.46 -0.80
C GLY A 378 -37.04 -12.33 -1.80
N ARG A 379 -37.24 -12.08 -3.08
CA ARG A 379 -36.63 -12.89 -4.10
C ARG A 379 -35.25 -12.37 -4.48
N LYS A 380 -34.64 -13.03 -5.47
CA LYS A 380 -33.36 -12.63 -6.05
C LYS A 380 -32.19 -12.71 -5.04
N THR B 1 8.63 6.57 0.11
CA THR B 1 8.90 6.40 -1.34
C THR B 1 9.98 7.38 -1.82
N VAL B 2 10.49 7.13 -3.03
CA VAL B 2 11.72 7.73 -3.51
C VAL B 2 11.46 8.90 -4.49
N HIS B 3 11.96 10.08 -4.13
CA HIS B 3 11.93 11.26 -5.03
C HIS B 3 12.82 12.42 -4.61
N GLU B 4 12.85 13.46 -5.45
CA GLU B 4 13.71 14.62 -5.26
C GLU B 4 13.21 15.83 -6.08
N LYS B 5 13.13 16.97 -5.40
CA LYS B 5 12.73 18.23 -6.03
C LYS B 5 13.86 18.79 -6.88
N ARG B 6 14.75 17.90 -7.31
CA ARG B 6 15.69 18.20 -8.36
C ARG B 6 14.91 18.55 -9.61
N LYS B 7 13.61 18.28 -9.58
CA LYS B 7 12.71 18.71 -10.65
C LYS B 7 12.90 20.20 -10.93
N LEU B 8 13.95 20.48 -11.70
CA LEU B 8 14.43 21.82 -11.95
C LEU B 8 14.31 22.03 -13.44
N PHE B 9 14.50 20.95 -14.18
CA PHE B 9 14.16 20.90 -15.58
C PHE B 9 13.48 19.56 -15.77
N PRO B 10 12.88 19.30 -16.94
CA PRO B 10 12.52 17.90 -17.16
C PRO B 10 13.81 17.11 -17.27
N PRO B 11 13.86 15.90 -16.70
CA PRO B 11 15.03 15.03 -16.65
C PRO B 11 15.77 14.83 -17.97
N SER B 12 15.04 14.77 -19.07
CA SER B 12 15.72 14.61 -20.36
C SER B 12 16.67 15.76 -20.65
N ALA B 13 16.33 16.97 -20.20
CA ALA B 13 17.23 18.08 -20.38
C ALA B 13 18.53 17.82 -19.68
N ASP B 14 18.53 16.83 -18.78
CA ASP B 14 19.71 16.49 -18.02
C ASP B 14 20.45 15.27 -18.53
N TYR B 15 20.09 14.77 -19.71
CA TYR B 15 20.71 13.56 -20.23
C TYR B 15 22.16 13.78 -20.65
N PRO B 16 23.08 12.87 -20.27
CA PRO B 16 24.48 13.07 -20.69
C PRO B 16 24.65 12.89 -22.19
N ASP B 17 25.62 13.59 -22.77
CA ASP B 17 25.99 13.37 -24.17
C ASP B 17 27.02 12.25 -24.22
N LEU B 18 26.55 11.02 -24.41
CA LEU B 18 27.43 9.87 -24.35
C LEU B 18 27.83 9.36 -25.74
N ARG B 19 27.81 10.25 -26.73
CA ARG B 19 27.96 9.86 -28.12
C ARG B 19 29.33 9.25 -28.41
N LYS B 20 30.37 9.80 -27.81
CA LYS B 20 31.72 9.35 -28.07
C LYS B 20 32.24 8.44 -26.96
N HIS B 21 31.32 7.88 -26.18
CA HIS B 21 31.70 7.08 -25.03
C HIS B 21 31.68 5.61 -25.34
N ASN B 22 32.65 4.89 -24.79
CA ASN B 22 32.59 3.43 -24.73
C ASN B 22 32.96 2.99 -23.33
N ASN B 23 31.97 3.01 -22.45
CA ASN B 23 32.05 2.30 -21.19
C ASN B 23 30.72 1.69 -20.93
N CYS B 24 30.71 0.64 -20.11
CA CYS B 24 29.52 -0.16 -19.90
C CYS B 24 28.29 0.66 -19.46
N MET B 25 28.54 1.77 -18.77
CA MET B 25 27.48 2.69 -18.39
C MET B 25 26.86 3.35 -19.62
N ALA B 26 27.69 4.04 -20.40
CA ALA B 26 27.22 4.68 -21.62
C ALA B 26 26.54 3.68 -22.52
N GLU B 27 27.08 2.47 -22.54
CA GLU B 27 26.62 1.43 -23.46
C GLU B 27 25.23 0.98 -23.07
N CYS B 28 24.87 1.12 -21.79
CA CYS B 28 23.63 0.57 -21.30
C CYS B 28 22.57 1.59 -20.91
N LEU B 29 22.95 2.84 -20.76
CA LEU B 29 22.02 3.90 -20.37
C LEU B 29 21.08 4.23 -21.52
N THR B 30 19.84 4.58 -21.19
CA THR B 30 18.85 4.94 -22.19
C THR B 30 18.02 6.11 -21.69
N PRO B 31 17.57 6.99 -22.60
CA PRO B 31 16.74 8.14 -22.24
C PRO B 31 15.66 7.80 -21.22
N ALA B 32 15.06 6.63 -21.39
CA ALA B 32 13.98 6.20 -20.50
C ALA B 32 14.44 5.84 -19.09
N ILE B 33 15.56 5.14 -18.99
CA ILE B 33 16.09 4.74 -17.69
C ILE B 33 16.50 6.01 -16.95
N TYR B 34 17.19 6.88 -17.66
CA TYR B 34 17.66 8.11 -17.06
C TYR B 34 16.48 8.90 -16.49
N ALA B 35 15.45 9.09 -17.30
CA ALA B 35 14.30 9.89 -16.91
C ALA B 35 13.61 9.29 -15.70
N LYS B 36 13.55 7.97 -15.67
CA LYS B 36 12.88 7.26 -14.59
C LYS B 36 13.63 7.38 -13.27
N LEU B 37 14.96 7.44 -13.34
CA LEU B 37 15.77 7.32 -12.14
C LEU B 37 16.33 8.63 -11.62
N ARG B 38 16.36 9.66 -12.45
CA ARG B 38 17.10 10.86 -12.12
C ARG B 38 16.82 11.35 -10.69
N ASP B 39 15.54 11.51 -10.35
CA ASP B 39 15.19 12.09 -9.04
C ASP B 39 14.86 11.06 -7.96
N LYS B 40 15.30 9.81 -8.14
CA LYS B 40 15.20 8.82 -7.07
C LYS B 40 16.48 8.93 -6.23
N LEU B 41 16.33 9.06 -4.92
CA LEU B 41 17.49 9.13 -4.04
C LEU B 41 17.63 7.87 -3.21
N THR B 42 18.87 7.54 -2.82
CA THR B 42 19.07 6.50 -1.85
C THR B 42 18.77 7.11 -0.49
N PRO B 43 18.46 6.27 0.50
CA PRO B 43 18.24 6.65 1.89
C PRO B 43 19.15 7.75 2.37
N ASN B 44 20.40 7.74 1.95
CA ASN B 44 21.32 8.77 2.38
C ASN B 44 21.51 9.85 1.35
N GLY B 45 20.91 9.66 0.18
CA GLY B 45 20.81 10.74 -0.78
C GLY B 45 21.76 10.69 -1.97
N TYR B 46 22.31 9.52 -2.25
CA TYR B 46 23.11 9.35 -3.45
C TYR B 46 22.18 9.39 -4.64
N SER B 47 22.64 9.99 -5.73
CA SER B 47 21.80 10.23 -6.89
C SER B 47 22.36 9.50 -8.09
N LEU B 48 21.49 9.15 -9.04
CA LEU B 48 21.93 8.46 -10.26
C LEU B 48 23.01 9.25 -10.95
N ASP B 49 22.90 10.57 -10.91
CA ASP B 49 23.88 11.42 -11.54
C ASP B 49 25.28 11.23 -10.99
N GLN B 50 25.36 10.97 -9.69
CA GLN B 50 26.65 10.77 -9.03
C GLN B 50 27.21 9.39 -9.31
N CYS B 51 26.34 8.40 -9.41
CA CYS B 51 26.76 7.08 -9.88
C CYS B 51 27.48 7.18 -11.21
N ILE B 52 26.84 7.78 -12.20
CA ILE B 52 27.31 7.68 -13.57
C ILE B 52 28.33 8.75 -13.94
N GLN B 53 28.73 9.59 -12.99
CA GLN B 53 29.52 10.75 -13.36
C GLN B 53 30.85 10.36 -13.97
N THR B 54 31.63 9.55 -13.28
CA THR B 54 32.94 9.17 -13.79
C THR B 54 32.81 8.61 -15.21
N GLY B 55 31.73 7.89 -15.46
CA GLY B 55 31.51 7.30 -16.77
C GLY B 55 31.16 8.34 -17.84
N VAL B 56 30.63 9.48 -17.40
CA VAL B 56 30.33 10.58 -18.29
C VAL B 56 31.60 11.37 -18.51
N ASP B 57 32.43 11.46 -17.48
CA ASP B 57 33.64 12.26 -17.57
C ASP B 57 34.78 11.54 -18.29
N ASN B 58 34.67 10.22 -18.40
CA ASN B 58 35.75 9.39 -18.92
C ASN B 58 35.20 8.48 -20.01
N PRO B 59 35.18 8.97 -21.25
CA PRO B 59 34.52 8.35 -22.40
C PRO B 59 35.06 6.96 -22.67
N GLY B 60 36.38 6.88 -22.78
CA GLY B 60 37.04 5.58 -22.85
C GLY B 60 37.96 5.41 -24.05
N HIS B 61 38.26 4.15 -24.37
CA HIS B 61 38.92 3.82 -25.62
C HIS B 61 38.59 2.38 -25.91
N PRO B 62 38.17 2.06 -27.14
CA PRO B 62 37.52 0.78 -27.44
C PRO B 62 38.33 -0.43 -26.96
N PHE B 63 39.65 -0.24 -26.89
CA PHE B 63 40.58 -1.23 -26.31
C PHE B 63 40.10 -1.71 -24.93
N ILE B 64 40.40 -0.90 -23.91
CA ILE B 64 40.01 -1.19 -22.54
C ILE B 64 38.53 -0.89 -22.33
N LYS B 65 37.76 -1.91 -21.99
CA LYS B 65 36.40 -1.64 -21.58
C LYS B 65 36.30 -1.46 -20.07
N THR B 66 35.65 -0.35 -19.71
CA THR B 66 35.50 0.09 -18.33
C THR B 66 34.04 0.07 -17.94
N VAL B 67 33.77 0.27 -16.65
CA VAL B 67 32.42 0.11 -16.15
C VAL B 67 31.66 1.39 -16.35
N GLY B 68 32.16 2.47 -15.76
CA GLY B 68 31.61 3.77 -16.04
C GLY B 68 30.66 4.28 -15.00
N MET B 69 30.48 3.54 -13.92
CA MET B 69 29.69 4.04 -12.80
C MET B 69 30.18 3.43 -11.51
N VAL B 70 29.51 3.75 -10.43
CA VAL B 70 30.05 3.51 -9.11
C VAL B 70 28.88 3.50 -8.11
N ALA B 71 29.04 2.83 -6.98
CA ALA B 71 27.96 2.83 -6.01
C ALA B 71 28.37 3.66 -4.81
N GLY B 72 27.52 4.61 -4.45
CA GLY B 72 27.84 5.50 -3.36
C GLY B 72 27.56 4.80 -2.06
N ASP B 73 26.50 4.01 -2.03
CA ASP B 73 26.15 3.29 -0.83
C ASP B 73 25.55 1.97 -1.20
N GLU B 74 25.27 1.15 -0.20
CA GLU B 74 24.79 -0.20 -0.47
C GLU B 74 23.45 -0.16 -1.20
N GLU B 75 22.65 0.84 -0.89
CA GLU B 75 21.33 0.94 -1.47
C GLU B 75 21.36 1.33 -2.93
N SER B 76 22.48 1.84 -3.40
CA SER B 76 22.59 2.25 -4.79
C SER B 76 22.31 1.07 -5.70
N TYR B 77 22.75 -0.11 -5.31
CA TYR B 77 22.64 -1.28 -6.19
C TYR B 77 21.19 -1.69 -6.36
N GLU B 78 20.35 -1.19 -5.46
CA GLU B 78 18.97 -1.62 -5.35
C GLU B 78 18.10 -0.51 -5.89
N VAL B 79 18.36 0.71 -5.45
CA VAL B 79 17.61 1.87 -5.92
C VAL B 79 17.77 2.08 -7.42
N PHE B 80 18.99 1.92 -7.92
CA PHE B 80 19.27 2.16 -9.33
C PHE B 80 19.57 0.87 -10.05
N ALA B 81 18.92 -0.20 -9.62
CA ALA B 81 19.14 -1.51 -10.21
C ALA B 81 18.86 -1.48 -11.71
N GLU B 82 17.90 -0.67 -12.11
CA GLU B 82 17.49 -0.63 -13.52
C GLU B 82 18.61 -0.20 -14.46
N ILE B 83 19.71 0.29 -13.90
CA ILE B 83 20.88 0.59 -14.72
C ILE B 83 22.09 -0.24 -14.25
N PHE B 84 22.16 -0.55 -12.97
CA PHE B 84 23.24 -1.41 -12.46
C PHE B 84 23.14 -2.87 -12.96
N ASP B 85 21.94 -3.44 -12.92
CA ASP B 85 21.76 -4.85 -13.33
C ASP B 85 22.26 -5.14 -14.74
N PRO B 86 21.95 -4.29 -15.72
CA PRO B 86 22.54 -4.47 -17.06
C PRO B 86 24.05 -4.28 -17.07
N VAL B 87 24.54 -3.23 -16.41
CA VAL B 87 25.97 -2.95 -16.41
C VAL B 87 26.74 -4.13 -15.82
N ILE B 88 26.17 -4.75 -14.79
CA ILE B 88 26.79 -5.88 -14.13
C ILE B 88 26.81 -7.07 -15.08
N LYS B 89 25.66 -7.35 -15.69
CA LYS B 89 25.53 -8.44 -16.64
C LYS B 89 26.48 -8.29 -17.83
N ALA B 90 26.76 -7.05 -18.21
CA ALA B 90 27.68 -6.80 -19.29
C ALA B 90 29.12 -7.02 -18.85
N ARG B 91 29.53 -6.37 -17.76
CA ARG B 91 30.91 -6.49 -17.27
C ARG B 91 31.29 -7.93 -16.93
N HIS B 92 30.42 -8.64 -16.23
CA HIS B 92 30.73 -10.01 -15.87
C HIS B 92 30.12 -10.96 -16.88
N ASN B 93 30.48 -10.71 -18.14
CA ASN B 93 29.85 -11.32 -19.31
C ASN B 93 28.92 -12.50 -19.05
N GLY B 94 27.65 -12.19 -18.81
CA GLY B 94 26.66 -13.23 -18.65
C GLY B 94 25.90 -13.14 -17.35
N TYR B 95 26.63 -13.08 -16.23
CA TYR B 95 26.02 -13.14 -14.92
C TYR B 95 24.93 -12.07 -14.79
N ASP B 96 23.71 -12.51 -14.53
CA ASP B 96 22.58 -11.59 -14.49
C ASP B 96 21.98 -11.57 -13.08
N PRO B 97 22.28 -10.51 -12.30
CA PRO B 97 21.85 -10.44 -10.90
C PRO B 97 20.35 -10.51 -10.75
N ARG B 98 19.63 -10.26 -11.85
CA ARG B 98 18.18 -10.31 -11.84
C ARG B 98 17.70 -11.73 -11.66
N THR B 99 18.41 -12.66 -12.29
CA THR B 99 17.94 -14.02 -12.43
C THR B 99 18.77 -15.04 -11.66
N MET B 100 20.03 -14.70 -11.37
CA MET B 100 20.96 -15.63 -10.75
C MET B 100 21.27 -15.28 -9.31
N LYS B 101 21.76 -16.25 -8.55
CA LYS B 101 22.22 -16.03 -7.19
C LYS B 101 23.72 -16.32 -7.13
N HIS B 102 24.37 -15.95 -6.05
CA HIS B 102 25.82 -16.11 -5.96
C HIS B 102 26.23 -16.79 -4.67
N HIS B 103 27.11 -17.76 -4.80
CA HIS B 103 27.50 -18.60 -3.67
C HIS B 103 28.90 -18.23 -3.23
N THR B 104 29.04 -17.94 -1.94
CA THR B 104 30.35 -17.61 -1.37
C THR B 104 30.86 -18.86 -0.66
N ASP B 105 32.17 -19.12 -0.75
CA ASP B 105 32.73 -20.34 -0.16
C ASP B 105 34.18 -20.15 0.29
N LEU B 106 34.36 -19.93 1.59
CA LEU B 106 35.65 -19.54 2.11
C LEU B 106 36.41 -20.70 2.73
N ASP B 107 36.01 -21.92 2.40
CA ASP B 107 36.56 -23.11 3.02
C ASP B 107 37.80 -23.62 2.29
N ALA B 108 38.98 -23.34 2.84
CA ALA B 108 40.25 -23.73 2.22
C ALA B 108 40.52 -25.22 2.39
N SER B 109 39.78 -25.83 3.32
CA SER B 109 39.89 -27.26 3.55
C SER B 109 39.33 -28.01 2.35
N LYS B 110 38.95 -27.27 1.31
CA LYS B 110 38.52 -27.86 0.06
C LYS B 110 39.60 -27.82 -1.03
N ILE B 111 40.47 -26.80 -1.01
CA ILE B 111 41.39 -26.61 -2.15
C ILE B 111 42.59 -27.56 -2.12
N THR B 112 42.89 -28.14 -3.28
CA THR B 112 43.78 -29.31 -3.36
C THR B 112 45.23 -29.01 -3.73
N HIS B 113 45.55 -28.99 -5.03
CA HIS B 113 46.93 -29.09 -5.49
C HIS B 113 47.66 -27.75 -5.38
N GLY B 114 47.75 -27.27 -4.14
CA GLY B 114 48.06 -25.89 -3.89
C GLY B 114 49.53 -25.55 -3.73
N GLN B 115 50.41 -26.49 -4.05
CA GLN B 115 51.81 -26.14 -4.20
C GLN B 115 52.17 -26.16 -5.67
N PHE B 116 52.78 -25.07 -6.12
CA PHE B 116 53.25 -25.00 -7.49
C PHE B 116 54.74 -25.40 -7.51
N ASP B 117 55.29 -25.61 -8.71
CA ASP B 117 56.73 -25.83 -8.84
C ASP B 117 57.45 -24.51 -8.70
N GLU B 118 58.05 -24.28 -7.53
CA GLU B 118 58.64 -22.98 -7.21
C GLU B 118 59.80 -22.65 -8.12
N ARG B 119 60.19 -23.62 -8.95
CA ARG B 119 61.08 -23.38 -10.08
C ARG B 119 60.49 -22.25 -10.91
N TYR B 120 59.19 -22.41 -11.21
CA TYR B 120 58.47 -21.57 -12.16
C TYR B 120 57.59 -20.52 -11.50
N VAL B 121 57.03 -20.84 -10.33
CA VAL B 121 56.11 -19.93 -9.63
C VAL B 121 56.82 -19.16 -8.51
N LEU B 122 56.86 -17.85 -8.67
CA LEU B 122 57.79 -17.01 -7.93
C LEU B 122 57.15 -16.39 -6.70
N SER B 123 55.92 -15.89 -6.85
CA SER B 123 55.14 -15.42 -5.71
C SER B 123 53.69 -15.89 -5.84
N SER B 124 52.94 -15.79 -4.74
CA SER B 124 51.51 -16.11 -4.76
C SER B 124 50.67 -15.11 -3.92
N ARG B 125 49.72 -14.45 -4.58
CA ARG B 125 48.89 -13.44 -3.93
C ARG B 125 47.39 -13.79 -4.08
N VAL B 126 46.59 -13.32 -3.13
CA VAL B 126 45.13 -13.49 -3.13
C VAL B 126 44.51 -12.26 -2.43
N ARG B 127 43.86 -11.38 -3.20
CA ARG B 127 43.20 -10.22 -2.58
C ARG B 127 41.68 -10.18 -2.80
N THR B 128 40.99 -9.49 -1.89
CA THR B 128 39.57 -9.17 -2.07
C THR B 128 39.26 -7.89 -1.31
N GLY B 129 38.02 -7.41 -1.39
CA GLY B 129 37.64 -6.19 -0.67
C GLY B 129 36.42 -6.46 0.19
N ARG B 130 36.33 -5.82 1.35
CA ARG B 130 35.15 -5.91 2.19
C ARG B 130 34.64 -4.51 2.53
N SER B 131 33.31 -4.35 2.56
CA SER B 131 32.69 -3.09 2.90
C SER B 131 31.89 -3.21 4.19
N ILE B 132 32.06 -2.27 5.10
CA ILE B 132 31.31 -2.27 6.35
C ILE B 132 29.88 -1.77 6.15
N ARG B 133 28.89 -2.59 6.50
CA ARG B 133 27.50 -2.23 6.34
C ARG B 133 27.12 -1.13 7.30
N GLY B 134 26.36 -0.15 6.81
CA GLY B 134 25.90 0.95 7.64
C GLY B 134 26.62 2.26 7.37
N LEU B 135 27.74 2.18 6.68
CA LEU B 135 28.52 3.36 6.32
C LEU B 135 28.65 3.42 4.82
N SER B 136 28.58 4.64 4.28
CA SER B 136 28.59 4.85 2.84
C SER B 136 29.94 4.46 2.25
N LEU B 137 29.91 4.03 1.00
CA LEU B 137 31.12 3.69 0.26
C LEU B 137 31.92 4.97 -0.04
N PRO B 138 33.15 4.82 -0.56
CA PRO B 138 34.05 5.96 -0.67
C PRO B 138 33.60 7.11 -1.57
N PRO B 139 32.81 6.85 -2.64
CA PRO B 139 32.42 7.96 -3.49
C PRO B 139 31.55 8.97 -2.75
N ALA B 140 30.98 8.53 -1.64
CA ALA B 140 29.92 9.28 -0.99
C ALA B 140 30.22 9.62 0.47
N CYS B 141 31.03 8.78 1.13
CA CYS B 141 31.05 8.73 2.59
C CYS B 141 31.60 10.05 3.12
N SER B 142 30.92 10.61 4.11
CA SER B 142 31.36 11.84 4.75
C SER B 142 32.59 11.53 5.59
N ARG B 143 33.31 12.56 6.00
CA ARG B 143 34.53 12.37 6.77
C ARG B 143 34.25 11.53 8.01
N ALA B 144 33.10 11.76 8.62
CA ALA B 144 32.76 11.06 9.85
C ALA B 144 32.53 9.59 9.57
N GLU B 145 31.84 9.31 8.46
CA GLU B 145 31.61 7.93 8.06
C GLU B 145 32.94 7.27 7.75
N ARG B 146 33.82 7.99 7.05
CA ARG B 146 35.10 7.43 6.64
C ARG B 146 35.91 7.13 7.88
N ARG B 147 35.84 8.04 8.83
CA ARG B 147 36.52 7.89 10.10
C ARG B 147 36.04 6.63 10.80
N GLU B 148 34.72 6.40 10.79
CA GLU B 148 34.13 5.27 11.50
C GLU B 148 34.54 3.94 10.89
N VAL B 149 34.66 3.90 9.56
CA VAL B 149 35.14 2.70 8.89
C VAL B 149 36.53 2.36 9.42
N GLU B 150 37.38 3.37 9.48
CA GLU B 150 38.73 3.16 9.99
C GLU B 150 38.68 2.68 11.43
N ASN B 151 37.79 3.25 12.23
CA ASN B 151 37.71 2.87 13.62
C ASN B 151 37.21 1.46 13.84
N VAL B 152 36.18 1.07 13.09
CA VAL B 152 35.63 -0.27 13.20
C VAL B 152 36.67 -1.30 12.77
N VAL B 153 37.30 -1.08 11.62
CA VAL B 153 38.21 -2.06 11.06
C VAL B 153 39.50 -2.16 11.86
N VAL B 154 40.04 -1.02 12.31
CA VAL B 154 41.30 -1.06 13.05
C VAL B 154 41.17 -1.76 14.40
N THR B 155 40.09 -1.48 15.12
CA THR B 155 39.85 -2.19 16.37
C THR B 155 39.77 -3.69 16.10
N ALA B 156 39.09 -4.07 15.03
CA ALA B 156 38.91 -5.47 14.69
C ALA B 156 40.28 -6.10 14.50
N LEU B 157 41.10 -5.45 13.69
CA LEU B 157 42.37 -6.00 13.31
C LEU B 157 43.24 -6.07 14.53
N ALA B 158 43.07 -5.12 15.43
CA ALA B 158 43.91 -5.05 16.62
C ALA B 158 43.68 -6.26 17.53
N GLY B 159 42.58 -6.96 17.33
CA GLY B 159 42.29 -8.13 18.14
C GLY B 159 42.70 -9.44 17.49
N LEU B 160 43.22 -9.34 16.26
CA LEU B 160 43.85 -10.49 15.63
C LEU B 160 45.11 -10.84 16.42
N LYS B 161 45.41 -12.12 16.47
CA LYS B 161 46.55 -12.60 17.24
C LYS B 161 47.14 -13.82 16.56
N GLY B 162 48.35 -14.19 16.96
CA GLY B 162 49.01 -15.31 16.35
C GLY B 162 49.87 -14.86 15.19
N ASP B 163 49.78 -15.57 14.07
CA ASP B 163 50.52 -15.16 12.87
C ASP B 163 49.77 -14.04 12.16
N LEU B 164 48.57 -13.76 12.65
CA LEU B 164 47.72 -12.77 12.05
C LEU B 164 47.76 -11.45 12.78
N SER B 165 48.57 -11.36 13.84
CA SER B 165 48.73 -10.07 14.51
C SER B 165 49.77 -9.25 13.78
N GLY B 166 49.70 -7.92 13.95
CA GLY B 166 50.64 -7.04 13.27
C GLY B 166 50.41 -5.63 13.78
N LYS B 167 50.67 -4.63 12.95
CA LYS B 167 50.41 -3.27 13.36
C LYS B 167 49.79 -2.39 12.29
N TYR B 168 49.34 -1.21 12.70
CA TYR B 168 48.63 -0.28 11.83
C TYR B 168 49.38 1.05 11.71
N TYR B 169 49.50 1.54 10.49
CA TYR B 169 50.17 2.79 10.17
C TYR B 169 49.17 3.76 9.54
N SER B 170 48.88 4.85 10.23
CA SER B 170 47.97 5.86 9.69
C SER B 170 48.74 6.72 8.71
N LEU B 171 48.23 6.82 7.49
CA LEU B 171 48.89 7.60 6.48
C LEU B 171 48.99 9.04 6.87
N THR B 172 48.16 9.46 7.83
CA THR B 172 48.06 10.86 8.18
C THR B 172 49.36 11.31 8.77
N ASN B 173 49.64 10.88 9.98
CA ASN B 173 50.88 11.30 10.57
C ASN B 173 51.80 10.12 10.70
N MET B 174 52.67 10.01 9.70
CA MET B 174 53.49 8.83 9.49
C MET B 174 54.92 9.28 9.24
N SER B 175 55.84 8.73 10.05
CA SER B 175 57.26 9.04 9.96
C SER B 175 57.80 8.67 8.57
N GLU B 176 58.69 9.50 8.04
CA GLU B 176 59.45 9.15 6.84
C GLU B 176 60.15 7.81 7.03
N ARG B 177 60.46 7.49 8.28
CA ARG B 177 61.00 6.19 8.65
C ARG B 177 60.01 5.09 8.26
N ASP B 178 58.82 5.14 8.85
CA ASP B 178 57.80 4.13 8.60
C ASP B 178 57.32 4.22 7.15
N GLN B 179 57.43 5.43 6.59
CA GLN B 179 57.02 5.69 5.21
C GLN B 179 57.86 4.90 4.25
N GLN B 180 59.16 5.14 4.27
CA GLN B 180 60.10 4.48 3.38
C GLN B 180 60.09 2.96 3.56
N GLN B 181 60.01 2.52 4.82
CA GLN B 181 59.95 1.10 5.14
C GLN B 181 58.75 0.43 4.47
N LEU B 182 57.61 1.09 4.51
CA LEU B 182 56.41 0.59 3.85
C LEU B 182 56.54 0.69 2.33
N ILE B 183 57.42 1.58 1.85
CA ILE B 183 57.67 1.69 0.41
C ILE B 183 58.53 0.54 -0.06
N ASP B 184 59.49 0.14 0.78
CA ASP B 184 60.40 -0.95 0.44
C ASP B 184 59.68 -2.29 0.46
N ASP B 185 58.82 -2.47 1.46
CA ASP B 185 57.99 -3.68 1.56
C ASP B 185 56.96 -3.72 0.45
N HIS B 186 56.68 -2.56 -0.15
CA HIS B 186 55.62 -2.38 -1.15
C HIS B 186 54.21 -2.55 -0.56
N PHE B 187 53.99 -1.91 0.58
CA PHE B 187 52.70 -1.94 1.26
C PHE B 187 52.01 -0.59 1.15
N LEU B 188 52.75 0.43 0.74
CA LEU B 188 52.25 1.80 0.75
C LEU B 188 51.38 2.06 -0.45
N PHE B 189 50.36 2.89 -0.26
CA PHE B 189 49.61 3.49 -1.36
C PHE B 189 49.47 4.97 -1.06
N ASP B 190 49.05 5.76 -2.04
CA ASP B 190 48.62 7.12 -1.75
C ASP B 190 47.63 7.68 -2.76
N LYS B 191 47.31 8.97 -2.62
CA LYS B 191 46.17 9.58 -3.29
C LYS B 191 45.97 9.09 -4.73
N PRO B 192 44.80 8.53 -5.04
CA PRO B 192 44.52 8.05 -6.40
C PRO B 192 44.73 9.15 -7.42
N VAL B 193 45.11 8.77 -8.63
CA VAL B 193 45.35 9.73 -9.70
C VAL B 193 44.50 9.46 -10.93
N SER B 194 44.10 8.20 -11.11
CA SER B 194 43.22 7.85 -12.21
C SER B 194 41.94 8.67 -12.16
N PRO B 195 41.65 9.43 -13.24
CA PRO B 195 40.40 10.17 -13.33
C PRO B 195 39.18 9.27 -13.18
N LEU B 196 39.35 7.99 -13.42
CA LEU B 196 38.26 7.05 -13.22
C LEU B 196 37.84 7.06 -11.77
N LEU B 197 38.81 7.20 -10.87
CA LEU B 197 38.56 7.17 -9.44
C LEU B 197 38.32 8.56 -8.89
N THR B 198 39.22 9.48 -9.24
CA THR B 198 39.21 10.82 -8.65
C THR B 198 37.99 11.60 -9.11
N CYS B 199 37.56 11.33 -10.35
CA CYS B 199 36.34 11.94 -10.87
C CYS B 199 35.06 11.28 -10.29
N ALA B 200 35.24 10.19 -9.55
CA ALA B 200 34.15 9.58 -8.81
C ALA B 200 34.20 9.97 -7.34
N GLY B 201 35.03 10.96 -7.03
CA GLY B 201 35.08 11.50 -5.69
C GLY B 201 35.67 10.58 -4.65
N MET B 202 36.69 9.82 -5.03
CA MET B 202 37.25 8.83 -4.15
C MET B 202 38.56 9.31 -3.54
N ALA B 203 38.92 10.55 -3.82
CA ALA B 203 40.16 11.10 -3.31
C ALA B 203 39.93 12.29 -2.37
N ARG B 204 38.70 12.46 -1.90
CA ARG B 204 38.34 13.60 -1.09
C ARG B 204 39.01 13.51 0.27
N ASP B 205 39.34 14.66 0.85
CA ASP B 205 39.91 14.69 2.19
C ASP B 205 41.17 13.82 2.35
N TRP B 206 41.96 13.66 1.31
CA TRP B 206 43.16 12.81 1.43
C TRP B 206 44.18 13.46 2.36
N PRO B 207 44.81 12.68 3.25
CA PRO B 207 44.78 11.22 3.47
C PRO B 207 43.95 10.83 4.71
N ASP B 208 43.06 11.73 5.12
CA ASP B 208 42.30 11.55 6.35
C ASP B 208 41.68 10.17 6.45
N ALA B 209 41.95 9.51 7.57
CA ALA B 209 41.39 8.20 7.85
C ALA B 209 41.78 7.08 6.89
N ARG B 210 42.86 7.24 6.12
CA ARG B 210 43.45 6.07 5.45
C ARG B 210 44.62 5.53 6.26
N GLY B 211 44.99 4.27 6.00
CA GLY B 211 46.09 3.66 6.72
C GLY B 211 46.39 2.25 6.22
N ILE B 212 47.58 1.75 6.54
CA ILE B 212 47.97 0.39 6.17
C ILE B 212 48.14 -0.41 7.44
N TRP B 213 47.63 -1.64 7.45
CA TRP B 213 47.92 -2.58 8.51
C TRP B 213 48.45 -3.86 7.88
N HIS B 214 49.48 -4.42 8.49
CA HIS B 214 49.96 -5.73 8.09
C HIS B 214 50.38 -6.54 9.30
N ASN B 215 50.28 -7.86 9.18
CA ASN B 215 50.76 -8.78 10.22
C ASN B 215 52.28 -8.74 10.32
N ASN B 216 52.80 -9.30 11.40
CA ASN B 216 54.19 -9.04 11.76
C ASN B 216 55.20 -9.61 10.79
N ASP B 217 54.90 -10.75 10.17
CA ASP B 217 55.77 -11.26 9.11
C ASP B 217 55.24 -11.03 7.70
N LYS B 218 54.52 -9.93 7.54
CA LYS B 218 54.27 -9.33 6.23
C LYS B 218 53.68 -10.29 5.20
N THR B 219 52.70 -11.08 5.63
CA THR B 219 52.00 -11.96 4.71
C THR B 219 50.49 -11.73 4.72
N PHE B 220 50.06 -10.69 5.43
CA PHE B 220 48.65 -10.30 5.44
C PHE B 220 48.56 -8.79 5.46
N LEU B 221 48.09 -8.21 4.35
CA LEU B 221 47.94 -6.77 4.18
C LEU B 221 46.45 -6.37 4.22
N VAL B 222 46.15 -5.29 4.94
CA VAL B 222 44.82 -4.68 4.90
C VAL B 222 44.97 -3.18 4.63
N TRP B 223 44.39 -2.70 3.53
CA TRP B 223 44.43 -1.27 3.22
C TRP B 223 43.10 -0.65 3.56
N ILE B 224 43.12 0.33 4.46
CA ILE B 224 41.90 0.91 4.98
C ILE B 224 41.57 2.22 4.30
N ASN B 225 40.43 2.23 3.61
CA ASN B 225 39.82 3.44 3.09
C ASN B 225 40.48 3.99 1.83
N GLU B 226 41.11 3.11 1.06
CA GLU B 226 41.70 3.53 -0.20
C GLU B 226 40.57 3.64 -1.22
N GLU B 227 40.46 2.66 -2.13
CA GLU B 227 39.36 2.68 -3.09
C GLU B 227 38.24 1.72 -2.71
N ASP B 228 38.11 1.48 -1.41
CA ASP B 228 37.10 0.60 -0.84
C ASP B 228 37.29 0.51 0.68
N HIS B 229 36.21 0.23 1.42
CA HIS B 229 36.28 0.24 2.88
C HIS B 229 37.51 -0.50 3.36
N THR B 230 37.68 -1.74 2.92
CA THR B 230 38.92 -2.50 3.13
C THR B 230 39.30 -3.23 1.86
N ARG B 231 40.59 -3.43 1.65
CA ARG B 231 41.05 -4.44 0.68
C ARG B 231 42.05 -5.37 1.36
N VAL B 232 41.66 -6.62 1.60
CA VAL B 232 42.51 -7.52 2.37
C VAL B 232 43.31 -8.45 1.45
N ILE B 233 44.63 -8.31 1.51
CA ILE B 233 45.53 -9.13 0.73
C ILE B 233 46.20 -10.17 1.63
N SER B 234 46.20 -11.41 1.16
CA SER B 234 47.15 -12.41 1.63
C SER B 234 48.14 -12.69 0.51
N MET B 235 49.40 -12.40 0.75
CA MET B 235 50.42 -12.67 -0.25
C MET B 235 51.66 -13.25 0.41
N GLU B 236 52.36 -14.08 -0.34
CA GLU B 236 53.50 -14.81 0.15
C GLU B 236 54.50 -14.95 -0.99
N LYS B 237 55.77 -15.09 -0.65
CA LYS B 237 56.76 -15.43 -1.67
C LYS B 237 56.66 -16.91 -1.99
N GLY B 238 57.16 -17.28 -3.16
CA GLY B 238 57.12 -18.67 -3.56
C GLY B 238 55.81 -19.01 -4.23
N GLY B 239 55.29 -20.19 -3.96
CA GLY B 239 54.15 -20.67 -4.72
C GLY B 239 53.28 -21.61 -3.94
N ASN B 240 53.33 -21.50 -2.61
CA ASN B 240 52.46 -22.31 -1.76
C ASN B 240 51.07 -21.68 -1.72
N MET B 241 50.38 -21.74 -2.84
CA MET B 241 49.10 -21.05 -2.99
C MET B 241 48.10 -21.52 -1.92
N LYS B 242 48.11 -22.81 -1.64
CA LYS B 242 47.16 -23.35 -0.69
C LYS B 242 47.33 -22.73 0.67
N ARG B 243 48.56 -22.47 1.08
CA ARG B 243 48.79 -21.83 2.36
C ARG B 243 48.36 -20.38 2.31
N VAL B 244 48.73 -19.67 1.24
CA VAL B 244 48.29 -18.28 1.05
C VAL B 244 46.77 -18.18 1.21
N PHE B 245 46.05 -19.11 0.59
CA PHE B 245 44.61 -19.11 0.67
C PHE B 245 44.13 -19.47 2.06
N GLU B 246 44.77 -20.46 2.68
CA GLU B 246 44.37 -20.91 4.02
C GLU B 246 44.42 -19.79 5.06
N ARG B 247 45.28 -18.79 4.83
CA ARG B 247 45.40 -17.70 5.78
C ARG B 247 44.44 -16.60 5.41
N PHE B 248 44.26 -16.38 4.11
CA PHE B 248 43.29 -15.42 3.60
C PHE B 248 41.93 -15.71 4.21
N CYS B 249 41.49 -16.97 4.10
CA CYS B 249 40.21 -17.38 4.66
C CYS B 249 40.19 -17.29 6.17
N ARG B 250 41.35 -17.43 6.78
CA ARG B 250 41.46 -17.47 8.24
C ARG B 250 41.38 -16.07 8.81
N GLY B 251 42.04 -15.13 8.14
CA GLY B 251 42.02 -13.75 8.59
C GLY B 251 40.67 -13.11 8.30
N LEU B 252 40.06 -13.52 7.18
CA LEU B 252 38.76 -13.02 6.80
C LEU B 252 37.66 -13.50 7.73
N LYS B 253 37.81 -14.70 8.28
CA LYS B 253 36.80 -15.23 9.18
C LYS B 253 36.96 -14.69 10.60
N GLU B 254 38.17 -14.32 10.97
CA GLU B 254 38.44 -13.85 12.32
C GLU B 254 38.11 -12.37 12.44
N VAL B 255 38.32 -11.63 11.35
CA VAL B 255 37.97 -10.22 11.26
C VAL B 255 36.46 -10.09 11.29
N GLU B 256 35.76 -10.84 10.44
CA GLU B 256 34.31 -10.79 10.47
C GLU B 256 33.78 -11.16 11.85
N ARG B 257 34.47 -12.08 12.52
CA ARG B 257 34.07 -12.48 13.87
C ARG B 257 34.13 -11.29 14.82
N LEU B 258 35.20 -10.54 14.74
CA LEU B 258 35.42 -9.49 15.71
C LEU B 258 34.58 -8.23 15.46
N ILE B 259 34.19 -8.00 14.21
CA ILE B 259 33.34 -6.85 13.94
C ILE B 259 31.92 -7.18 14.35
N LYS B 260 31.51 -8.42 14.11
CA LYS B 260 30.17 -8.86 14.48
C LYS B 260 30.03 -8.81 16.00
N GLU B 261 31.17 -8.93 16.68
CA GLU B 261 31.18 -8.94 18.14
C GLU B 261 30.84 -7.56 18.68
N ARG B 262 31.25 -6.52 17.96
CA ARG B 262 30.97 -5.16 18.38
C ARG B 262 29.73 -4.63 17.68
N GLY B 263 29.19 -5.43 16.77
CA GLY B 263 27.86 -5.17 16.24
C GLY B 263 27.76 -4.86 14.76
N TRP B 264 28.89 -4.87 14.05
CA TRP B 264 28.93 -4.48 12.64
C TRP B 264 28.95 -5.72 11.73
N GLU B 265 28.37 -5.62 10.54
CA GLU B 265 28.46 -6.71 9.57
C GLU B 265 29.16 -6.26 8.30
N PHE B 266 29.52 -7.21 7.44
CA PHE B 266 29.99 -6.91 6.08
C PHE B 266 28.76 -6.79 5.18
N MET B 267 28.77 -5.87 4.22
CA MET B 267 27.71 -5.82 3.22
C MET B 267 27.85 -7.03 2.33
N TRP B 268 26.75 -7.76 2.19
CA TRP B 268 26.72 -8.95 1.36
C TRP B 268 25.26 -9.19 1.05
N ASN B 269 24.96 -9.60 -0.18
CA ASN B 269 23.63 -10.06 -0.52
C ASN B 269 23.69 -11.20 -1.52
N GLU B 270 22.60 -11.93 -1.64
CA GLU B 270 22.64 -13.20 -2.34
C GLU B 270 22.72 -13.10 -3.84
N ARG B 271 22.29 -11.97 -4.42
CA ARG B 271 22.34 -11.84 -5.87
C ARG B 271 23.59 -11.12 -6.32
N LEU B 272 24.27 -10.42 -5.40
CA LEU B 272 25.48 -9.69 -5.76
C LEU B 272 26.71 -10.20 -5.05
N GLY B 273 26.53 -11.02 -4.02
CA GLY B 273 27.67 -11.43 -3.24
C GLY B 273 28.16 -10.29 -2.39
N TYR B 274 29.48 -10.08 -2.34
CA TYR B 274 30.05 -9.09 -1.43
C TYR B 274 30.05 -7.70 -2.03
N VAL B 275 29.16 -6.83 -1.56
CA VAL B 275 28.98 -5.53 -2.19
C VAL B 275 30.20 -4.63 -2.05
N LEU B 276 30.72 -4.15 -3.18
CA LEU B 276 31.84 -3.22 -3.17
C LEU B 276 31.53 -2.07 -4.11
N THR B 277 32.37 -1.03 -4.08
CA THR B 277 31.97 0.22 -4.68
C THR B 277 31.98 0.21 -6.21
N CYS B 278 32.82 -0.62 -6.84
CA CYS B 278 32.82 -0.71 -8.30
C CYS B 278 32.18 -2.01 -8.78
N PRO B 279 31.20 -1.91 -9.70
CA PRO B 279 30.45 -3.09 -10.15
C PRO B 279 31.32 -4.29 -10.59
N SER B 280 32.48 -3.98 -11.14
CA SER B 280 33.39 -5.00 -11.65
C SER B 280 33.96 -5.92 -10.57
N ASN B 281 33.98 -5.48 -9.32
CA ASN B 281 34.54 -6.33 -8.29
C ASN B 281 33.48 -6.94 -7.41
N LEU B 282 32.28 -7.10 -7.96
CA LEU B 282 31.18 -7.70 -7.19
C LEU B 282 31.44 -9.19 -6.97
N GLY B 283 30.48 -9.87 -6.37
CA GLY B 283 30.59 -11.30 -6.17
C GLY B 283 31.65 -11.73 -5.15
N THR B 284 32.87 -11.96 -5.63
CA THR B 284 33.94 -12.48 -4.79
C THR B 284 34.96 -11.38 -4.50
N GLY B 285 35.02 -10.43 -5.42
CA GLY B 285 36.04 -9.38 -5.36
C GLY B 285 37.43 -9.96 -5.37
N LEU B 286 37.55 -11.19 -5.84
CA LEU B 286 38.76 -11.99 -5.60
C LEU B 286 39.75 -11.98 -6.78
N ARG B 287 41.03 -11.80 -6.45
CA ARG B 287 42.11 -11.91 -7.44
C ARG B 287 43.22 -12.81 -6.91
N ALA B 288 43.11 -14.09 -7.21
CA ALA B 288 44.16 -15.03 -6.89
C ALA B 288 45.09 -15.14 -8.10
N GLY B 289 46.38 -14.97 -7.86
CA GLY B 289 47.32 -14.95 -8.97
C GLY B 289 48.73 -15.29 -8.58
N VAL B 290 49.59 -15.48 -9.58
CA VAL B 290 50.95 -15.91 -9.36
C VAL B 290 51.87 -15.18 -10.32
N HIS B 291 53.07 -14.85 -9.86
CA HIS B 291 54.14 -14.45 -10.76
C HIS B 291 54.81 -15.72 -11.30
N VAL B 292 54.58 -16.02 -12.58
CA VAL B 292 55.21 -17.18 -13.22
C VAL B 292 56.32 -16.75 -14.15
N LYS B 293 57.34 -17.60 -14.26
CA LYS B 293 58.36 -17.45 -15.28
C LYS B 293 57.99 -18.40 -16.41
N LEU B 294 57.65 -17.85 -17.57
CA LEU B 294 57.07 -18.69 -18.64
C LEU B 294 57.60 -18.38 -20.06
N PRO B 295 58.93 -18.42 -20.26
CA PRO B 295 59.54 -17.92 -21.50
C PRO B 295 59.14 -18.68 -22.76
N ARG B 296 58.99 -20.00 -22.64
CA ARG B 296 58.66 -20.83 -23.80
C ARG B 296 57.21 -20.64 -24.23
N LEU B 297 56.30 -20.91 -23.29
CA LEU B 297 54.87 -20.81 -23.56
C LEU B 297 54.49 -19.39 -23.92
N SER B 298 55.31 -18.45 -23.43
CA SER B 298 55.13 -17.03 -23.75
C SER B 298 55.24 -16.79 -25.25
N LYS B 299 56.21 -17.45 -25.89
CA LYS B 299 56.47 -17.23 -27.30
C LYS B 299 55.51 -18.03 -28.18
N ASP B 300 54.98 -19.12 -27.64
CA ASP B 300 54.03 -19.94 -28.38
C ASP B 300 52.75 -19.16 -28.61
N PRO B 301 52.23 -19.19 -29.85
CA PRO B 301 50.98 -18.51 -30.23
C PRO B 301 49.71 -19.24 -29.81
N ARG B 302 49.84 -20.23 -28.95
CA ARG B 302 48.68 -20.89 -28.35
C ARG B 302 48.52 -20.47 -26.90
N PHE B 303 49.46 -19.67 -26.40
CA PHE B 303 49.38 -19.12 -25.05
C PHE B 303 48.01 -18.47 -24.82
N PRO B 304 47.63 -17.47 -25.65
CA PRO B 304 46.38 -16.74 -25.44
C PRO B 304 45.15 -17.62 -25.35
N LYS B 305 45.05 -18.59 -26.25
CA LYS B 305 43.89 -19.46 -26.28
C LYS B 305 43.87 -20.47 -25.13
N ILE B 306 45.05 -20.85 -24.64
CA ILE B 306 45.14 -21.72 -23.46
C ILE B 306 44.67 -20.92 -22.26
N LEU B 307 45.17 -19.69 -22.16
CA LEU B 307 44.79 -18.74 -21.13
C LEU B 307 43.28 -18.56 -21.10
N GLU B 308 42.73 -18.20 -22.26
CA GLU B 308 41.31 -17.92 -22.42
C GLU B 308 40.50 -19.15 -22.00
N ASN B 309 40.97 -20.33 -22.38
CA ASN B 309 40.22 -21.56 -22.11
C ASN B 309 40.31 -21.92 -20.63
N LEU B 310 41.43 -21.57 -20.01
CA LEU B 310 41.64 -21.87 -18.59
C LEU B 310 40.99 -20.83 -17.69
N ARG B 311 40.46 -19.78 -18.33
CA ARG B 311 39.76 -18.69 -17.65
C ARG B 311 40.69 -17.86 -16.77
N LEU B 312 41.90 -17.64 -17.26
CA LEU B 312 42.88 -16.81 -16.56
C LEU B 312 43.22 -15.63 -17.46
N GLN B 313 44.00 -14.70 -16.94
CA GLN B 313 44.45 -13.53 -17.70
C GLN B 313 45.87 -13.17 -17.32
N LYS B 314 46.62 -12.65 -18.28
CA LYS B 314 48.00 -12.22 -18.08
C LYS B 314 48.05 -10.71 -17.90
N ARG B 315 48.71 -10.24 -16.84
CA ARG B 315 48.98 -8.82 -16.67
C ARG B 315 50.45 -8.65 -16.38
N GLY B 316 51.29 -9.24 -17.23
CA GLY B 316 52.72 -9.29 -16.96
C GLY B 316 53.31 -8.02 -16.38
N THR B 317 54.15 -8.18 -15.36
CA THR B 317 54.73 -7.08 -14.61
C THR B 317 55.43 -6.04 -15.51
N GLY B 318 54.73 -4.95 -15.80
CA GLY B 318 55.29 -3.89 -16.63
C GLY B 318 54.46 -3.57 -17.86
N GLY B 319 53.17 -3.34 -17.65
CA GLY B 319 52.23 -3.26 -18.76
C GLY B 319 51.41 -4.53 -18.87
N VAL B 320 51.96 -5.53 -19.56
CA VAL B 320 51.39 -6.87 -19.60
C VAL B 320 52.45 -7.83 -20.14
N ASP B 321 53.31 -7.31 -21.00
CA ASP B 321 54.69 -7.76 -21.14
C ASP B 321 55.52 -6.62 -20.56
N THR B 322 56.71 -6.40 -21.10
CA THR B 322 57.52 -5.23 -20.75
C THR B 322 58.64 -5.09 -21.79
N ALA B 323 59.67 -4.34 -21.44
CA ALA B 323 60.98 -4.44 -22.10
C ALA B 323 61.80 -5.52 -21.38
N ALA B 324 61.12 -6.57 -20.95
CA ALA B 324 61.73 -7.64 -20.18
C ALA B 324 61.70 -8.95 -20.97
N VAL B 325 62.88 -9.51 -21.21
CA VAL B 325 62.98 -10.93 -21.59
C VAL B 325 63.00 -11.78 -20.32
N ALA B 326 62.65 -11.15 -19.20
CA ALA B 326 62.46 -11.84 -17.92
C ALA B 326 61.36 -12.90 -18.06
N ASP B 327 60.26 -12.51 -18.70
CA ASP B 327 59.13 -13.42 -18.97
C ASP B 327 58.39 -13.85 -17.69
N VAL B 328 58.22 -12.89 -16.78
CA VAL B 328 57.45 -13.10 -15.55
C VAL B 328 56.09 -12.41 -15.61
N TYR B 329 55.04 -13.23 -15.57
CA TYR B 329 53.68 -12.73 -15.75
C TYR B 329 52.85 -12.74 -14.46
N ASP B 330 51.73 -12.01 -14.49
CA ASP B 330 50.79 -11.90 -13.37
C ASP B 330 49.54 -12.68 -13.79
N ILE B 331 49.66 -14.01 -13.84
CA ILE B 331 48.54 -14.83 -14.26
C ILE B 331 47.56 -14.97 -13.11
N SER B 332 46.35 -14.49 -13.31
CA SER B 332 45.33 -14.44 -12.26
C SER B 332 43.96 -14.90 -12.78
N ASN B 333 43.01 -15.11 -11.88
CA ASN B 333 41.70 -15.59 -12.28
C ASN B 333 40.94 -14.53 -13.04
N LEU B 334 40.20 -14.96 -14.04
CA LEU B 334 39.49 -14.05 -14.92
C LEU B 334 38.14 -13.71 -14.29
N ASP B 335 37.44 -14.74 -13.85
CA ASP B 335 36.10 -14.56 -13.27
C ASP B 335 36.11 -13.87 -11.92
N ARG B 336 34.94 -13.34 -11.54
CA ARG B 336 34.79 -12.66 -10.28
C ARG B 336 33.42 -12.92 -9.67
N MET B 337 32.42 -13.26 -10.50
CA MET B 337 31.05 -13.40 -10.02
C MET B 337 30.42 -14.74 -10.25
N GLY B 338 30.88 -15.47 -11.25
CA GLY B 338 30.26 -16.75 -11.52
C GLY B 338 30.40 -17.73 -10.36
N ARG B 339 31.60 -17.73 -9.77
CA ARG B 339 32.04 -18.83 -8.96
C ARG B 339 32.30 -18.39 -7.52
N SER B 340 32.46 -19.35 -6.63
CA SER B 340 32.76 -19.04 -5.24
C SER B 340 34.24 -18.75 -5.08
N GLU B 341 34.62 -18.30 -3.88
CA GLU B 341 36.00 -17.94 -3.63
C GLU B 341 36.89 -19.17 -3.75
N VAL B 342 36.43 -20.29 -3.22
CA VAL B 342 37.10 -21.58 -3.38
C VAL B 342 37.21 -21.98 -4.87
N GLU B 343 36.08 -22.02 -5.56
CA GLU B 343 36.05 -22.35 -6.97
C GLU B 343 37.07 -21.55 -7.77
N LEU B 344 37.15 -20.26 -7.49
CA LEU B 344 38.06 -19.39 -8.24
C LEU B 344 39.52 -19.65 -7.92
N VAL B 345 39.83 -19.92 -6.66
CA VAL B 345 41.21 -20.17 -6.27
C VAL B 345 41.69 -21.49 -6.86
N GLN B 346 40.80 -22.48 -6.90
CA GLN B 346 41.13 -23.76 -7.55
C GLN B 346 41.36 -23.60 -9.04
N ILE B 347 40.56 -22.76 -9.71
CA ILE B 347 40.76 -22.41 -11.11
C ILE B 347 42.20 -21.91 -11.34
N VAL B 348 42.70 -21.07 -10.45
CA VAL B 348 44.07 -20.57 -10.58
C VAL B 348 45.08 -21.68 -10.29
N ILE B 349 44.79 -22.52 -9.29
CA ILE B 349 45.67 -23.61 -8.94
C ILE B 349 45.86 -24.52 -10.16
N ASP B 350 44.76 -25.06 -10.68
CA ASP B 350 44.80 -25.95 -11.83
C ASP B 350 45.40 -25.26 -13.06
N GLY B 351 44.86 -24.10 -13.41
CA GLY B 351 45.30 -23.40 -14.61
C GLY B 351 46.77 -23.06 -14.59
N VAL B 352 47.28 -22.64 -13.44
CA VAL B 352 48.69 -22.28 -13.35
C VAL B 352 49.55 -23.52 -13.45
N ASN B 353 49.13 -24.59 -12.78
CA ASN B 353 49.86 -25.84 -12.81
C ASN B 353 50.01 -26.31 -14.24
N TYR B 354 48.89 -26.32 -14.97
CA TYR B 354 48.88 -26.66 -16.39
C TYR B 354 49.86 -25.77 -17.16
N LEU B 355 49.76 -24.47 -16.94
CA LEU B 355 50.66 -23.52 -17.56
C LEU B 355 52.12 -23.90 -17.31
N VAL B 356 52.43 -24.30 -16.08
CA VAL B 356 53.80 -24.66 -15.71
C VAL B 356 54.22 -25.92 -16.46
N ASP B 357 53.30 -26.90 -16.48
CA ASP B 357 53.51 -28.18 -17.13
C ASP B 357 53.79 -28.00 -18.63
N CYS B 358 53.06 -27.07 -19.24
CA CYS B 358 53.26 -26.76 -20.65
C CYS B 358 54.62 -26.13 -20.91
N GLU B 359 55.10 -25.33 -19.97
CA GLU B 359 56.42 -24.73 -20.09
C GLU B 359 57.48 -25.82 -20.09
N LYS B 360 57.33 -26.74 -19.14
CA LYS B 360 58.21 -27.90 -19.04
C LYS B 360 58.21 -28.69 -20.34
N LYS B 361 57.02 -29.01 -20.85
CA LYS B 361 56.85 -29.73 -22.10
C LYS B 361 57.71 -29.12 -23.20
N LEU B 362 57.52 -27.82 -23.42
CA LEU B 362 58.19 -27.12 -24.51
C LEU B 362 59.69 -26.99 -24.29
N GLU B 363 60.13 -27.14 -23.05
CA GLU B 363 61.57 -27.23 -22.77
C GLU B 363 62.12 -28.55 -23.30
N LYS B 364 61.40 -29.63 -23.03
CA LYS B 364 61.81 -30.97 -23.47
C LYS B 364 61.34 -31.23 -24.90
N GLY B 365 61.16 -30.17 -25.67
CA GLY B 365 60.84 -30.29 -27.08
C GLY B 365 59.40 -30.65 -27.35
N GLN B 366 58.99 -31.82 -26.86
CA GLN B 366 57.61 -32.31 -26.95
C GLN B 366 56.55 -31.20 -26.83
N ASP B 367 55.52 -31.30 -27.65
CA ASP B 367 54.58 -30.21 -27.82
C ASP B 367 53.38 -30.23 -26.87
N ILE B 368 52.87 -29.04 -26.57
CA ILE B 368 51.73 -28.86 -25.68
C ILE B 368 50.40 -28.93 -26.46
N LYS B 369 49.32 -28.53 -25.81
CA LYS B 369 48.03 -28.45 -26.47
C LYS B 369 47.15 -27.39 -25.78
N VAL B 370 45.96 -27.19 -26.34
CA VAL B 370 45.02 -26.22 -25.77
C VAL B 370 43.87 -26.97 -25.11
N PRO B 371 43.74 -26.81 -23.79
CA PRO B 371 42.74 -27.56 -23.00
C PRO B 371 41.32 -27.11 -23.36
N PRO B 372 40.33 -28.00 -23.20
CA PRO B 372 38.93 -27.66 -23.52
C PRO B 372 38.34 -26.66 -22.53
N PRO B 373 37.65 -25.62 -23.04
CA PRO B 373 37.44 -24.39 -22.27
C PRO B 373 36.50 -24.61 -21.09
N LEU B 374 36.81 -23.96 -19.97
CA LEU B 374 35.96 -24.02 -18.80
C LEU B 374 34.65 -23.30 -19.09
N PRO B 375 33.55 -23.79 -18.50
CA PRO B 375 32.29 -23.04 -18.40
C PRO B 375 32.47 -21.70 -17.67
N GLN B 376 31.71 -20.69 -18.07
CA GLN B 376 31.84 -19.36 -17.49
C GLN B 376 31.27 -19.27 -16.08
N PHE B 377 30.44 -20.23 -15.72
CA PHE B 377 29.84 -20.21 -14.39
C PHE B 377 30.29 -21.36 -13.51
N GLY B 378 29.86 -21.34 -12.26
CA GLY B 378 30.24 -22.36 -11.30
C GLY B 378 29.08 -23.27 -10.95
N ARG B 379 29.18 -23.95 -9.82
CA ARG B 379 28.17 -24.90 -9.42
C ARG B 379 27.07 -24.24 -8.63
N LYS B 380 26.12 -25.06 -8.18
CA LYS B 380 25.01 -24.64 -7.31
C LYS B 380 24.04 -23.66 -7.99
N THR C 1 6.64 10.31 13.67
CA THR C 1 6.34 8.94 13.13
C THR C 1 6.85 7.86 14.10
N VAL C 2 6.57 6.60 13.74
CA VAL C 2 7.12 5.45 14.44
C VAL C 2 8.54 5.18 13.96
N HIS C 3 9.37 6.21 14.10
CA HIS C 3 10.72 6.22 13.55
C HIS C 3 11.41 7.44 14.13
N GLU C 4 12.70 7.31 14.45
CA GLU C 4 13.39 8.39 15.17
C GLU C 4 14.70 8.84 14.52
N LYS C 5 15.07 10.10 14.79
CA LYS C 5 16.42 10.58 14.52
C LYS C 5 17.35 10.14 15.64
N ARG C 6 16.93 9.11 16.38
CA ARG C 6 17.89 8.23 17.03
C ARG C 6 18.71 7.64 15.89
N LYS C 7 18.23 7.86 14.66
CA LYS C 7 19.10 8.07 13.52
C LYS C 7 20.02 9.27 13.80
N LEU C 8 21.01 9.05 14.65
CA LEU C 8 22.03 10.05 14.94
C LEU C 8 23.39 9.49 14.53
N PHE C 9 23.70 8.30 15.04
CA PHE C 9 24.81 7.50 14.52
C PHE C 9 24.21 6.31 13.79
N PRO C 10 25.03 5.60 12.98
CA PRO C 10 24.50 4.37 12.37
C PRO C 10 24.15 3.36 13.45
N PRO C 11 22.91 2.80 13.41
CA PRO C 11 22.45 1.91 14.49
C PRO C 11 23.49 0.92 15.02
N SER C 12 24.38 0.42 14.17
CA SER C 12 25.42 -0.49 14.64
C SER C 12 26.31 0.20 15.66
N ALA C 13 26.56 1.49 15.47
CA ALA C 13 27.34 2.22 16.47
C ALA C 13 26.66 2.17 17.82
N ASP C 14 25.39 1.80 17.84
CA ASP C 14 24.63 1.74 19.08
C ASP C 14 24.49 0.32 19.63
N TYR C 15 25.20 -0.64 19.06
CA TYR C 15 25.03 -2.05 19.46
C TYR C 15 25.58 -2.32 20.85
N PRO C 16 24.83 -3.04 21.71
CA PRO C 16 25.36 -3.27 23.07
C PRO C 16 26.55 -4.22 23.06
N ASP C 17 27.44 -4.07 24.03
CA ASP C 17 28.54 -5.01 24.18
C ASP C 17 28.06 -6.14 25.07
N LEU C 18 27.55 -7.20 24.46
CA LEU C 18 26.95 -8.28 25.24
C LEU C 18 27.88 -9.48 25.41
N ARG C 19 29.19 -9.23 25.35
CA ARG C 19 30.18 -10.31 25.28
C ARG C 19 30.18 -11.18 26.52
N LYS C 20 29.99 -10.55 27.68
CA LYS C 20 30.06 -11.28 28.94
C LYS C 20 28.67 -11.56 29.50
N HIS C 21 27.66 -11.49 28.63
CA HIS C 21 26.29 -11.63 29.07
C HIS C 21 25.77 -13.03 28.86
N ASN C 22 24.97 -13.50 29.81
CA ASN C 22 24.17 -14.71 29.61
C ASN C 22 22.76 -14.45 30.10
N ASN C 23 21.97 -13.81 29.24
CA ASN C 23 20.53 -13.78 29.43
C ASN C 23 19.92 -13.97 28.06
N CYS C 24 18.67 -14.41 28.05
CA CYS C 24 18.02 -14.81 26.82
C CYS C 24 18.02 -13.72 25.74
N MET C 25 18.01 -12.46 26.17
CA MET C 25 18.13 -11.32 25.27
C MET C 25 19.48 -11.31 24.58
N ALA C 26 20.55 -11.27 25.37
CA ALA C 26 21.90 -11.26 24.82
C ALA C 26 22.10 -12.47 23.94
N GLU C 27 21.50 -13.58 24.33
CA GLU C 27 21.74 -14.83 23.66
C GLU C 27 21.13 -14.81 22.28
N CYS C 28 20.07 -14.02 22.11
CA CYS C 28 19.29 -14.04 20.88
C CYS C 28 19.43 -12.80 19.98
N LEU C 29 19.97 -11.71 20.52
CA LEU C 29 20.15 -10.48 19.76
C LEU C 29 21.25 -10.64 18.72
N THR C 30 21.09 -10.00 17.57
CA THR C 30 22.09 -10.05 16.51
C THR C 30 22.22 -8.68 15.86
N PRO C 31 23.44 -8.32 15.40
CA PRO C 31 23.68 -7.05 14.72
C PRO C 31 22.58 -6.68 13.76
N ALA C 32 22.08 -7.67 13.03
CA ALA C 32 21.05 -7.41 12.02
C ALA C 32 19.69 -7.05 12.61
N ILE C 33 19.27 -7.79 13.64
CA ILE C 33 18.00 -7.52 14.31
C ILE C 33 18.07 -6.14 14.93
N TYR C 34 19.20 -5.85 15.58
CA TYR C 34 19.33 -4.58 16.27
C TYR C 34 19.21 -3.44 15.29
N ALA C 35 19.93 -3.55 14.17
CA ALA C 35 19.94 -2.50 13.16
C ALA C 35 18.56 -2.29 12.57
N LYS C 36 17.85 -3.38 12.36
CA LYS C 36 16.52 -3.34 11.78
C LYS C 36 15.51 -2.66 12.70
N LEU C 37 15.65 -2.86 14.00
CA LEU C 37 14.63 -2.46 14.95
C LEU C 37 14.90 -1.19 15.72
N ARG C 38 16.14 -0.71 15.72
CA ARG C 38 16.51 0.38 16.62
C ARG C 38 15.54 1.56 16.58
N ASP C 39 15.26 2.06 15.38
CA ASP C 39 14.44 3.26 15.26
C ASP C 39 12.96 2.99 14.95
N LYS C 40 12.49 1.79 15.24
CA LYS C 40 11.05 1.51 15.18
C LYS C 40 10.47 1.83 16.55
N LEU C 41 9.43 2.64 16.58
CA LEU C 41 8.76 2.94 17.84
C LEU C 41 7.41 2.28 17.94
N THR C 42 6.97 2.02 19.15
CA THR C 42 5.59 1.61 19.36
C THR C 42 4.76 2.86 19.28
N PRO C 43 3.46 2.70 19.00
CA PRO C 43 2.48 3.77 19.01
C PRO C 43 2.70 4.81 20.10
N ASN C 44 3.10 4.40 21.28
CA ASN C 44 3.30 5.37 22.35
C ASN C 44 4.75 5.75 22.52
N GLY C 45 5.62 5.09 21.76
CA GLY C 45 7.00 5.52 21.68
C GLY C 45 8.03 4.70 22.44
N TYR C 46 7.68 3.48 22.83
CA TYR C 46 8.66 2.59 23.44
C TYR C 46 9.64 2.14 22.39
N SER C 47 10.90 2.04 22.77
CA SER C 47 11.99 1.76 21.84
C SER C 47 12.68 0.46 22.17
N LEU C 48 13.27 -0.17 21.16
CA LEU C 48 13.94 -1.45 21.36
C LEU C 48 14.99 -1.30 22.43
N ASP C 49 15.63 -0.16 22.47
CA ASP C 49 16.69 0.08 23.45
C ASP C 49 16.17 0.01 24.88
N GLN C 50 14.94 0.45 25.10
CA GLN C 50 14.34 0.43 26.43
C GLN C 50 13.90 -0.97 26.80
N CYS C 51 13.42 -1.74 25.82
CA CYS C 51 13.14 -3.15 26.05
C CYS C 51 14.35 -3.88 26.62
N ILE C 52 15.48 -3.77 25.92
CA ILE C 52 16.62 -4.63 26.20
C ILE C 52 17.54 -4.06 27.29
N GLN C 53 17.18 -2.93 27.88
CA GLN C 53 18.14 -2.23 28.73
C GLN C 53 18.55 -3.09 29.91
N THR C 54 17.56 -3.56 30.68
CA THR C 54 17.88 -4.32 31.88
C THR C 54 18.78 -5.50 31.53
N GLY C 55 18.58 -6.07 30.35
CA GLY C 55 19.40 -7.20 29.94
C GLY C 55 20.81 -6.81 29.55
N VAL C 56 21.00 -5.54 29.21
CA VAL C 56 22.32 -5.03 28.89
C VAL C 56 22.98 -4.67 30.20
N ASP C 57 22.20 -4.18 31.14
CA ASP C 57 22.73 -3.74 32.42
C ASP C 57 23.01 -4.89 33.38
N ASN C 58 22.39 -6.04 33.14
CA ASN C 58 22.46 -7.17 34.04
C ASN C 58 22.88 -8.43 33.29
N PRO C 59 24.17 -8.81 33.34
CA PRO C 59 24.60 -9.90 32.46
C PRO C 59 24.04 -11.25 32.89
N GLY C 60 23.60 -11.33 34.14
CA GLY C 60 23.05 -12.57 34.66
C GLY C 60 24.17 -13.55 34.92
N HIS C 61 23.84 -14.82 35.12
CA HIS C 61 24.87 -15.83 35.42
C HIS C 61 24.39 -17.23 35.06
N PRO C 62 25.26 -18.05 34.43
CA PRO C 62 24.95 -18.79 33.21
C PRO C 62 24.10 -20.04 33.42
N PHE C 63 23.13 -19.95 34.30
CA PHE C 63 22.43 -21.11 34.85
C PHE C 63 21.01 -20.73 35.27
N ILE C 64 20.84 -19.44 35.61
CA ILE C 64 19.52 -18.91 35.92
C ILE C 64 18.90 -18.26 34.70
N LYS C 65 17.66 -18.62 34.41
CA LYS C 65 16.99 -18.14 33.22
C LYS C 65 16.39 -16.74 33.42
N THR C 66 17.19 -15.70 33.16
CA THR C 66 16.65 -14.34 33.07
C THR C 66 16.39 -13.97 31.60
N VAL C 67 15.26 -13.32 31.35
CA VAL C 67 14.84 -13.04 29.99
C VAL C 67 15.73 -11.99 29.38
N GLY C 68 15.94 -10.90 30.12
CA GLY C 68 16.88 -9.89 29.68
C GLY C 68 16.22 -8.72 28.96
N MET C 69 14.89 -8.75 28.88
CA MET C 69 14.18 -7.66 28.27
C MET C 69 12.80 -7.60 28.85
N VAL C 70 12.00 -6.68 28.34
CA VAL C 70 10.79 -6.27 29.03
C VAL C 70 9.88 -5.60 28.00
N ALA C 71 8.57 -5.61 28.22
CA ALA C 71 7.68 -4.95 27.29
C ALA C 71 7.14 -3.68 27.92
N GLY C 72 7.27 -2.58 27.20
CA GLY C 72 6.81 -1.30 27.72
C GLY C 72 5.32 -1.21 27.57
N ASP C 73 4.83 -1.73 26.45
CA ASP C 73 3.41 -1.66 26.17
C ASP C 73 3.03 -2.88 25.37
N GLU C 74 1.74 -3.04 25.16
CA GLU C 74 1.24 -4.23 24.51
C GLU C 74 1.82 -4.36 23.11
N GLU C 75 2.04 -3.23 22.46
CA GLU C 75 2.49 -3.25 21.08
C GLU C 75 3.93 -3.68 20.98
N SER C 76 4.65 -3.64 22.08
CA SER C 76 6.05 -4.03 22.07
C SER C 76 6.22 -5.44 21.56
N TYR C 77 5.29 -6.32 21.92
CA TYR C 77 5.42 -7.74 21.58
C TYR C 77 5.26 -7.95 20.09
N GLU C 78 4.69 -6.94 19.44
CA GLU C 78 4.32 -7.03 18.03
C GLU C 78 5.32 -6.23 17.21
N VAL C 79 5.59 -5.00 17.64
CA VAL C 79 6.56 -4.17 16.97
C VAL C 79 7.94 -4.78 16.97
N PHE C 80 8.35 -5.36 18.10
CA PHE C 80 9.69 -5.91 18.19
C PHE C 80 9.68 -7.42 18.26
N ALA C 81 8.70 -8.02 17.58
CA ALA C 81 8.54 -9.46 17.60
C ALA C 81 9.82 -10.14 17.13
N GLU C 82 10.55 -9.50 16.23
CA GLU C 82 11.72 -10.13 15.65
C GLU C 82 12.80 -10.41 16.69
N ILE C 83 12.65 -9.86 17.90
CA ILE C 83 13.54 -10.21 18.98
C ILE C 83 12.80 -10.86 20.15
N PHE C 84 11.53 -10.49 20.34
CA PHE C 84 10.72 -11.13 21.38
C PHE C 84 10.37 -12.59 21.08
N ASP C 85 10.00 -12.89 19.84
CA ASP C 85 9.59 -14.25 19.47
C ASP C 85 10.65 -15.31 19.76
N PRO C 86 11.92 -15.04 19.42
CA PRO C 86 12.99 -15.97 19.82
C PRO C 86 13.17 -16.04 21.34
N VAL C 87 13.18 -14.89 22.01
CA VAL C 87 13.41 -14.86 23.45
C VAL C 87 12.33 -15.66 24.17
N ILE C 88 11.11 -15.58 23.65
CA ILE C 88 9.98 -16.32 24.23
C ILE C 88 10.18 -17.81 24.03
N LYS C 89 10.49 -18.18 22.79
CA LYS C 89 10.72 -19.58 22.42
C LYS C 89 11.86 -20.19 23.23
N ALA C 90 12.87 -19.38 23.55
CA ALA C 90 13.98 -19.85 24.37
C ALA C 90 13.55 -20.00 25.83
N ARG C 91 12.95 -18.96 26.38
CA ARG C 91 12.54 -19.00 27.76
C ARG C 91 11.61 -20.17 28.01
N HIS C 92 10.52 -20.24 27.25
CA HIS C 92 9.51 -21.27 27.46
C HIS C 92 9.83 -22.50 26.65
N ASN C 93 11.06 -23.00 26.88
CA ASN C 93 11.71 -24.03 26.07
C ASN C 93 10.81 -24.74 25.06
N GLY C 94 10.69 -24.16 23.88
CA GLY C 94 9.97 -24.81 22.81
C GLY C 94 8.89 -23.94 22.24
N TYR C 95 8.01 -23.45 23.11
CA TYR C 95 6.83 -22.73 22.65
C TYR C 95 7.23 -21.59 21.71
N ASP C 96 6.72 -21.64 20.49
CA ASP C 96 7.11 -20.67 19.46
C ASP C 96 5.89 -19.85 19.04
N PRO C 97 5.80 -18.60 19.54
CA PRO C 97 4.63 -17.76 19.30
C PRO C 97 4.37 -17.51 17.82
N ARG C 98 5.39 -17.77 17.00
CA ARG C 98 5.27 -17.59 15.56
C ARG C 98 4.35 -18.64 14.96
N THR C 99 4.45 -19.84 15.49
CA THR C 99 3.83 -20.99 14.86
C THR C 99 2.67 -21.58 15.68
N MET C 100 2.68 -21.34 16.99
CA MET C 100 1.72 -21.96 17.89
C MET C 100 0.67 -20.98 18.39
N LYS C 101 -0.46 -21.50 18.86
CA LYS C 101 -1.47 -20.69 19.54
C LYS C 101 -1.56 -21.12 21.01
N HIS C 102 -2.25 -20.34 21.83
CA HIS C 102 -2.34 -20.65 23.25
C HIS C 102 -3.78 -20.63 23.75
N HIS C 103 -4.15 -21.66 24.49
CA HIS C 103 -5.52 -21.84 24.93
C HIS C 103 -5.64 -21.52 26.41
N THR C 104 -6.58 -20.64 26.74
CA THR C 104 -6.82 -20.27 28.13
C THR C 104 -8.03 -21.05 28.60
N ASP C 105 -8.03 -21.52 29.84
CA ASP C 105 -9.14 -22.32 30.37
C ASP C 105 -9.21 -22.19 31.88
N LEU C 106 -10.07 -21.30 32.37
CA LEU C 106 -10.24 -21.11 33.79
C LEU C 106 -11.53 -21.78 34.23
N ASP C 107 -11.71 -23.02 33.80
CA ASP C 107 -12.81 -23.84 34.30
C ASP C 107 -12.34 -24.81 35.39
N ALA C 108 -12.59 -24.45 36.63
CA ALA C 108 -11.99 -25.15 37.76
C ALA C 108 -12.67 -26.48 37.97
N SER C 109 -13.88 -26.60 37.44
CA SER C 109 -14.61 -27.87 37.45
C SER C 109 -13.69 -28.99 37.01
N LYS C 110 -13.00 -28.75 35.90
CA LYS C 110 -12.11 -29.72 35.34
C LYS C 110 -11.07 -30.20 36.35
N ILE C 111 -10.78 -29.34 37.34
CA ILE C 111 -10.04 -29.76 38.53
C ILE C 111 -11.02 -30.47 39.47
N THR C 112 -10.96 -31.79 39.50
CA THR C 112 -11.91 -32.61 40.30
C THR C 112 -11.36 -33.03 41.65
N HIS C 113 -10.27 -33.81 41.63
CA HIS C 113 -9.70 -34.36 42.86
C HIS C 113 -8.39 -33.67 43.18
N GLY C 114 -8.49 -32.62 43.98
CA GLY C 114 -7.33 -31.84 44.35
C GLY C 114 -7.34 -31.49 45.83
N GLN C 115 -7.15 -32.50 46.66
CA GLN C 115 -6.95 -32.28 48.09
C GLN C 115 -5.65 -32.92 48.54
N PHE C 116 -4.82 -32.13 49.21
CA PHE C 116 -3.50 -32.58 49.59
C PHE C 116 -3.48 -33.19 51.00
N ASP C 117 -2.43 -33.94 51.28
CA ASP C 117 -2.14 -34.42 52.64
C ASP C 117 -1.85 -33.23 53.54
N GLU C 118 -2.81 -32.89 54.38
CA GLU C 118 -2.70 -31.69 55.19
C GLU C 118 -1.75 -31.89 56.37
N ARG C 119 -1.07 -33.02 56.40
CA ARG C 119 -0.03 -33.26 57.41
C ARG C 119 1.37 -33.02 56.81
N TYR C 120 1.41 -32.84 55.50
CA TYR C 120 2.65 -32.49 54.80
C TYR C 120 2.58 -31.09 54.17
N VAL C 121 1.46 -30.79 53.52
CA VAL C 121 1.24 -29.49 52.90
C VAL C 121 0.63 -28.52 53.92
N LEU C 122 1.23 -27.35 54.05
CA LEU C 122 0.79 -26.39 55.06
C LEU C 122 0.03 -25.23 54.44
N SER C 123 0.35 -24.92 53.19
CA SER C 123 -0.26 -23.81 52.48
C SER C 123 -0.44 -24.16 51.02
N SER C 124 -1.38 -23.49 50.36
CA SER C 124 -1.54 -23.63 48.91
C SER C 124 -1.94 -22.29 48.29
N ARG C 125 -1.38 -22.00 47.11
CA ARG C 125 -1.71 -20.77 46.38
C ARG C 125 -1.59 -20.86 44.86
N VAL C 126 -2.33 -19.99 44.18
CA VAL C 126 -2.14 -19.76 42.75
C VAL C 126 -2.18 -18.25 42.47
N ARG C 127 -1.17 -17.73 41.79
CA ARG C 127 -1.16 -16.32 41.42
C ARG C 127 -1.06 -16.13 39.91
N THR C 128 -1.42 -14.94 39.45
CA THR C 128 -1.29 -14.58 38.04
C THR C 128 -1.20 -13.07 37.91
N GLY C 129 -0.90 -12.60 36.71
CA GLY C 129 -0.95 -11.18 36.46
C GLY C 129 -2.00 -10.89 35.40
N ARG C 130 -2.68 -9.77 35.54
CA ARG C 130 -3.52 -9.25 34.46
C ARG C 130 -3.09 -7.82 34.14
N SER C 131 -3.06 -7.50 32.85
CA SER C 131 -2.73 -6.14 32.40
C SER C 131 -3.93 -5.45 31.75
N ILE C 132 -4.22 -4.23 32.16
CA ILE C 132 -5.34 -3.47 31.58
C ILE C 132 -4.97 -2.93 30.19
N ARG C 133 -5.77 -3.29 29.19
CA ARG C 133 -5.51 -2.87 27.81
C ARG C 133 -5.74 -1.38 27.66
N GLY C 134 -4.83 -0.70 26.97
CA GLY C 134 -4.99 0.72 26.73
C GLY C 134 -4.06 1.58 27.54
N LEU C 135 -3.45 0.98 28.56
CA LEU C 135 -2.50 1.70 29.40
C LEU C 135 -1.18 0.97 29.35
N SER C 136 -0.09 1.73 29.33
CA SER C 136 1.24 1.16 29.18
C SER C 136 1.62 0.34 30.40
N LEU C 137 2.47 -0.66 30.18
CA LEU C 137 2.96 -1.50 31.24
C LEU C 137 3.91 -0.69 32.14
N PRO C 138 4.34 -1.28 33.27
CA PRO C 138 5.11 -0.51 34.26
C PRO C 138 6.46 0.08 33.81
N PRO C 139 7.16 -0.55 32.85
CA PRO C 139 8.46 0.00 32.49
C PRO C 139 8.31 1.37 31.86
N ALA C 140 7.09 1.65 31.39
CA ALA C 140 6.88 2.78 30.50
C ALA C 140 5.80 3.72 30.99
N CYS C 141 4.87 3.25 31.78
CA CYS C 141 3.63 3.97 31.98
C CYS C 141 3.89 5.27 32.70
N SER C 142 3.30 6.35 32.22
CA SER C 142 3.41 7.65 32.86
C SER C 142 2.61 7.63 34.14
N ARG C 143 2.82 8.62 35.00
CA ARG C 143 2.14 8.66 36.28
C ARG C 143 0.64 8.62 36.10
N ALA C 144 0.16 9.29 35.05
CA ALA C 144 -1.27 9.38 34.78
C ALA C 144 -1.83 8.04 34.34
N GLU C 145 -1.05 7.32 33.53
CA GLU C 145 -1.44 5.99 33.11
C GLU C 145 -1.45 5.08 34.32
N ARG C 146 -0.43 5.20 35.17
CA ARG C 146 -0.32 4.33 36.33
C ARG C 146 -1.49 4.58 37.26
N ARG C 147 -1.82 5.86 37.38
CA ARG C 147 -2.93 6.26 38.21
C ARG C 147 -4.22 5.63 37.67
N GLU C 148 -4.35 5.60 36.35
CA GLU C 148 -5.58 5.12 35.73
C GLU C 148 -5.76 3.61 35.93
N VAL C 149 -4.66 2.87 35.88
CA VAL C 149 -4.69 1.44 36.17
C VAL C 149 -5.22 1.22 37.56
N GLU C 150 -4.74 2.00 38.52
CA GLU C 150 -5.20 1.88 39.91
C GLU C 150 -6.67 2.21 39.98
N ASN C 151 -7.10 3.22 39.25
CA ASN C 151 -8.49 3.64 39.31
C ASN C 151 -9.44 2.61 38.70
N VAL C 152 -9.05 2.05 37.56
CA VAL C 152 -9.86 1.06 36.89
C VAL C 152 -10.00 -0.19 37.74
N VAL C 153 -8.87 -0.70 38.24
CA VAL C 153 -8.86 -1.94 38.99
C VAL C 153 -9.52 -1.81 40.36
N VAL C 154 -9.25 -0.72 41.08
CA VAL C 154 -9.86 -0.55 42.39
C VAL C 154 -11.38 -0.44 42.35
N THR C 155 -11.91 0.32 41.41
CA THR C 155 -13.36 0.40 41.24
C THR C 155 -13.93 -0.99 40.97
N ALA C 156 -13.24 -1.75 40.13
CA ALA C 156 -13.69 -3.07 39.77
C ALA C 156 -13.79 -3.90 41.03
N LEU C 157 -12.71 -3.90 41.80
CA LEU C 157 -12.61 -4.74 42.98
C LEU C 157 -13.66 -4.32 43.98
N ALA C 158 -13.94 -3.02 44.01
CA ALA C 158 -14.86 -2.49 45.00
C ALA C 158 -16.27 -3.01 44.77
N GLY C 159 -16.52 -3.57 43.59
CA GLY C 159 -17.84 -4.08 43.26
C GLY C 159 -17.94 -5.57 43.45
N LEU C 160 -16.82 -6.19 43.85
CA LEU C 160 -16.84 -7.58 44.29
C LEU C 160 -17.62 -7.66 45.58
N LYS C 161 -18.33 -8.76 45.77
CA LYS C 161 -19.18 -8.94 46.93
C LYS C 161 -19.20 -10.40 47.30
N GLY C 162 -19.69 -10.69 48.51
CA GLY C 162 -19.71 -12.06 48.99
C GLY C 162 -18.45 -12.39 49.73
N ASP C 163 -17.88 -13.57 49.46
CA ASP C 163 -16.60 -13.95 50.05
C ASP C 163 -15.46 -13.26 49.33
N LEU C 164 -15.79 -12.59 48.23
CA LEU C 164 -14.80 -11.92 47.41
C LEU C 164 -14.73 -10.43 47.68
N SER C 165 -15.53 -9.94 48.61
CA SER C 165 -15.44 -8.54 48.99
C SER C 165 -14.32 -8.37 50.02
N GLY C 166 -13.79 -7.16 50.11
CA GLY C 166 -12.68 -6.89 51.01
C GLY C 166 -12.39 -5.41 50.99
N LYS C 167 -11.15 -5.03 51.23
CA LYS C 167 -10.82 -3.61 51.18
C LYS C 167 -9.47 -3.31 50.54
N TYR C 168 -9.23 -2.04 50.27
CA TYR C 168 -8.03 -1.60 49.56
C TYR C 168 -7.19 -0.64 50.42
N TYR C 169 -5.88 -0.86 50.42
CA TYR C 169 -4.94 -0.05 51.18
C TYR C 169 -3.94 0.58 50.22
N SER C 170 -3.72 1.89 50.34
CA SER C 170 -2.82 2.60 49.42
C SER C 170 -1.49 2.96 50.06
N LEU C 171 -0.40 2.43 49.50
CA LEU C 171 0.92 2.68 50.06
C LEU C 171 1.24 4.15 50.23
N THR C 172 0.63 5.02 49.41
CA THR C 172 1.01 6.43 49.38
C THR C 172 0.82 7.06 50.73
N ASN C 173 -0.25 6.66 51.40
CA ASN C 173 -0.49 7.11 52.76
C ASN C 173 -1.25 6.07 53.53
N MET C 174 -0.52 5.01 53.87
CA MET C 174 -1.07 3.88 54.61
C MET C 174 -0.56 4.02 56.04
N SER C 175 -1.48 4.17 56.97
CA SER C 175 -1.12 4.45 58.36
C SER C 175 -0.33 3.34 59.03
N GLU C 176 0.52 3.76 59.96
CA GLU C 176 1.29 2.87 60.82
C GLU C 176 0.58 1.56 61.17
N ARG C 177 -0.69 1.64 61.54
CA ARG C 177 -1.46 0.48 62.00
C ARG C 177 -1.62 -0.52 60.88
N ASP C 178 -2.19 -0.06 59.78
CA ASP C 178 -2.50 -0.91 58.65
C ASP C 178 -1.22 -1.51 58.08
N GLN C 179 -0.15 -0.75 58.16
CA GLN C 179 1.14 -1.17 57.63
C GLN C 179 1.61 -2.47 58.26
N GLN C 180 1.78 -2.44 59.58
CA GLN C 180 2.23 -3.61 60.34
C GLN C 180 1.29 -4.79 60.19
N GLN C 181 -0.01 -4.51 60.19
CA GLN C 181 -1.05 -5.54 60.03
C GLN C 181 -0.89 -6.28 58.70
N LEU C 182 -0.62 -5.52 57.65
CA LEU C 182 -0.38 -6.10 56.34
C LEU C 182 0.97 -6.81 56.28
N ILE C 183 1.89 -6.44 57.18
CA ILE C 183 3.18 -7.12 57.26
C ILE C 183 3.03 -8.48 57.95
N ASP C 184 2.18 -8.52 58.97
CA ASP C 184 1.94 -9.75 59.71
C ASP C 184 1.17 -10.76 58.85
N ASP C 185 0.16 -10.27 58.13
CA ASP C 185 -0.59 -11.10 57.19
C ASP C 185 0.28 -11.56 56.02
N HIS C 186 1.39 -10.83 55.79
CA HIS C 186 2.28 -11.04 54.64
C HIS C 186 1.60 -10.68 53.32
N PHE C 187 0.95 -9.52 53.30
CA PHE C 187 0.29 -9.01 52.12
C PHE C 187 1.05 -7.81 51.55
N LEU C 188 1.98 -7.26 52.34
CA LEU C 188 2.65 -6.03 51.97
C LEU C 188 3.76 -6.29 50.98
N PHE C 189 3.97 -5.34 50.08
CA PHE C 189 5.19 -5.29 49.27
C PHE C 189 5.70 -3.85 49.35
N ASP C 190 6.93 -3.62 48.88
CA ASP C 190 7.38 -2.26 48.63
C ASP C 190 8.48 -2.16 47.58
N LYS C 191 9.04 -0.96 47.42
CA LYS C 191 9.86 -0.60 46.27
C LYS C 191 10.81 -1.71 45.86
N PRO C 192 10.71 -2.18 44.60
CA PRO C 192 11.60 -3.24 44.12
C PRO C 192 13.06 -2.86 44.31
N VAL C 193 13.91 -3.87 44.50
CA VAL C 193 15.31 -3.62 44.69
C VAL C 193 16.18 -4.34 43.66
N SER C 194 15.67 -5.44 43.12
CA SER C 194 16.38 -6.18 42.10
C SER C 194 16.71 -5.26 40.92
N PRO C 195 17.99 -5.15 40.58
CA PRO C 195 18.39 -4.36 39.41
C PRO C 195 17.73 -4.83 38.13
N LEU C 196 17.27 -6.09 38.14
CA LEU C 196 16.55 -6.62 37.01
C LEU C 196 15.29 -5.81 36.75
N LEU C 197 14.65 -5.38 37.83
CA LEU C 197 13.41 -4.63 37.75
C LEU C 197 13.66 -3.12 37.73
N THR C 198 14.48 -2.66 38.66
CA THR C 198 14.67 -1.23 38.85
C THR C 198 15.41 -0.62 37.68
N CYS C 199 16.31 -1.40 37.08
CA CYS C 199 17.02 -0.98 35.88
C CYS C 199 16.12 -1.04 34.64
N ALA C 200 14.92 -1.63 34.78
CA ALA C 200 13.91 -1.61 33.74
C ALA C 200 12.86 -0.52 33.99
N GLY C 201 13.17 0.36 34.93
CA GLY C 201 12.31 1.49 35.19
C GLY C 201 10.98 1.15 35.81
N MET C 202 10.96 0.15 36.70
CA MET C 202 9.71 -0.32 37.28
C MET C 202 9.51 0.21 38.69
N ALA C 203 10.41 1.08 39.12
CA ALA C 203 10.35 1.60 40.47
C ALA C 203 10.15 3.10 40.50
N ARG C 204 9.79 3.68 39.35
CA ARG C 204 9.66 5.13 39.23
C ARG C 204 8.50 5.64 40.04
N ASP C 205 8.61 6.85 40.54
CA ASP C 205 7.51 7.47 41.27
C ASP C 205 6.97 6.63 42.45
N TRP C 206 7.83 5.84 43.09
CA TRP C 206 7.35 5.01 44.20
C TRP C 206 6.97 5.87 45.40
N PRO C 207 5.82 5.57 46.05
CA PRO C 207 4.88 4.45 45.89
C PRO C 207 3.59 4.87 45.19
N ASP C 208 3.65 5.97 44.46
CA ASP C 208 2.47 6.56 43.84
C ASP C 208 1.62 5.53 43.11
N ALA C 209 0.33 5.49 43.45
CA ALA C 209 -0.62 4.62 42.78
C ALA C 209 -0.38 3.12 42.91
N ARG C 210 0.43 2.71 43.89
CA ARG C 210 0.43 1.30 44.29
C ARG C 210 -0.49 1.07 45.48
N GLY C 211 -0.90 -0.18 45.69
CA GLY C 211 -1.77 -0.50 46.81
C GLY C 211 -2.08 -1.98 46.89
N ILE C 212 -2.53 -2.43 48.06
CA ILE C 212 -2.92 -3.82 48.27
C ILE C 212 -4.41 -3.88 48.51
N TRP C 213 -5.07 -4.83 47.88
CA TRP C 213 -6.46 -5.13 48.20
C TRP C 213 -6.55 -6.61 48.52
N HIS C 214 -7.32 -6.94 49.56
CA HIS C 214 -7.63 -8.34 49.86
C HIS C 214 -9.06 -8.47 50.36
N ASN C 215 -9.65 -9.64 50.14
CA ASN C 215 -10.99 -9.94 50.61
C ASN C 215 -10.98 -10.06 52.12
N ASN C 216 -12.16 -10.06 52.71
CA ASN C 216 -12.26 -9.89 54.14
C ASN C 216 -11.68 -11.03 54.95
N ASP C 217 -11.77 -12.26 54.47
CA ASP C 217 -11.09 -13.35 55.17
C ASP C 217 -9.80 -13.79 54.51
N LYS C 218 -9.13 -12.84 53.87
CA LYS C 218 -7.72 -12.97 53.52
C LYS C 218 -7.37 -14.23 52.72
N THR C 219 -8.20 -14.53 51.73
CA THR C 219 -7.92 -15.62 50.82
C THR C 219 -7.88 -15.19 49.35
N PHE C 220 -7.97 -13.89 49.12
CA PHE C 220 -7.84 -13.33 47.77
C PHE C 220 -7.06 -12.03 47.82
N LEU C 221 -5.85 -12.05 47.29
CA LEU C 221 -4.96 -10.89 47.27
C LEU C 221 -4.84 -10.31 45.86
N VAL C 222 -4.89 -8.98 45.74
CA VAL C 222 -4.62 -8.29 44.48
C VAL C 222 -3.61 -7.18 44.75
N TRP C 223 -2.46 -7.24 44.08
CA TRP C 223 -1.45 -6.20 44.22
C TRP C 223 -1.47 -5.29 43.01
N ILE C 224 -1.71 -4.01 43.25
CA ILE C 224 -1.95 -3.08 42.16
C ILE C 224 -0.70 -2.28 41.89
N ASN C 225 -0.17 -2.45 40.69
CA ASN C 225 0.87 -1.58 40.16
C ASN C 225 2.25 -1.86 40.71
N GLU C 226 2.48 -3.09 41.14
CA GLU C 226 3.82 -3.47 41.60
C GLU C 226 4.70 -3.74 40.38
N GLU C 227 4.94 -5.00 40.05
CA GLU C 227 5.72 -5.29 38.87
C GLU C 227 4.85 -5.74 37.70
N ASP C 228 3.60 -5.26 37.72
CA ASP C 228 2.60 -5.57 36.70
C ASP C 228 1.28 -4.89 37.07
N HIS C 229 0.44 -4.59 36.07
CA HIS C 229 -0.80 -3.86 36.31
C HIS C 229 -1.53 -4.43 37.52
N THR C 230 -1.79 -5.74 37.49
CA THR C 230 -2.29 -6.45 38.65
C THR C 230 -1.53 -7.75 38.83
N ARG C 231 -1.25 -8.10 40.08
CA ARG C 231 -0.97 -9.48 40.41
C ARG C 231 -2.08 -10.02 41.32
N VAL C 232 -2.74 -11.08 40.86
CA VAL C 232 -3.91 -11.57 41.55
C VAL C 232 -3.57 -12.92 42.14
N ILE C 233 -3.98 -13.10 43.39
CA ILE C 233 -3.48 -14.17 44.24
C ILE C 233 -4.65 -14.81 44.99
N SER C 234 -4.90 -16.08 44.74
CA SER C 234 -5.77 -16.87 45.62
C SER C 234 -4.90 -17.82 46.41
N MET C 235 -4.89 -17.62 47.72
CA MET C 235 -4.14 -18.52 48.59
C MET C 235 -4.93 -18.85 49.84
N GLU C 236 -4.70 -20.05 50.34
CA GLU C 236 -5.44 -20.59 51.46
C GLU C 236 -4.48 -21.45 52.27
N LYS C 237 -4.76 -21.59 53.56
CA LYS C 237 -4.01 -22.54 54.37
C LYS C 237 -4.53 -23.94 54.09
N GLY C 238 -3.71 -24.92 54.41
CA GLY C 238 -4.10 -26.30 54.19
C GLY C 238 -3.76 -26.74 52.79
N GLY C 239 -4.64 -27.52 52.18
CA GLY C 239 -4.30 -28.14 50.92
C GLY C 239 -5.52 -28.41 50.04
N ASN C 240 -6.59 -27.64 50.26
CA ASN C 240 -7.78 -27.76 49.43
C ASN C 240 -7.56 -27.00 48.12
N MET C 241 -6.65 -27.51 47.30
CA MET C 241 -6.24 -26.82 46.10
C MET C 241 -7.45 -26.52 45.20
N LYS C 242 -8.37 -27.47 45.10
CA LYS C 242 -9.52 -27.30 44.22
C LYS C 242 -10.33 -26.10 44.62
N ARG C 243 -10.45 -25.85 45.92
CA ARG C 243 -11.21 -24.70 46.37
C ARG C 243 -10.44 -23.43 46.10
N VAL C 244 -9.15 -23.44 46.39
CA VAL C 244 -8.29 -22.30 46.06
C VAL C 244 -8.45 -21.89 44.59
N PHE C 245 -8.42 -22.87 43.70
CA PHE C 245 -8.58 -22.61 42.29
C PHE C 245 -9.99 -22.15 41.93
N GLU C 246 -11.00 -22.76 42.56
CA GLU C 246 -12.39 -22.41 42.29
C GLU C 246 -12.67 -20.96 42.58
N ARG C 247 -11.92 -20.37 43.51
CA ARG C 247 -12.11 -18.96 43.87
C ARG C 247 -11.28 -18.04 42.98
N PHE C 248 -10.08 -18.51 42.66
CA PHE C 248 -9.22 -17.82 41.73
C PHE C 248 -9.97 -17.56 40.43
N CYS C 249 -10.54 -18.62 39.86
CA CYS C 249 -11.30 -18.48 38.63
C CYS C 249 -12.55 -17.63 38.81
N ARG C 250 -13.06 -17.60 40.04
CA ARG C 250 -14.31 -16.93 40.30
C ARG C 250 -14.09 -15.44 40.43
N GLY C 251 -12.98 -15.07 41.08
CA GLY C 251 -12.65 -13.66 41.26
C GLY C 251 -12.15 -13.07 39.96
N LEU C 252 -11.45 -13.89 39.19
CA LEU C 252 -10.91 -13.46 37.92
C LEU C 252 -12.02 -13.21 36.90
N LYS C 253 -13.11 -13.98 36.99
CA LYS C 253 -14.20 -13.81 36.03
C LYS C 253 -15.11 -12.65 36.41
N GLU C 254 -15.16 -12.32 37.70
CA GLU C 254 -16.06 -11.30 38.17
C GLU C 254 -15.39 -9.93 38.02
N VAL C 255 -14.06 -9.93 38.15
CA VAL C 255 -13.29 -8.71 37.94
C VAL C 255 -13.34 -8.35 36.47
N GLU C 256 -13.07 -9.32 35.59
CA GLU C 256 -13.13 -9.04 34.16
C GLU C 256 -14.52 -8.59 33.77
N ARG C 257 -15.53 -9.13 34.44
CA ARG C 257 -16.91 -8.71 34.18
C ARG C 257 -17.10 -7.24 34.49
N LEU C 258 -16.58 -6.79 35.63
CA LEU C 258 -16.83 -5.43 36.07
C LEU C 258 -16.00 -4.37 35.35
N ILE C 259 -14.84 -4.76 34.81
CA ILE C 259 -14.07 -3.79 34.05
C ILE C 259 -14.67 -3.66 32.66
N LYS C 260 -15.12 -4.78 32.09
CA LYS C 260 -15.76 -4.75 30.77
C LYS C 260 -17.04 -3.92 30.83
N GLU C 261 -17.64 -3.85 32.00
CA GLU C 261 -18.87 -3.09 32.20
C GLU C 261 -18.61 -1.59 32.06
N ARG C 262 -17.43 -1.15 32.48
CA ARG C 262 -17.10 0.26 32.42
C ARG C 262 -16.28 0.54 31.17
N GLY C 263 -15.93 -0.52 30.46
CA GLY C 263 -15.42 -0.35 29.10
C GLY C 263 -14.01 -0.81 28.85
N TRP C 264 -13.36 -1.37 29.87
CA TRP C 264 -11.95 -1.78 29.77
C TRP C 264 -11.83 -3.29 29.54
N GLU C 265 -10.79 -3.72 28.85
CA GLU C 265 -10.53 -5.15 28.71
C GLU C 265 -9.18 -5.54 29.28
N PHE C 266 -8.93 -6.84 29.43
CA PHE C 266 -7.59 -7.36 29.75
C PHE C 266 -6.84 -7.54 28.44
N MET C 267 -5.55 -7.22 28.42
CA MET C 267 -4.72 -7.53 27.27
C MET C 267 -4.59 -9.04 27.17
N TRP C 268 -4.91 -9.57 26.00
CA TRP C 268 -4.80 -11.00 25.75
C TRP C 268 -4.74 -11.14 24.24
N ASN C 269 -3.93 -12.07 23.76
CA ASN C 269 -3.95 -12.41 22.35
C ASN C 269 -3.70 -13.90 22.16
N GLU C 270 -4.03 -14.42 21.00
CA GLU C 270 -4.09 -15.85 20.83
C GLU C 270 -2.74 -16.53 20.74
N ARG C 271 -1.70 -15.82 20.36
CA ARG C 271 -0.39 -16.46 20.26
C ARG C 271 0.46 -16.27 21.52
N LEU C 272 0.07 -15.33 22.37
CA LEU C 272 0.82 -15.07 23.58
C LEU C 272 0.02 -15.33 24.84
N GLY C 273 -1.28 -15.48 24.71
CA GLY C 273 -2.11 -15.59 25.89
C GLY C 273 -2.21 -14.25 26.58
N TYR C 274 -2.12 -14.25 27.90
CA TYR C 274 -2.33 -13.04 28.69
C TYR C 274 -1.07 -12.17 28.74
N VAL C 275 -1.06 -11.06 28.01
CA VAL C 275 0.13 -10.24 27.87
C VAL C 275 0.54 -9.59 29.19
N LEU C 276 1.78 -9.82 29.60
CA LEU C 276 2.31 -9.21 30.81
C LEU C 276 3.69 -8.66 30.52
N THR C 277 4.24 -7.90 31.46
CA THR C 277 5.40 -7.09 31.13
C THR C 277 6.69 -7.89 30.97
N CYS C 278 6.81 -9.04 31.62
CA CYS C 278 8.01 -9.86 31.44
C CYS C 278 7.74 -11.12 30.61
N PRO C 279 8.51 -11.36 29.54
CA PRO C 279 8.21 -12.45 28.62
C PRO C 279 8.03 -13.81 29.30
N SER C 280 8.74 -14.01 30.41
CA SER C 280 8.65 -15.27 31.14
C SER C 280 7.28 -15.56 31.75
N ASN C 281 6.44 -14.54 31.91
CA ASN C 281 5.12 -14.72 32.50
C ASN C 281 3.99 -14.63 31.50
N LEU C 282 4.31 -14.88 30.23
CA LEU C 282 3.29 -14.91 29.18
C LEU C 282 2.39 -16.14 29.33
N GLY C 283 1.46 -16.31 28.39
CA GLY C 283 0.58 -17.47 28.41
C GLY C 283 -0.44 -17.50 29.53
N THR C 284 -0.06 -18.09 30.65
CA THR C 284 -0.98 -18.28 31.78
C THR C 284 -0.64 -17.33 32.92
N GLY C 285 0.63 -16.91 32.97
CA GLY C 285 1.13 -16.10 34.06
C GLY C 285 0.95 -16.79 35.39
N LEU C 286 0.77 -18.11 35.35
CA LEU C 286 0.25 -18.85 36.50
C LEU C 286 1.33 -19.53 37.34
N ARG C 287 1.17 -19.43 38.66
CA ARG C 287 2.06 -20.12 39.58
C ARG C 287 1.30 -20.78 40.70
N ALA C 288 0.90 -22.02 40.45
CA ALA C 288 0.24 -22.83 41.45
C ALA C 288 1.30 -23.63 42.20
N GLY C 289 1.26 -23.53 43.53
CA GLY C 289 2.30 -24.13 44.33
C GLY C 289 1.88 -24.41 45.76
N VAL C 290 2.70 -25.16 46.46
CA VAL C 290 2.38 -25.61 47.81
C VAL C 290 3.62 -25.55 48.67
N HIS C 291 3.43 -25.32 49.97
CA HIS C 291 4.52 -25.46 50.94
C HIS C 291 4.51 -26.85 51.55
N VAL C 292 5.35 -27.72 51.01
CA VAL C 292 5.40 -29.11 51.48
C VAL C 292 6.48 -29.30 52.51
N LYS C 293 6.23 -30.22 53.43
CA LYS C 293 7.26 -30.69 54.34
C LYS C 293 7.76 -32.01 53.76
N LEU C 294 9.02 -32.05 53.32
CA LEU C 294 9.53 -33.20 52.57
C LEU C 294 10.94 -33.68 52.95
N PRO C 295 11.19 -33.99 54.24
CA PRO C 295 12.54 -34.21 54.76
C PRO C 295 13.26 -35.42 54.16
N ARG C 296 12.52 -36.50 53.92
CA ARG C 296 13.10 -37.73 53.37
C ARG C 296 13.47 -37.58 51.90
N LEU C 297 12.46 -37.26 51.09
CA LEU C 297 12.64 -37.10 49.64
C LEU C 297 13.64 -35.98 49.37
N SER C 298 13.72 -35.04 50.29
CA SER C 298 14.67 -33.94 50.21
C SER C 298 16.10 -34.45 50.16
N LYS C 299 16.39 -35.46 50.98
CA LYS C 299 17.76 -35.96 51.10
C LYS C 299 18.08 -36.95 49.97
N ASP C 300 17.05 -37.60 49.43
CA ASP C 300 17.24 -38.54 48.33
C ASP C 300 17.73 -37.80 47.10
N PRO C 301 18.76 -38.34 46.45
CA PRO C 301 19.35 -37.75 45.23
C PRO C 301 18.56 -38.02 43.96
N ARG C 302 17.34 -38.51 44.10
CA ARG C 302 16.43 -38.65 42.98
C ARG C 302 15.35 -37.58 43.01
N PHE C 303 15.38 -36.75 44.05
CA PHE C 303 14.45 -35.62 44.17
C PHE C 303 14.47 -34.77 42.90
N PRO C 304 15.66 -34.25 42.53
CA PRO C 304 15.75 -33.35 41.38
C PRO C 304 15.17 -33.92 40.09
N LYS C 305 15.47 -35.18 39.81
CA LYS C 305 15.01 -35.79 38.58
C LYS C 305 13.52 -36.12 38.61
N ILE C 306 12.99 -36.37 39.81
CA ILE C 306 11.56 -36.59 39.95
C ILE C 306 10.86 -35.27 39.68
N LEU C 307 11.39 -34.22 40.29
CA LEU C 307 10.92 -32.86 40.12
C LEU C 307 10.90 -32.50 38.64
N GLU C 308 12.05 -32.67 38.01
CA GLU C 308 12.24 -32.33 36.61
C GLU C 308 11.25 -33.09 35.73
N ASN C 309 11.03 -34.37 36.06
CA ASN C 309 10.14 -35.20 35.26
C ASN C 309 8.69 -34.81 35.48
N LEU C 310 8.39 -34.36 36.69
CA LEU C 310 7.03 -33.99 37.04
C LEU C 310 6.69 -32.55 36.59
N ARG C 311 7.70 -31.82 36.11
CA ARG C 311 7.52 -30.45 35.65
C ARG C 311 7.18 -29.54 36.83
N LEU C 312 7.83 -29.82 37.96
CA LEU C 312 7.77 -28.97 39.15
C LEU C 312 9.08 -28.21 39.30
N GLN C 313 9.17 -27.42 40.37
CA GLN C 313 10.32 -26.55 40.55
C GLN C 313 10.46 -26.21 42.03
N LYS C 314 11.69 -26.30 42.52
CA LYS C 314 11.96 -26.12 43.94
C LYS C 314 12.27 -24.65 44.25
N ARG C 315 11.71 -24.14 45.35
CA ARG C 315 11.92 -22.75 45.76
C ARG C 315 11.98 -22.69 47.28
N GLY C 316 13.19 -22.75 47.84
CA GLY C 316 13.34 -22.71 49.28
C GLY C 316 12.61 -21.53 49.87
N THR C 317 11.63 -21.80 50.74
CA THR C 317 10.81 -20.74 51.35
C THR C 317 11.69 -19.73 52.09
N GLY C 318 11.95 -18.60 51.43
CA GLY C 318 12.86 -17.61 51.98
C GLY C 318 12.74 -16.26 51.31
N GLY C 319 11.72 -15.51 51.70
CA GLY C 319 11.57 -14.13 51.27
C GLY C 319 11.03 -13.34 52.45
N VAL C 320 9.80 -13.67 52.82
CA VAL C 320 9.31 -13.44 54.18
C VAL C 320 9.64 -14.67 55.02
N ASP C 321 10.18 -14.45 56.21
CA ASP C 321 10.52 -15.54 57.11
C ASP C 321 9.57 -15.64 58.31
N THR C 322 9.29 -16.87 58.73
CA THR C 322 8.37 -17.11 59.84
C THR C 322 8.74 -18.39 60.60
N ALA C 323 9.93 -18.41 61.20
CA ALA C 323 10.42 -19.54 62.00
C ALA C 323 10.32 -20.88 61.26
N ALA C 324 10.71 -20.87 59.99
CA ALA C 324 10.48 -21.99 59.08
C ALA C 324 11.34 -23.21 59.39
N VAL C 325 10.85 -24.38 58.98
CA VAL C 325 11.58 -25.65 59.11
C VAL C 325 12.55 -25.80 57.94
N ALA C 326 13.53 -26.69 58.09
CA ALA C 326 14.40 -27.07 56.99
C ALA C 326 13.73 -28.14 56.11
N ASP C 327 12.42 -28.32 56.28
CA ASP C 327 11.66 -29.28 55.50
C ASP C 327 10.50 -28.66 54.73
N VAL C 328 10.19 -27.39 55.01
CA VAL C 328 9.18 -26.65 54.26
C VAL C 328 9.67 -26.25 52.86
N TYR C 329 8.83 -26.49 51.87
CA TYR C 329 9.24 -26.40 50.47
C TYR C 329 8.22 -25.66 49.63
N ASP C 330 8.69 -24.77 48.76
CA ASP C 330 7.85 -24.21 47.72
C ASP C 330 8.04 -25.02 46.44
N ILE C 331 7.09 -25.90 46.19
CA ILE C 331 7.04 -26.68 44.96
C ILE C 331 5.89 -26.13 44.11
N SER C 332 6.23 -25.66 42.90
CA SER C 332 5.28 -24.98 42.02
C SER C 332 5.43 -25.45 40.59
N ASN C 333 4.49 -25.08 39.72
CA ASN C 333 4.53 -25.54 38.34
C ASN C 333 5.66 -24.86 37.59
N LEU C 334 6.27 -25.62 36.69
CA LEU C 334 7.44 -25.14 35.97
C LEU C 334 6.98 -24.37 34.75
N ASP C 335 6.06 -24.97 34.00
CA ASP C 335 5.57 -24.35 32.76
C ASP C 335 4.73 -23.10 32.98
N ARG C 336 4.64 -22.26 31.95
CA ARG C 336 3.75 -21.11 31.94
C ARG C 336 2.96 -20.94 30.66
N MET C 337 3.52 -21.43 29.55
CA MET C 337 2.96 -21.16 28.24
C MET C 337 2.47 -22.37 27.47
N GLY C 338 3.05 -23.53 27.73
CA GLY C 338 2.61 -24.71 27.00
C GLY C 338 1.14 -25.01 27.19
N ARG C 339 0.70 -24.90 28.45
CA ARG C 339 -0.53 -25.52 28.89
C ARG C 339 -1.55 -24.47 29.35
N SER C 340 -2.79 -24.90 29.51
CA SER C 340 -3.84 -24.02 30.00
C SER C 340 -3.74 -23.90 31.52
N GLU C 341 -4.55 -23.01 32.08
CA GLU C 341 -4.50 -22.74 33.51
C GLU C 341 -4.94 -24.00 34.26
N VAL C 342 -5.98 -24.66 33.76
CA VAL C 342 -6.42 -25.94 34.30
C VAL C 342 -5.31 -26.99 34.22
N GLU C 343 -4.80 -27.22 33.01
CA GLU C 343 -3.73 -28.19 32.79
C GLU C 343 -2.57 -27.99 33.77
N LEU C 344 -2.19 -26.74 34.00
CA LEU C 344 -1.07 -26.45 34.88
C LEU C 344 -1.38 -26.73 36.36
N VAL C 345 -2.59 -26.40 36.80
CA VAL C 345 -2.96 -26.62 38.18
C VAL C 345 -3.05 -28.11 38.46
N GLN C 346 -3.52 -28.88 37.49
CA GLN C 346 -3.58 -30.34 37.63
C GLN C 346 -2.17 -30.91 37.71
N ILE C 347 -1.25 -30.38 36.92
CA ILE C 347 0.15 -30.78 36.99
C ILE C 347 0.67 -30.65 38.42
N VAL C 348 0.32 -29.56 39.09
CA VAL C 348 0.77 -29.37 40.46
C VAL C 348 0.04 -30.32 41.40
N ILE C 349 -1.26 -30.53 41.15
CA ILE C 349 -2.04 -31.46 41.97
C ILE C 349 -1.39 -32.83 41.95
N ASP C 350 -1.26 -33.41 40.75
CA ASP C 350 -0.67 -34.73 40.59
C ASP C 350 0.76 -34.77 41.12
N GLY C 351 1.60 -33.87 40.64
CA GLY C 351 3.01 -33.88 40.99
C GLY C 351 3.26 -33.77 42.47
N VAL C 352 2.48 -32.94 43.16
CA VAL C 352 2.66 -32.76 44.59
C VAL C 352 2.20 -34.01 45.31
N ASN C 353 1.08 -34.57 44.88
CA ASN C 353 0.53 -35.77 45.50
C ASN C 353 1.56 -36.88 45.44
N TYR C 354 2.13 -37.07 44.24
CA TYR C 354 3.20 -38.04 44.05
C TYR C 354 4.36 -37.76 45.00
N LEU C 355 4.80 -36.51 45.05
CA LEU C 355 5.86 -36.10 45.95
C LEU C 355 5.54 -36.49 47.39
N VAL C 356 4.29 -36.31 47.80
CA VAL C 356 3.88 -36.61 49.16
C VAL C 356 3.94 -38.11 49.39
N ASP C 357 3.42 -38.84 48.41
CA ASP C 357 3.41 -40.31 48.43
C ASP C 357 4.82 -40.88 48.55
N CYS C 358 5.76 -40.29 47.83
CA CYS C 358 7.16 -40.71 47.89
C CYS C 358 7.78 -40.44 49.26
N GLU C 359 7.37 -39.36 49.91
CA GLU C 359 7.85 -39.07 51.25
C GLU C 359 7.38 -40.16 52.20
N LYS C 360 6.08 -40.49 52.09
CA LYS C 360 5.49 -41.58 52.87
C LYS C 360 6.24 -42.90 52.67
N LYS C 361 6.46 -43.26 51.40
CA LYS C 361 7.21 -44.46 51.04
C LYS C 361 8.51 -44.54 51.81
N LEU C 362 9.30 -43.49 51.71
CA LEU C 362 10.64 -43.48 52.30
C LEU C 362 10.60 -43.46 53.82
N GLU C 363 9.47 -43.08 54.39
CA GLU C 363 9.28 -43.19 55.83
C GLU C 363 9.13 -44.66 56.21
N LYS C 364 8.33 -45.38 55.44
CA LYS C 364 8.09 -46.79 55.68
C LYS C 364 9.18 -47.63 55.03
N GLY C 365 10.36 -47.04 54.86
CA GLY C 365 11.52 -47.77 54.36
C GLY C 365 11.49 -48.04 52.87
N GLN C 366 10.47 -48.78 52.42
CA GLN C 366 10.23 -49.06 51.00
C GLN C 366 10.60 -47.92 50.07
N ASP C 367 11.21 -48.27 48.94
CA ASP C 367 11.83 -47.26 48.09
C ASP C 367 10.91 -46.70 47.00
N ILE C 368 11.20 -45.45 46.63
CA ILE C 368 10.43 -44.73 45.61
C ILE C 368 11.00 -44.99 44.22
N LYS C 369 10.55 -44.19 43.25
CA LYS C 369 11.10 -44.26 41.91
C LYS C 369 10.97 -42.89 41.21
N VAL C 370 11.48 -42.81 39.98
CA VAL C 370 11.40 -41.59 39.19
C VAL C 370 10.36 -41.79 38.07
N PRO C 371 9.27 -41.02 38.12
CA PRO C 371 8.18 -41.17 37.15
C PRO C 371 8.61 -40.75 35.73
N PRO C 372 7.99 -41.33 34.70
CA PRO C 372 8.36 -41.01 33.31
C PRO C 372 7.95 -39.59 32.93
N PRO C 373 8.86 -38.83 32.28
CA PRO C 373 8.76 -37.37 32.25
C PRO C 373 7.56 -36.88 31.43
N LEU C 374 6.93 -35.81 31.92
CA LEU C 374 5.81 -35.20 31.22
C LEU C 374 6.32 -34.54 29.95
N PRO C 375 5.51 -34.55 28.88
CA PRO C 375 5.69 -33.70 27.71
C PRO C 375 5.70 -32.21 28.07
N GLN C 376 6.50 -31.43 27.36
CA GLN C 376 6.65 -30.01 27.68
C GLN C 376 5.43 -29.19 27.28
N PHE C 377 4.59 -29.74 26.42
CA PHE C 377 3.42 -29.02 25.97
C PHE C 377 2.13 -29.66 26.44
N GLY C 378 1.01 -28.99 26.15
CA GLY C 378 -0.29 -29.47 26.55
C GLY C 378 -1.11 -29.96 25.37
N ARG C 379 -2.42 -30.02 25.56
CA ARG C 379 -3.28 -30.54 24.50
C ARG C 379 -3.73 -29.45 23.54
N LYS C 380 -4.59 -29.84 22.60
CA LYS C 380 -5.20 -28.92 21.63
C LYS C 380 -4.20 -28.26 20.68
N THR D 1 -3.23 10.08 -3.53
CA THR D 1 -3.25 10.75 -4.86
C THR D 1 -3.33 12.28 -4.69
N VAL D 2 -2.91 13.01 -5.74
CA VAL D 2 -2.84 14.48 -5.74
C VAL D 2 -4.20 15.15 -5.99
N HIS D 3 -4.48 16.20 -5.21
CA HIS D 3 -5.80 16.77 -5.13
C HIS D 3 -5.88 18.27 -5.39
N GLU D 4 -7.01 18.69 -5.95
CA GLU D 4 -7.28 20.09 -6.27
C GLU D 4 -7.59 20.89 -5.02
N LYS D 5 -7.27 22.18 -5.09
CA LYS D 5 -7.84 23.17 -4.18
C LYS D 5 -9.35 23.28 -4.44
N ARG D 6 -9.76 22.85 -5.64
CA ARG D 6 -11.15 22.91 -6.11
C ARG D 6 -12.10 22.13 -5.20
N LYS D 7 -11.59 21.73 -4.05
CA LYS D 7 -12.41 21.29 -2.94
C LYS D 7 -13.44 22.30 -2.40
N LEU D 8 -13.65 23.39 -3.13
CA LEU D 8 -14.42 24.50 -2.59
C LEU D 8 -15.92 24.23 -2.45
N PHE D 9 -16.55 23.72 -3.49
CA PHE D 9 -17.96 23.36 -3.41
C PHE D 9 -18.11 21.84 -3.59
N PRO D 10 -19.27 21.26 -3.23
CA PRO D 10 -19.48 19.87 -3.61
C PRO D 10 -19.37 19.73 -5.14
N PRO D 11 -18.53 18.80 -5.63
CA PRO D 11 -18.26 18.69 -7.08
C PRO D 11 -19.49 18.74 -7.99
N SER D 12 -20.60 18.18 -7.53
CA SER D 12 -21.81 18.26 -8.34
C SER D 12 -22.24 19.70 -8.59
N ALA D 13 -22.01 20.58 -7.62
CA ALA D 13 -22.33 21.97 -7.83
C ALA D 13 -21.53 22.51 -8.98
N ASP D 14 -20.51 21.78 -9.39
CA ASP D 14 -19.64 22.21 -10.47
C ASP D 14 -19.95 21.51 -11.79
N TYR D 15 -21.05 20.77 -11.87
CA TYR D 15 -21.33 19.99 -13.07
C TYR D 15 -21.75 20.87 -14.25
N PRO D 16 -21.20 20.62 -15.46
CA PRO D 16 -21.57 21.49 -16.58
C PRO D 16 -23.00 21.27 -17.02
N ASP D 17 -23.64 22.30 -17.54
CA ASP D 17 -24.98 22.16 -18.13
C ASP D 17 -24.80 21.74 -19.59
N LEU D 18 -24.82 20.45 -19.85
CA LEU D 18 -24.53 19.96 -21.19
C LEU D 18 -25.81 19.57 -21.93
N ARG D 19 -26.92 20.20 -21.56
CA ARG D 19 -28.23 19.79 -22.07
C ARG D 19 -28.36 19.94 -23.58
N LYS D 20 -27.81 21.03 -24.10
CA LYS D 20 -27.94 21.33 -25.52
C LYS D 20 -26.68 20.96 -26.29
N HIS D 21 -25.88 20.08 -25.72
CA HIS D 21 -24.59 19.74 -26.30
C HIS D 21 -24.65 18.45 -27.08
N ASN D 22 -23.96 18.42 -28.21
CA ASN D 22 -23.68 17.16 -28.90
C ASN D 22 -22.23 17.13 -29.29
N ASN D 23 -21.41 16.74 -28.33
CA ASN D 23 -20.05 16.33 -28.62
C ASN D 23 -19.75 15.12 -27.77
N CYS D 24 -18.75 14.35 -28.18
CA CYS D 24 -18.46 13.08 -27.57
C CYS D 24 -18.22 13.16 -26.05
N MET D 25 -17.68 14.29 -25.61
CA MET D 25 -17.52 14.58 -24.18
C MET D 25 -18.86 14.66 -23.48
N ALA D 26 -19.71 15.59 -23.91
CA ALA D 26 -21.03 15.76 -23.32
C ALA D 26 -21.80 14.44 -23.37
N GLU D 27 -21.58 13.70 -24.46
CA GLU D 27 -22.35 12.51 -24.70
C GLU D 27 -21.98 11.43 -23.70
N CYS D 28 -20.75 11.51 -23.18
CA CYS D 28 -20.21 10.44 -22.35
C CYS D 28 -20.00 10.78 -20.87
N LEU D 29 -20.03 12.07 -20.53
CA LEU D 29 -19.88 12.51 -19.15
C LEU D 29 -21.12 12.19 -18.32
N THR D 30 -20.90 11.86 -17.05
CA THR D 30 -21.99 11.53 -16.14
C THR D 30 -21.71 12.13 -14.77
N PRO D 31 -22.76 12.52 -14.03
CA PRO D 31 -22.63 13.08 -12.68
C PRO D 31 -21.63 12.36 -11.81
N ALA D 32 -21.63 11.03 -11.93
CA ALA D 32 -20.71 10.20 -11.15
C ALA D 32 -19.24 10.31 -11.56
N ILE D 33 -18.97 10.27 -12.86
CA ILE D 33 -17.60 10.39 -13.36
C ILE D 33 -17.08 11.77 -12.98
N TYR D 34 -17.91 12.79 -13.17
CA TYR D 34 -17.49 14.15 -12.90
C TYR D 34 -17.11 14.30 -11.44
N ALA D 35 -17.96 13.79 -10.56
CA ALA D 35 -17.74 13.90 -9.13
C ALA D 35 -16.47 13.17 -8.73
N LYS D 36 -16.24 12.03 -9.35
CA LYS D 36 -15.11 11.20 -9.02
C LYS D 36 -13.78 11.85 -9.43
N LEU D 37 -13.80 12.58 -10.54
CA LEU D 37 -12.56 13.06 -11.14
C LEU D 37 -12.23 14.53 -10.91
N ARG D 38 -13.20 15.31 -10.45
CA ARG D 38 -13.03 16.76 -10.43
C ARG D 38 -11.70 17.19 -9.80
N ASP D 39 -11.44 16.70 -8.60
CA ASP D 39 -10.27 17.14 -7.84
C ASP D 39 -9.06 16.19 -7.96
N LYS D 40 -9.02 15.36 -8.98
CA LYS D 40 -7.81 14.61 -9.28
C LYS D 40 -6.95 15.46 -10.21
N LEU D 41 -5.68 15.64 -9.88
CA LEU D 41 -4.79 16.39 -10.74
C LEU D 41 -3.75 15.50 -11.39
N THR D 42 -3.28 15.91 -12.56
CA THR D 42 -2.14 15.24 -13.15
C THR D 42 -0.91 15.75 -12.42
N PRO D 43 0.17 14.99 -12.45
CA PRO D 43 1.48 15.37 -11.91
C PRO D 43 1.83 16.82 -12.08
N ASN D 44 1.47 17.42 -13.21
CA ASN D 44 1.78 18.84 -13.40
C ASN D 44 0.60 19.73 -13.10
N GLY D 45 -0.56 19.13 -12.84
CA GLY D 45 -1.68 19.89 -12.34
C GLY D 45 -2.82 20.18 -13.32
N TYR D 46 -2.87 19.45 -14.43
CA TYR D 46 -4.00 19.58 -15.32
C TYR D 46 -5.21 19.01 -14.65
N SER D 47 -6.36 19.64 -14.84
CA SER D 47 -7.59 19.26 -14.16
C SER D 47 -8.66 18.81 -15.14
N LEU D 48 -9.57 17.95 -14.68
CA LEU D 48 -10.63 17.45 -15.55
C LEU D 48 -11.39 18.60 -16.19
N ASP D 49 -11.57 19.68 -15.42
CA ASP D 49 -12.31 20.84 -15.89
C ASP D 49 -11.65 21.48 -17.09
N GLN D 50 -10.33 21.45 -17.13
CA GLN D 50 -9.59 22.03 -18.24
C GLN D 50 -9.65 21.13 -19.47
N CYS D 51 -9.63 19.83 -19.25
CA CYS D 51 -9.84 18.87 -20.34
C CYS D 51 -11.14 19.16 -21.07
N ILE D 52 -12.23 19.21 -20.32
CA ILE D 52 -13.55 19.25 -20.92
C ILE D 52 -14.04 20.66 -21.29
N GLN D 53 -13.22 21.68 -21.08
CA GLN D 53 -13.73 23.04 -21.21
C GLN D 53 -14.22 23.33 -22.62
N THR D 54 -13.38 23.12 -23.62
CA THR D 54 -13.77 23.42 -24.99
C THR D 54 -15.07 22.73 -25.34
N GLY D 55 -15.28 21.53 -24.80
CA GLY D 55 -16.49 20.78 -25.05
C GLY D 55 -17.71 21.35 -24.35
N VAL D 56 -17.48 22.10 -23.28
CA VAL D 56 -18.56 22.74 -22.55
C VAL D 56 -18.86 24.05 -23.25
N ASP D 57 -17.83 24.68 -23.77
CA ASP D 57 -17.96 25.97 -24.43
C ASP D 57 -18.51 25.87 -25.85
N ASN D 58 -18.37 24.70 -26.46
CA ASN D 58 -18.71 24.49 -27.86
C ASN D 58 -19.68 23.35 -28.02
N PRO D 59 -20.97 23.68 -28.10
CA PRO D 59 -22.06 22.70 -28.08
C PRO D 59 -21.99 21.83 -29.31
N GLY D 60 -21.37 22.35 -30.36
CA GLY D 60 -21.12 21.57 -31.56
C GLY D 60 -22.37 21.48 -32.42
N HIS D 61 -22.48 20.39 -33.17
CA HIS D 61 -23.62 20.16 -34.04
C HIS D 61 -24.03 18.69 -34.01
N PRO D 62 -25.32 18.41 -34.26
CA PRO D 62 -25.76 17.01 -34.33
C PRO D 62 -25.10 16.23 -35.45
N PHE D 63 -25.00 16.83 -36.63
CA PHE D 63 -24.53 16.14 -37.83
C PHE D 63 -23.05 15.83 -37.81
N ILE D 64 -22.24 16.85 -37.54
CA ILE D 64 -20.83 16.59 -37.27
C ILE D 64 -20.55 16.82 -35.80
N LYS D 65 -20.36 15.73 -35.08
CA LYS D 65 -19.97 15.82 -33.69
C LYS D 65 -18.44 15.95 -33.60
N THR D 66 -18.00 16.63 -32.56
CA THR D 66 -16.59 16.78 -32.26
C THR D 66 -16.28 16.06 -30.93
N VAL D 67 -15.00 15.91 -30.60
CA VAL D 67 -14.63 15.12 -29.43
C VAL D 67 -15.04 15.82 -28.14
N GLY D 68 -14.65 17.08 -27.98
CA GLY D 68 -15.19 17.86 -26.88
C GLY D 68 -14.29 17.97 -25.67
N MET D 69 -13.10 17.40 -25.79
CA MET D 69 -12.13 17.50 -24.74
C MET D 69 -10.74 17.36 -25.33
N VAL D 70 -9.75 17.43 -24.46
CA VAL D 70 -8.39 17.67 -24.89
C VAL D 70 -7.46 17.14 -23.79
N ALA D 71 -6.24 16.79 -24.13
CA ALA D 71 -5.30 16.35 -23.10
C ALA D 71 -4.25 17.41 -22.88
N GLY D 72 -4.09 17.82 -21.63
CA GLY D 72 -3.11 18.84 -21.31
C GLY D 72 -1.72 18.25 -21.30
N ASP D 73 -1.62 17.03 -20.81
CA ASP D 73 -0.35 16.37 -20.71
C ASP D 73 -0.56 14.89 -20.90
N GLU D 74 0.54 14.17 -21.01
CA GLU D 74 0.47 12.76 -21.31
C GLU D 74 -0.31 12.01 -20.25
N GLU D 75 -0.18 12.46 -19.00
CA GLU D 75 -0.80 11.78 -17.89
C GLU D 75 -2.31 11.95 -17.89
N SER D 76 -2.80 12.94 -18.65
CA SER D 76 -4.23 13.17 -18.68
C SER D 76 -4.97 11.94 -19.16
N TYR D 77 -4.39 11.22 -20.10
CA TYR D 77 -5.06 10.07 -20.70
C TYR D 77 -5.22 8.96 -19.70
N GLU D 78 -4.41 9.03 -18.64
CA GLU D 78 -4.31 7.97 -17.65
C GLU D 78 -5.05 8.39 -16.39
N VAL D 79 -4.78 9.60 -15.92
CA VAL D 79 -5.48 10.11 -14.76
C VAL D 79 -6.98 10.21 -14.97
N PHE D 80 -7.39 10.66 -16.14
CA PHE D 80 -8.82 10.84 -16.41
C PHE D 80 -9.33 9.83 -17.41
N ALA D 81 -8.76 8.63 -17.36
CA ALA D 81 -9.13 7.58 -18.29
C ALA D 81 -10.63 7.29 -18.21
N GLU D 82 -11.19 7.45 -17.02
CA GLU D 82 -12.59 7.09 -16.82
C GLU D 82 -13.54 7.93 -17.68
N ILE D 83 -13.01 8.98 -18.30
CA ILE D 83 -13.81 9.76 -19.23
C ILE D 83 -13.19 9.76 -20.62
N PHE D 84 -11.88 9.70 -20.72
CA PHE D 84 -11.21 9.58 -22.02
C PHE D 84 -11.46 8.24 -22.73
N ASP D 85 -11.40 7.12 -22.01
CA ASP D 85 -11.58 5.80 -22.60
C ASP D 85 -12.89 5.65 -23.35
N PRO D 86 -14.01 6.09 -22.76
CA PRO D 86 -15.27 6.09 -23.52
C PRO D 86 -15.25 7.04 -24.73
N VAL D 87 -14.76 8.25 -24.54
CA VAL D 87 -14.76 9.25 -25.59
C VAL D 87 -13.96 8.71 -26.76
N ILE D 88 -12.87 8.01 -26.47
CA ILE D 88 -12.01 7.47 -27.50
C ILE D 88 -12.76 6.37 -28.24
N LYS D 89 -13.38 5.49 -27.47
CA LYS D 89 -14.16 4.37 -28.02
C LYS D 89 -15.28 4.85 -28.90
N ALA D 90 -15.87 5.99 -28.54
CA ALA D 90 -16.93 6.59 -29.33
C ALA D 90 -16.39 7.21 -30.61
N ARG D 91 -15.35 8.02 -30.48
CA ARG D 91 -14.81 8.73 -31.64
C ARG D 91 -14.18 7.81 -32.66
N HIS D 92 -13.48 6.77 -32.22
CA HIS D 92 -12.91 5.83 -33.16
C HIS D 92 -13.78 4.60 -33.26
N ASN D 93 -15.05 4.85 -33.58
CA ASN D 93 -16.14 3.87 -33.50
C ASN D 93 -15.72 2.42 -33.29
N GLY D 94 -15.59 2.04 -32.03
CA GLY D 94 -15.31 0.67 -31.72
C GLY D 94 -14.07 0.52 -30.86
N TYR D 95 -12.95 1.07 -31.33
CA TYR D 95 -11.68 0.86 -30.66
C TYR D 95 -11.76 1.21 -29.18
N ASP D 96 -11.46 0.23 -28.33
CA ASP D 96 -11.63 0.41 -26.89
C ASP D 96 -10.28 0.27 -26.22
N PRO D 97 -9.65 1.40 -25.84
CA PRO D 97 -8.31 1.40 -25.26
C PRO D 97 -8.20 0.56 -23.99
N ARG D 98 -9.35 0.26 -23.39
CA ARG D 98 -9.40 -0.54 -22.17
C ARG D 98 -9.03 -1.98 -22.47
N THR D 99 -9.48 -2.45 -23.63
CA THR D 99 -9.40 -3.85 -23.94
C THR D 99 -8.44 -4.19 -25.08
N MET D 100 -8.17 -3.21 -25.95
CA MET D 100 -7.38 -3.45 -27.16
C MET D 100 -5.99 -2.84 -27.06
N LYS D 101 -5.07 -3.33 -27.88
CA LYS D 101 -3.74 -2.73 -28.02
C LYS D 101 -3.59 -2.17 -29.43
N HIS D 102 -2.55 -1.40 -29.67
CA HIS D 102 -2.38 -0.75 -30.97
C HIS D 102 -0.98 -0.97 -31.52
N HIS D 103 -0.91 -1.37 -32.79
CA HIS D 103 0.35 -1.72 -33.41
C HIS D 103 0.78 -0.63 -34.36
N THR D 104 2.01 -0.16 -34.19
CA THR D 104 2.58 0.85 -35.05
C THR D 104 3.48 0.15 -36.05
N ASP D 105 3.41 0.57 -37.32
CA ASP D 105 4.12 -0.10 -38.42
C ASP D 105 4.66 0.96 -39.39
N LEU D 106 5.94 1.27 -39.31
CA LEU D 106 6.47 2.31 -40.18
C LEU D 106 7.48 1.79 -41.18
N ASP D 107 7.25 0.55 -41.60
CA ASP D 107 8.08 -0.09 -42.60
C ASP D 107 7.49 0.16 -43.98
N ALA D 108 7.96 1.21 -44.63
CA ALA D 108 7.50 1.57 -45.97
C ALA D 108 7.67 0.43 -46.96
N SER D 109 8.67 -0.41 -46.72
CA SER D 109 9.00 -1.49 -47.64
C SER D 109 7.77 -2.36 -47.89
N LYS D 110 6.93 -2.49 -46.87
CA LYS D 110 5.73 -3.30 -46.98
C LYS D 110 4.76 -2.76 -48.01
N ILE D 111 4.91 -1.48 -48.36
CA ILE D 111 4.13 -0.86 -49.44
C ILE D 111 4.94 -1.03 -50.71
N THR D 112 4.71 -2.13 -51.41
CA THR D 112 5.56 -2.50 -52.55
C THR D 112 5.30 -1.60 -53.75
N HIS D 113 4.09 -1.07 -53.84
CA HIS D 113 3.73 -0.23 -54.95
C HIS D 113 2.55 0.67 -54.64
N GLY D 114 2.74 1.95 -54.91
CA GLY D 114 1.66 2.90 -54.80
C GLY D 114 1.88 4.05 -55.78
N GLN D 115 1.44 3.85 -57.01
CA GLN D 115 1.51 4.92 -58.00
C GLN D 115 0.13 5.23 -58.46
N PHE D 116 -0.21 6.51 -58.46
CA PHE D 116 -1.53 6.94 -58.86
C PHE D 116 -1.50 7.44 -60.31
N ASP D 117 -2.67 7.47 -60.95
CA ASP D 117 -2.81 8.01 -62.30
C ASP D 117 -2.69 9.53 -62.25
N GLU D 118 -1.55 10.04 -62.71
CA GLU D 118 -1.28 11.47 -62.61
C GLU D 118 -2.18 12.34 -63.50
N ARG D 119 -3.15 11.71 -64.17
CA ARG D 119 -4.16 12.47 -64.92
C ARG D 119 -5.30 12.87 -64.00
N TYR D 120 -5.46 12.12 -62.91
CA TYR D 120 -6.54 12.35 -61.95
C TYR D 120 -6.03 12.79 -60.59
N VAL D 121 -5.05 12.08 -60.08
CA VAL D 121 -4.43 12.47 -58.83
C VAL D 121 -3.46 13.63 -59.05
N LEU D 122 -3.82 14.81 -58.57
CA LEU D 122 -2.97 16.00 -58.69
C LEU D 122 -1.83 16.07 -57.67
N SER D 123 -2.01 15.45 -56.51
CA SER D 123 -0.98 15.47 -55.47
C SER D 123 -1.27 14.51 -54.32
N SER D 124 -0.22 14.17 -53.59
CA SER D 124 -0.29 13.13 -52.58
C SER D 124 0.36 13.60 -51.28
N ARG D 125 -0.27 13.29 -50.15
CA ARG D 125 0.16 13.84 -48.88
C ARG D 125 -0.04 12.82 -47.77
N VAL D 126 0.96 12.72 -46.88
CA VAL D 126 0.86 11.92 -45.67
C VAL D 126 1.26 12.79 -44.49
N ARG D 127 0.33 13.07 -43.57
CA ARG D 127 0.71 13.78 -42.33
C ARG D 127 0.47 12.98 -41.05
N THR D 128 1.12 13.41 -39.97
CA THR D 128 0.92 12.89 -38.62
C THR D 128 1.43 13.87 -37.56
N GLY D 129 1.14 13.60 -36.30
CA GLY D 129 1.68 14.42 -35.23
C GLY D 129 2.58 13.63 -34.31
N ARG D 130 3.65 14.26 -33.80
CA ARG D 130 4.46 13.66 -32.73
C ARG D 130 4.53 14.62 -31.53
N SER D 131 4.46 14.05 -30.33
CA SER D 131 4.58 14.81 -29.09
C SER D 131 5.85 14.44 -28.33
N ILE D 132 6.64 15.43 -27.91
CA ILE D 132 7.85 15.19 -27.11
C ILE D 132 7.52 14.85 -25.65
N ARG D 133 7.97 13.68 -25.19
CA ARG D 133 7.67 13.21 -23.83
C ARG D 133 8.40 14.07 -22.83
N GLY D 134 7.70 14.44 -21.76
CA GLY D 134 8.32 15.22 -20.71
C GLY D 134 7.90 16.67 -20.68
N LEU D 135 7.31 17.14 -21.77
CA LEU D 135 6.80 18.50 -21.85
C LEU D 135 5.31 18.46 -22.11
N SER D 136 4.58 19.36 -21.48
CA SER D 136 3.13 19.35 -21.56
C SER D 136 2.67 19.66 -22.97
N LEU D 137 1.49 19.16 -23.32
CA LEU D 137 0.88 19.43 -24.61
C LEU D 137 0.43 20.90 -24.67
N PRO D 138 -0.03 21.35 -25.85
CA PRO D 138 -0.32 22.78 -26.05
C PRO D 138 -1.41 23.41 -25.19
N PRO D 139 -2.42 22.64 -24.77
CA PRO D 139 -3.46 23.29 -23.96
C PRO D 139 -2.90 23.78 -22.64
N ALA D 140 -1.76 23.22 -22.24
CA ALA D 140 -1.28 23.38 -20.89
C ALA D 140 0.12 23.96 -20.79
N CYS D 141 0.92 23.77 -21.82
CA CYS D 141 2.36 23.93 -21.69
C CYS D 141 2.70 25.38 -21.41
N SER D 142 3.56 25.61 -20.43
CA SER D 142 4.02 26.95 -20.11
C SER D 142 4.93 27.43 -21.21
N ARG D 143 5.20 28.72 -21.25
CA ARG D 143 6.05 29.28 -22.30
C ARG D 143 7.39 28.55 -22.36
N ALA D 144 7.92 28.20 -21.19
CA ALA D 144 9.24 27.60 -21.10
C ALA D 144 9.21 26.18 -21.66
N GLU D 145 8.12 25.47 -21.37
CA GLU D 145 7.91 24.15 -21.92
C GLU D 145 7.77 24.25 -23.44
N ARG D 146 7.01 25.24 -23.91
CA ARG D 146 6.76 25.41 -25.33
C ARG D 146 8.05 25.73 -26.03
N ARG D 147 8.85 26.56 -25.37
CA ARG D 147 10.14 26.93 -25.90
C ARG D 147 11.02 25.68 -26.02
N GLU D 148 10.95 24.80 -25.03
CA GLU D 148 11.81 23.61 -25.01
C GLU D 148 11.46 22.64 -26.13
N VAL D 149 10.16 22.49 -26.41
CA VAL D 149 9.70 21.68 -27.53
C VAL D 149 10.32 22.18 -28.81
N GLU D 150 10.28 23.50 -29.01
CA GLU D 150 10.86 24.09 -30.21
C GLU D 150 12.34 23.80 -30.24
N ASN D 151 13.00 23.91 -29.09
CA ASN D 151 14.45 23.71 -29.05
C ASN D 151 14.88 22.28 -29.30
N VAL D 152 14.13 21.33 -28.73
CA VAL D 152 14.42 19.93 -28.95
C VAL D 152 14.21 19.56 -30.42
N VAL D 153 13.06 19.93 -30.97
CA VAL D 153 12.71 19.51 -32.32
C VAL D 153 13.59 20.19 -33.36
N VAL D 154 13.86 21.48 -33.20
CA VAL D 154 14.64 22.19 -34.21
C VAL D 154 16.07 21.68 -34.29
N THR D 155 16.70 21.43 -33.15
CA THR D 155 18.04 20.85 -33.16
C THR D 155 18.02 19.51 -33.88
N ALA D 156 16.99 18.71 -33.61
CA ALA D 156 16.86 17.41 -34.23
C ALA D 156 16.83 17.58 -35.74
N LEU D 157 15.95 18.45 -36.20
CA LEU D 157 15.73 18.63 -37.63
C LEU D 157 16.98 19.16 -38.26
N ALA D 158 17.72 19.97 -37.52
CA ALA D 158 18.91 20.60 -38.08
C ALA D 158 19.99 19.57 -38.38
N GLY D 159 19.85 18.37 -37.84
CA GLY D 159 20.83 17.33 -38.07
C GLY D 159 20.41 16.36 -39.16
N LEU D 160 19.21 16.58 -39.71
CA LEU D 160 18.78 15.88 -40.92
C LEU D 160 19.65 16.34 -42.06
N LYS D 161 19.93 15.42 -42.97
CA LYS D 161 20.81 15.69 -44.10
C LYS D 161 20.37 14.89 -45.32
N GLY D 162 20.89 15.24 -46.49
CA GLY D 162 20.47 14.59 -47.71
C GLY D 162 19.28 15.29 -48.31
N ASP D 163 18.29 14.53 -48.76
CA ASP D 163 17.07 15.11 -49.30
C ASP D 163 16.16 15.58 -48.17
N LEU D 164 16.57 15.25 -46.95
CA LEU D 164 15.79 15.57 -45.77
C LEU D 164 16.31 16.80 -45.03
N SER D 165 17.35 17.41 -45.57
CA SER D 165 17.82 18.64 -44.96
C SER D 165 17.01 19.81 -45.52
N GLY D 166 16.98 20.91 -44.78
CA GLY D 166 16.19 22.06 -45.18
C GLY D 166 16.46 23.20 -44.20
N LYS D 167 15.48 24.07 -44.00
CA LYS D 167 15.69 25.16 -43.04
C LYS D 167 14.47 25.46 -42.19
N TYR D 168 14.67 26.27 -41.16
CA TYR D 168 13.63 26.58 -40.18
C TYR D 168 13.33 28.07 -40.15
N TYR D 169 12.05 28.40 -40.14
CA TYR D 169 11.58 29.79 -40.12
C TYR D 169 10.78 30.03 -38.85
N SER D 170 11.19 31.03 -38.07
CA SER D 170 10.52 31.31 -36.81
C SER D 170 9.42 32.32 -36.98
N LEU D 171 8.18 31.91 -36.72
CA LEU D 171 7.05 32.81 -36.87
C LEU D 171 7.27 34.13 -36.17
N THR D 172 8.10 34.15 -35.12
CA THR D 172 8.19 35.35 -34.29
C THR D 172 9.05 36.42 -34.92
N ASN D 173 10.03 36.01 -35.71
CA ASN D 173 10.89 36.98 -36.34
C ASN D 173 11.33 36.54 -37.72
N MET D 174 10.39 36.63 -38.68
CA MET D 174 10.72 36.33 -40.06
C MET D 174 10.37 37.49 -40.99
N SER D 175 11.24 37.71 -41.98
CA SER D 175 11.11 38.82 -42.92
C SER D 175 9.86 38.70 -43.77
N GLU D 176 9.37 39.83 -44.28
CA GLU D 176 8.16 39.82 -45.11
C GLU D 176 8.35 38.95 -46.34
N ARG D 177 9.60 38.82 -46.79
CA ARG D 177 9.91 37.97 -47.92
C ARG D 177 9.71 36.51 -47.55
N ASP D 178 10.31 36.07 -46.45
CA ASP D 178 10.13 34.71 -45.95
C ASP D 178 8.64 34.41 -45.78
N GLN D 179 7.91 35.43 -45.32
CA GLN D 179 6.50 35.27 -45.03
C GLN D 179 5.70 34.93 -46.27
N GLN D 180 5.74 35.83 -47.24
CA GLN D 180 5.01 35.65 -48.50
C GLN D 180 5.42 34.38 -49.24
N GLN D 181 6.73 34.10 -49.23
CA GLN D 181 7.28 32.90 -49.87
C GLN D 181 6.67 31.64 -49.28
N LEU D 182 6.55 31.61 -47.96
CA LEU D 182 5.93 30.48 -47.29
C LEU D 182 4.43 30.46 -47.52
N ILE D 183 3.86 31.61 -47.87
CA ILE D 183 2.43 31.68 -48.19
C ILE D 183 2.17 31.10 -49.58
N ASP D 184 3.10 31.38 -50.51
CA ASP D 184 2.97 30.89 -51.87
C ASP D 184 3.18 29.39 -51.93
N ASP D 185 4.16 28.90 -51.18
CA ASP D 185 4.42 27.46 -51.08
C ASP D 185 3.27 26.75 -50.34
N HIS D 186 2.49 27.52 -49.58
CA HIS D 186 1.43 27.00 -48.71
C HIS D 186 1.98 26.19 -47.54
N PHE D 187 3.00 26.74 -46.89
CA PHE D 187 3.62 26.12 -45.74
C PHE D 187 3.28 26.89 -44.46
N LEU D 188 2.76 28.09 -44.62
CA LEU D 188 2.53 28.98 -43.49
C LEU D 188 1.27 28.60 -42.75
N PHE D 189 1.30 28.77 -41.42
CA PHE D 189 0.06 28.77 -40.63
C PHE D 189 0.12 30.00 -39.72
N ASP D 190 -0.99 30.32 -39.07
CA ASP D 190 -0.95 31.27 -37.98
C ASP D 190 -2.09 31.11 -36.96
N LYS D 191 -2.17 32.04 -36.01
CA LYS D 191 -2.96 31.89 -34.79
C LYS D 191 -4.29 31.23 -35.05
N PRO D 192 -4.56 30.09 -34.38
CA PRO D 192 -5.83 29.39 -34.57
C PRO D 192 -7.01 30.31 -34.30
N VAL D 193 -8.12 30.03 -34.97
CA VAL D 193 -9.31 30.86 -34.78
C VAL D 193 -10.54 30.06 -34.35
N SER D 194 -10.55 28.76 -34.68
CA SER D 194 -11.61 27.89 -34.23
C SER D 194 -11.74 27.91 -32.72
N PRO D 195 -12.92 28.28 -32.21
CA PRO D 195 -13.17 28.25 -30.78
C PRO D 195 -12.93 26.87 -30.17
N LEU D 196 -12.96 25.83 -31.00
CA LEU D 196 -12.65 24.50 -30.54
C LEU D 196 -11.23 24.43 -30.00
N LEU D 197 -10.34 25.16 -30.64
CA LEU D 197 -8.93 25.18 -30.27
C LEU D 197 -8.63 26.29 -29.30
N THR D 198 -9.07 27.50 -29.62
CA THR D 198 -8.69 28.68 -28.86
C THR D 198 -9.32 28.65 -27.48
N CYS D 199 -10.52 28.09 -27.39
CA CYS D 199 -11.18 27.89 -26.10
C CYS D 199 -10.57 26.74 -25.30
N ALA D 200 -9.67 25.97 -25.93
CA ALA D 200 -8.88 24.96 -25.23
C ALA D 200 -7.49 25.49 -24.90
N GLY D 201 -7.30 26.80 -25.04
CA GLY D 201 -6.05 27.42 -24.64
C GLY D 201 -4.87 27.06 -25.51
N MET D 202 -5.08 26.90 -26.81
CA MET D 202 -4.01 26.48 -27.70
C MET D 202 -3.45 27.64 -28.49
N ALA D 203 -3.89 28.85 -28.17
CA ALA D 203 -3.43 30.02 -28.90
C ALA D 203 -2.70 31.01 -28.00
N ARG D 204 -2.34 30.57 -26.80
CA ARG D 204 -1.72 31.44 -25.82
C ARG D 204 -0.34 31.87 -26.28
N ASP D 205 0.06 33.07 -25.93
CA ASP D 205 1.41 33.55 -26.22
C ASP D 205 1.77 33.51 -27.72
N TRP D 206 0.79 33.66 -28.60
CA TRP D 206 1.09 33.59 -30.04
C TRP D 206 1.93 34.76 -30.49
N PRO D 207 2.97 34.53 -31.31
CA PRO D 207 3.41 33.31 -31.99
C PRO D 207 4.65 32.70 -31.34
N ASP D 208 4.88 33.02 -30.07
CA ASP D 208 6.10 32.62 -29.37
C ASP D 208 6.41 31.14 -29.56
N ALA D 209 7.61 30.85 -30.01
CA ALA D 209 8.09 29.49 -30.16
C ALA D 209 7.33 28.62 -31.17
N ARG D 210 6.56 29.22 -32.08
CA ARG D 210 6.11 28.49 -33.27
C ARG D 210 7.04 28.74 -34.45
N GLY D 211 6.98 27.87 -35.45
CA GLY D 211 7.84 27.99 -36.61
C GLY D 211 7.59 26.91 -37.64
N ILE D 212 8.04 27.14 -38.87
CA ILE D 212 7.92 26.15 -39.94
C ILE D 212 9.30 25.70 -40.35
N TRP D 213 9.47 24.41 -40.54
CA TRP D 213 10.68 23.88 -41.14
C TRP D 213 10.29 23.02 -42.31
N HIS D 214 11.02 23.14 -43.42
CA HIS D 214 10.83 22.23 -44.55
C HIS D 214 12.17 21.92 -45.20
N ASN D 215 12.26 20.73 -45.80
CA ASN D 215 13.45 20.33 -46.53
C ASN D 215 13.61 21.17 -47.79
N ASN D 216 14.79 21.09 -48.40
CA ASN D 216 15.16 22.07 -49.41
C ASN D 216 14.33 22.01 -50.67
N ASP D 217 13.89 20.82 -51.08
CA ASP D 217 12.97 20.74 -52.21
C ASP D 217 11.51 20.50 -51.81
N LYS D 218 11.14 21.03 -50.65
CA LYS D 218 9.75 21.26 -50.27
C LYS D 218 8.85 20.02 -50.40
N THR D 219 9.36 18.89 -49.92
CA THR D 219 8.58 17.67 -49.88
C THR D 219 8.49 17.08 -48.46
N PHE D 220 9.01 17.80 -47.48
CA PHE D 220 8.91 17.40 -46.07
C PHE D 220 8.69 18.65 -45.21
N LEU D 221 7.49 18.75 -44.63
CA LEU D 221 7.10 19.88 -43.81
C LEU D 221 6.99 19.44 -42.34
N VAL D 222 7.51 20.28 -41.44
CA VAL D 222 7.31 20.08 -39.99
C VAL D 222 6.82 21.40 -39.38
N TRP D 223 5.65 21.38 -38.76
CA TRP D 223 5.11 22.57 -38.10
C TRP D 223 5.29 22.43 -36.62
N ILE D 224 6.03 23.37 -36.05
CA ILE D 224 6.41 23.26 -34.66
C ILE D 224 5.50 24.11 -33.78
N ASN D 225 4.78 23.45 -32.88
CA ASN D 225 4.06 24.10 -31.80
C ASN D 225 2.78 24.78 -32.24
N GLU D 226 2.18 24.29 -33.32
CA GLU D 226 0.88 24.80 -33.74
C GLU D 226 -0.19 24.17 -32.85
N GLU D 227 -0.92 23.17 -33.35
CA GLU D 227 -1.94 22.53 -32.53
C GLU D 227 -1.46 21.18 -32.02
N ASP D 228 -0.14 21.05 -31.86
CA ASP D 228 0.52 19.83 -31.39
C ASP D 228 2.04 20.04 -31.41
N HIS D 229 2.76 19.34 -30.54
CA HIS D 229 4.22 19.55 -30.44
C HIS D 229 4.85 19.60 -31.82
N THR D 230 4.62 18.59 -32.65
CA THR D 230 4.99 18.60 -34.07
C THR D 230 3.84 18.04 -34.91
N ARG D 231 3.60 18.66 -36.07
CA ARG D 231 2.90 18.01 -37.17
C ARG D 231 3.90 17.80 -38.29
N VAL D 232 4.20 16.53 -38.57
CA VAL D 232 5.14 16.17 -39.60
C VAL D 232 4.35 15.83 -40.84
N ILE D 233 4.79 16.34 -41.98
CA ILE D 233 4.07 16.14 -43.24
C ILE D 233 5.05 15.78 -44.36
N SER D 234 4.75 14.71 -45.07
CA SER D 234 5.41 14.41 -46.33
C SER D 234 4.38 14.57 -47.43
N MET D 235 4.63 15.50 -48.33
CA MET D 235 3.74 15.68 -49.46
C MET D 235 4.53 15.93 -50.73
N GLU D 236 3.95 15.52 -51.85
CA GLU D 236 4.59 15.56 -53.14
C GLU D 236 3.52 15.82 -54.18
N LYS D 237 3.91 16.39 -55.30
CA LYS D 237 3.00 16.52 -56.42
C LYS D 237 2.91 15.19 -57.15
N GLY D 238 1.83 15.01 -57.89
CA GLY D 238 1.66 13.77 -58.62
C GLY D 238 0.99 12.72 -57.77
N GLY D 239 1.42 11.47 -57.91
CA GLY D 239 0.72 10.39 -57.26
C GLY D 239 1.61 9.22 -56.90
N ASN D 240 2.90 9.48 -56.73
CA ASN D 240 3.83 8.45 -56.31
C ASN D 240 3.72 8.26 -54.81
N MET D 241 2.58 7.73 -54.38
CA MET D 241 2.28 7.61 -52.96
C MET D 241 3.35 6.82 -52.23
N LYS D 242 3.85 5.75 -52.85
CA LYS D 242 4.83 4.90 -52.21
C LYS D 242 6.10 5.68 -51.88
N ARG D 243 6.49 6.60 -52.75
CA ARG D 243 7.68 7.40 -52.47
C ARG D 243 7.40 8.41 -51.37
N VAL D 244 6.25 9.06 -51.44
CA VAL D 244 5.81 9.97 -50.37
C VAL D 244 5.88 9.28 -49.01
N PHE D 245 5.38 8.05 -48.93
CA PHE D 245 5.41 7.30 -47.69
C PHE D 245 6.82 6.89 -47.32
N GLU D 246 7.61 6.48 -48.30
CA GLU D 246 8.97 6.04 -48.05
C GLU D 246 9.82 7.13 -47.40
N ARG D 247 9.48 8.39 -47.65
CA ARG D 247 10.23 9.51 -47.08
C ARG D 247 9.68 9.89 -45.72
N PHE D 248 8.35 9.83 -45.62
CA PHE D 248 7.66 10.05 -44.36
C PHE D 248 8.24 9.15 -43.29
N CYS D 249 8.30 7.86 -43.57
CA CYS D 249 8.88 6.91 -42.63
C CYS D 249 10.37 7.15 -42.40
N ARG D 250 11.03 7.73 -43.39
CA ARG D 250 12.48 7.90 -43.32
C ARG D 250 12.81 9.09 -42.46
N GLY D 251 12.03 10.15 -42.61
CA GLY D 251 12.27 11.37 -41.84
C GLY D 251 11.82 11.17 -40.42
N LEU D 252 10.76 10.39 -40.23
CA LEU D 252 10.25 10.10 -38.91
C LEU D 252 11.20 9.21 -38.10
N LYS D 253 11.96 8.35 -38.79
CA LYS D 253 12.88 7.46 -38.09
C LYS D 253 14.20 8.14 -37.79
N GLU D 254 14.54 9.14 -38.59
CA GLU D 254 15.80 9.83 -38.42
C GLU D 254 15.67 10.93 -37.37
N VAL D 255 14.48 11.53 -37.30
CA VAL D 255 14.18 12.51 -36.28
C VAL D 255 14.13 11.83 -34.91
N GLU D 256 13.39 10.74 -34.80
CA GLU D 256 13.34 10.02 -33.54
C GLU D 256 14.76 9.59 -33.12
N ARG D 257 15.58 9.23 -34.09
CA ARG D 257 16.96 8.84 -33.81
C ARG D 257 17.70 9.99 -33.16
N LEU D 258 17.56 11.19 -33.70
CA LEU D 258 18.35 12.30 -33.23
C LEU D 258 17.86 12.90 -31.90
N ILE D 259 16.58 12.74 -31.58
CA ILE D 259 16.11 13.24 -30.29
C ILE D 259 16.49 12.25 -29.19
N LYS D 260 16.43 10.97 -29.51
CA LYS D 260 16.84 9.94 -28.56
C LYS D 260 18.34 10.08 -28.24
N GLU D 261 19.08 10.65 -29.18
CA GLU D 261 20.51 10.83 -29.02
C GLU D 261 20.80 11.87 -27.96
N ARG D 262 19.94 12.87 -27.86
CA ARG D 262 20.12 13.94 -26.89
C ARG D 262 19.30 13.65 -25.64
N GLY D 263 18.47 12.61 -25.71
CA GLY D 263 17.88 12.07 -24.50
C GLY D 263 16.38 12.10 -24.42
N TRP D 264 15.72 12.59 -25.47
CA TRP D 264 14.28 12.78 -25.46
C TRP D 264 13.60 11.64 -26.22
N GLU D 265 12.37 11.28 -25.83
CA GLU D 265 11.58 10.32 -26.59
C GLU D 265 10.28 10.93 -27.11
N PHE D 266 9.60 10.22 -28.02
CA PHE D 266 8.23 10.55 -28.40
C PHE D 266 7.28 9.90 -27.39
N MET D 267 6.19 10.57 -27.04
CA MET D 267 5.15 9.96 -26.25
C MET D 267 4.46 8.89 -27.08
N TRP D 268 4.36 7.69 -26.53
CA TRP D 268 3.73 6.58 -27.22
C TRP D 268 3.42 5.58 -26.14
N ASN D 269 2.27 4.94 -26.24
CA ASN D 269 1.97 3.81 -25.36
C ASN D 269 1.17 2.77 -26.11
N GLU D 270 1.10 1.56 -25.56
CA GLU D 270 0.62 0.44 -26.34
C GLU D 270 -0.89 0.41 -26.54
N ARG D 271 -1.64 1.06 -25.67
CA ARG D 271 -3.10 1.04 -25.82
C ARG D 271 -3.63 2.26 -26.58
N LEU D 272 -2.82 3.30 -26.67
CA LEU D 272 -3.24 4.50 -27.38
C LEU D 272 -2.40 4.79 -28.60
N GLY D 273 -1.27 4.13 -28.75
CA GLY D 273 -0.37 4.48 -29.84
C GLY D 273 0.31 5.80 -29.56
N TYR D 274 0.42 6.64 -30.58
CA TYR D 274 1.17 7.89 -30.45
C TYR D 274 0.34 9.00 -29.79
N VAL D 275 0.65 9.31 -28.54
CA VAL D 275 -0.17 10.25 -27.78
C VAL D 275 -0.12 11.65 -28.35
N LEU D 276 -1.29 12.20 -28.66
CA LEU D 276 -1.40 13.58 -29.15
C LEU D 276 -2.52 14.29 -28.40
N THR D 277 -2.61 15.60 -28.57
CA THR D 277 -3.43 16.39 -27.68
C THR D 277 -4.92 16.21 -27.88
N CYS D 278 -5.36 15.89 -29.09
CA CYS D 278 -6.79 15.64 -29.34
C CYS D 278 -7.11 14.15 -29.51
N PRO D 279 -8.07 13.61 -28.73
CA PRO D 279 -8.35 12.18 -28.74
C PRO D 279 -8.56 11.59 -30.12
N SER D 280 -9.11 12.39 -31.03
CA SER D 280 -9.40 11.95 -32.37
C SER D 280 -8.16 11.61 -33.19
N ASN D 281 -6.97 12.01 -32.75
CA ASN D 281 -5.74 11.69 -33.49
C ASN D 281 -4.83 10.69 -32.84
N LEU D 282 -5.36 9.89 -31.92
CA LEU D 282 -4.55 8.86 -31.25
C LEU D 282 -4.14 7.76 -32.23
N GLY D 283 -3.43 6.75 -31.73
CA GLY D 283 -3.07 5.62 -32.58
C GLY D 283 -1.97 5.90 -33.57
N THR D 284 -2.37 6.35 -34.77
CA THR D 284 -1.44 6.57 -35.87
C THR D 284 -1.24 8.05 -36.11
N GLY D 285 -2.26 8.83 -35.74
CA GLY D 285 -2.26 10.24 -36.02
C GLY D 285 -2.14 10.54 -37.50
N LEU D 286 -2.46 9.55 -38.33
CA LEU D 286 -2.08 9.58 -39.73
C LEU D 286 -3.22 10.02 -40.64
N ARG D 287 -2.92 10.96 -41.55
CA ARG D 287 -3.85 11.26 -42.65
C ARG D 287 -3.18 11.21 -44.02
N ALA D 288 -3.24 10.04 -44.64
CA ALA D 288 -2.76 9.85 -46.01
C ALA D 288 -3.89 10.16 -46.98
N GLY D 289 -3.62 11.01 -47.94
CA GLY D 289 -4.67 11.49 -48.82
C GLY D 289 -4.16 12.04 -50.14
N VAL D 290 -5.10 12.28 -51.06
CA VAL D 290 -4.76 12.69 -52.41
C VAL D 290 -5.75 13.74 -52.88
N HIS D 291 -5.29 14.66 -53.74
CA HIS D 291 -6.18 15.55 -54.48
C HIS D 291 -6.62 14.94 -55.81
N VAL D 292 -7.79 14.31 -55.82
CA VAL D 292 -8.27 13.66 -57.04
C VAL D 292 -9.19 14.57 -57.83
N LYS D 293 -9.16 14.41 -59.15
CA LYS D 293 -10.13 15.02 -60.03
C LYS D 293 -11.16 13.94 -60.36
N LEU D 294 -12.39 14.11 -59.91
CA LEU D 294 -13.39 13.03 -59.97
C LEU D 294 -14.79 13.47 -60.38
N PRO D 295 -14.92 14.16 -61.53
CA PRO D 295 -16.18 14.82 -61.90
C PRO D 295 -17.36 13.87 -62.12
N ARG D 296 -17.11 12.69 -62.69
CA ARG D 296 -18.18 11.74 -62.98
C ARG D 296 -18.68 11.06 -61.71
N LEU D 297 -17.76 10.41 -61.00
CA LEU D 297 -18.08 9.69 -59.77
C LEU D 297 -18.64 10.65 -58.73
N SER D 298 -18.24 11.90 -58.84
CA SER D 298 -18.73 12.96 -57.97
C SER D 298 -20.25 13.10 -58.09
N LYS D 299 -20.76 13.04 -59.32
CA LYS D 299 -22.17 13.26 -59.55
C LYS D 299 -22.99 12.01 -59.29
N ASP D 300 -22.36 10.85 -59.39
CA ASP D 300 -23.03 9.59 -59.10
C ASP D 300 -23.41 9.51 -57.63
N PRO D 301 -24.66 9.11 -57.35
CA PRO D 301 -25.16 8.98 -55.98
C PRO D 301 -24.72 7.70 -55.27
N ARG D 302 -23.74 7.00 -55.84
CA ARG D 302 -23.12 5.87 -55.16
C ARG D 302 -21.74 6.23 -54.65
N PHE D 303 -21.31 7.45 -54.93
CA PHE D 303 -20.03 7.98 -54.42
C PHE D 303 -19.93 7.80 -52.91
N PRO D 304 -20.90 8.35 -52.15
CA PRO D 304 -20.84 8.29 -50.68
C PRO D 304 -20.70 6.89 -50.12
N LYS D 305 -21.49 5.96 -50.65
CA LYS D 305 -21.46 4.58 -50.16
C LYS D 305 -20.19 3.84 -50.57
N ILE D 306 -19.62 4.20 -51.72
CA ILE D 306 -18.34 3.61 -52.13
C ILE D 306 -17.27 4.11 -51.18
N LEU D 307 -17.31 5.42 -50.92
CA LEU D 307 -16.40 6.06 -50.00
C LEU D 307 -16.46 5.39 -48.64
N GLU D 308 -17.69 5.28 -48.13
CA GLU D 308 -17.93 4.72 -46.80
C GLU D 308 -17.43 3.30 -46.71
N ASN D 309 -17.64 2.55 -47.79
CA ASN D 309 -17.25 1.15 -47.81
C ASN D 309 -15.73 1.00 -47.93
N LEU D 310 -15.11 1.96 -48.61
CA LEU D 310 -13.67 1.91 -48.80
C LEU D 310 -12.92 2.50 -47.60
N ARG D 311 -13.70 2.94 -46.61
CA ARG D 311 -13.18 3.62 -45.41
C ARG D 311 -12.34 4.83 -45.77
N LEU D 312 -12.82 5.61 -46.73
CA LEU D 312 -12.20 6.90 -47.08
C LEU D 312 -13.18 8.01 -46.70
N GLN D 313 -12.68 9.23 -46.54
CA GLN D 313 -13.56 10.34 -46.28
C GLN D 313 -13.20 11.43 -47.27
N LYS D 314 -14.19 12.24 -47.66
CA LYS D 314 -13.98 13.29 -48.65
C LYS D 314 -14.20 14.68 -48.09
N ARG D 315 -13.25 15.57 -48.30
CA ARG D 315 -13.37 16.95 -47.86
C ARG D 315 -12.97 17.91 -48.98
N GLY D 316 -13.12 19.21 -48.75
CA GLY D 316 -12.86 20.19 -49.79
C GLY D 316 -11.41 20.63 -49.93
N THR D 317 -11.06 21.09 -51.13
CA THR D 317 -9.72 21.60 -51.41
C THR D 317 -9.54 23.00 -50.82
N GLY D 318 -10.46 23.90 -51.17
CA GLY D 318 -10.48 25.22 -50.54
C GLY D 318 -9.60 26.26 -51.20
N GLY D 319 -8.30 26.17 -50.97
CA GLY D 319 -7.33 27.04 -51.62
C GLY D 319 -7.15 26.70 -53.09
N VAL D 320 -7.49 27.66 -53.95
CA VAL D 320 -7.67 27.40 -55.38
C VAL D 320 -6.42 27.74 -56.17
N ASP D 321 -6.52 27.54 -57.49
CA ASP D 321 -5.55 28.07 -58.45
C ASP D 321 -5.99 27.64 -59.86
N THR D 322 -5.01 27.32 -60.71
CA THR D 322 -5.24 26.41 -61.84
C THR D 322 -5.73 25.06 -61.27
N ALA D 323 -5.40 24.83 -60.01
CA ALA D 323 -6.08 23.84 -59.18
C ALA D 323 -7.51 24.31 -58.87
N ALA D 324 -8.42 24.11 -59.83
CA ALA D 324 -9.82 24.51 -59.66
C ALA D 324 -10.54 23.57 -58.70
N VAL D 325 -10.65 24.01 -57.45
CA VAL D 325 -11.25 23.23 -56.37
C VAL D 325 -12.58 22.54 -56.77
N ALA D 326 -13.26 23.11 -57.75
CA ALA D 326 -14.53 22.58 -58.26
C ALA D 326 -14.43 21.10 -58.63
N ASP D 327 -13.39 20.75 -59.37
CA ASP D 327 -13.23 19.40 -59.87
C ASP D 327 -12.56 18.51 -58.83
N VAL D 328 -11.72 19.12 -57.99
CA VAL D 328 -10.80 18.39 -57.13
C VAL D 328 -11.34 18.11 -55.73
N TYR D 329 -11.01 16.94 -55.21
CA TYR D 329 -11.45 16.51 -53.89
C TYR D 329 -10.27 16.14 -53.01
N ASP D 330 -10.54 16.04 -51.71
CA ASP D 330 -9.53 15.67 -50.72
C ASP D 330 -9.86 14.31 -50.07
N ILE D 331 -9.52 13.23 -50.75
CA ILE D 331 -9.89 11.89 -50.29
C ILE D 331 -8.77 11.32 -49.43
N SER D 332 -9.09 11.03 -48.18
CA SER D 332 -8.09 10.60 -47.20
C SER D 332 -8.61 9.42 -46.38
N ASN D 333 -7.73 8.80 -45.60
CA ASN D 333 -8.14 7.65 -44.80
C ASN D 333 -9.05 8.07 -43.66
N LEU D 334 -10.02 7.22 -43.38
CA LEU D 334 -11.04 7.54 -42.39
C LEU D 334 -10.52 7.14 -41.03
N ASP D 335 -10.00 5.92 -40.92
CA ASP D 335 -9.52 5.38 -39.66
C ASP D 335 -8.25 6.07 -39.16
N ARG D 336 -7.97 5.81 -37.89
CA ARG D 336 -6.84 6.44 -37.22
C ARG D 336 -6.24 5.48 -36.19
N MET D 337 -7.08 4.66 -35.58
CA MET D 337 -6.65 3.83 -34.47
C MET D 337 -6.73 2.34 -34.70
N GLY D 338 -7.65 1.91 -35.56
CA GLY D 338 -7.78 0.48 -35.78
C GLY D 338 -6.50 -0.16 -36.30
N ARG D 339 -5.84 0.53 -37.23
CA ARG D 339 -4.88 -0.08 -38.13
C ARG D 339 -3.51 0.55 -37.94
N SER D 340 -2.49 -0.08 -38.51
CA SER D 340 -1.14 0.44 -38.45
C SER D 340 -0.95 1.48 -39.52
N GLU D 341 0.20 2.14 -39.50
CA GLU D 341 0.46 3.23 -40.42
C GLU D 341 0.54 2.68 -41.84
N VAL D 342 1.18 1.53 -41.99
CA VAL D 342 1.21 0.82 -43.27
C VAL D 342 -0.20 0.44 -43.72
N GLU D 343 -0.93 -0.26 -42.87
CA GLU D 343 -2.30 -0.67 -43.18
C GLU D 343 -3.15 0.49 -43.68
N LEU D 344 -3.04 1.64 -43.03
CA LEU D 344 -3.84 2.81 -43.38
C LEU D 344 -3.43 3.42 -44.71
N VAL D 345 -2.13 3.46 -44.99
CA VAL D 345 -1.64 4.02 -46.25
C VAL D 345 -2.05 3.14 -47.42
N GLN D 346 -2.04 1.82 -47.21
CA GLN D 346 -2.51 0.89 -48.23
C GLN D 346 -4.00 1.04 -48.50
N ILE D 347 -4.79 1.23 -47.45
CA ILE D 347 -6.21 1.54 -47.58
C ILE D 347 -6.40 2.72 -48.55
N VAL D 348 -5.60 3.77 -48.41
CA VAL D 348 -5.74 4.91 -49.29
C VAL D 348 -5.27 4.56 -50.70
N ILE D 349 -4.22 3.77 -50.79
CA ILE D 349 -3.69 3.39 -52.09
C ILE D 349 -4.77 2.65 -52.87
N ASP D 350 -5.27 1.56 -52.30
CA ASP D 350 -6.32 0.77 -52.92
C ASP D 350 -7.59 1.57 -53.18
N GLY D 351 -8.10 2.21 -52.14
CA GLY D 351 -9.35 2.96 -52.26
C GLY D 351 -9.30 4.05 -53.31
N VAL D 352 -8.19 4.77 -53.40
CA VAL D 352 -8.07 5.85 -54.36
C VAL D 352 -7.99 5.27 -55.76
N ASN D 353 -7.22 4.20 -55.92
CA ASN D 353 -7.07 3.55 -57.20
C ASN D 353 -8.43 3.11 -57.72
N TYR D 354 -9.21 2.45 -56.87
CA TYR D 354 -10.56 2.06 -57.20
C TYR D 354 -11.39 3.28 -57.62
N LEU D 355 -11.33 4.33 -56.82
CA LEU D 355 -12.02 5.57 -57.12
C LEU D 355 -11.66 6.08 -58.52
N VAL D 356 -10.38 6.00 -58.86
CA VAL D 356 -9.91 6.48 -60.16
C VAL D 356 -10.47 5.59 -61.26
N ASP D 357 -10.41 4.29 -61.03
CA ASP D 357 -10.92 3.30 -61.97
C ASP D 357 -12.40 3.48 -62.24
N CYS D 358 -13.17 3.80 -61.19
CA CYS D 358 -14.59 4.07 -61.34
C CYS D 358 -14.86 5.32 -62.16
N GLU D 359 -13.99 6.33 -62.04
CA GLU D 359 -14.14 7.54 -62.83
C GLU D 359 -13.94 7.20 -64.30
N LYS D 360 -12.90 6.43 -64.58
CA LYS D 360 -12.62 5.94 -65.92
C LYS D 360 -13.83 5.19 -66.49
N LYS D 361 -14.35 4.24 -65.72
CA LYS D 361 -15.51 3.45 -66.11
C LYS D 361 -16.63 4.36 -66.59
N LEU D 362 -17.01 5.32 -65.76
CA LEU D 362 -18.13 6.18 -66.05
C LEU D 362 -17.86 7.13 -67.21
N GLU D 363 -16.60 7.33 -67.54
CA GLU D 363 -16.26 8.07 -68.75
C GLU D 363 -16.58 7.22 -69.98
N LYS D 364 -16.22 5.95 -69.95
CA LYS D 364 -16.48 5.05 -71.06
C LYS D 364 -17.88 4.46 -70.96
N GLY D 365 -18.79 5.19 -70.30
CA GLY D 365 -20.18 4.79 -70.24
C GLY D 365 -20.47 3.68 -69.26
N GLN D 366 -19.87 2.52 -69.50
CA GLN D 366 -19.96 1.35 -68.62
C GLN D 366 -20.04 1.71 -67.13
N ASP D 367 -20.88 0.99 -66.40
CA ASP D 367 -21.22 1.38 -65.04
C ASP D 367 -20.33 0.78 -63.97
N ILE D 368 -20.20 1.50 -62.86
CA ILE D 368 -19.40 1.10 -61.72
C ILE D 368 -20.21 0.26 -60.74
N LYS D 369 -19.67 0.04 -59.56
CA LYS D 369 -20.40 -0.63 -58.49
C LYS D 369 -19.89 -0.19 -57.11
N VAL D 370 -20.52 -0.70 -56.06
CA VAL D 370 -20.10 -0.38 -54.70
C VAL D 370 -19.40 -1.59 -54.08
N PRO D 371 -18.11 -1.44 -53.75
CA PRO D 371 -17.30 -2.54 -53.23
C PRO D 371 -17.77 -2.97 -51.85
N PRO D 372 -17.55 -4.23 -51.48
CA PRO D 372 -17.99 -4.73 -50.17
C PRO D 372 -17.15 -4.14 -49.04
N PRO D 373 -17.82 -3.69 -47.95
CA PRO D 373 -17.19 -2.75 -47.02
C PRO D 373 -16.03 -3.38 -46.24
N LEU D 374 -14.99 -2.59 -46.03
CA LEU D 374 -13.86 -3.02 -45.23
C LEU D 374 -14.29 -3.15 -43.78
N PRO D 375 -13.70 -4.11 -43.06
CA PRO D 375 -13.73 -4.17 -41.59
C PRO D 375 -13.15 -2.91 -40.93
N GLN D 376 -13.71 -2.53 -39.79
CA GLN D 376 -13.29 -1.29 -39.14
C GLN D 376 -11.93 -1.41 -38.46
N PHE D 377 -11.50 -2.64 -38.25
CA PHE D 377 -10.22 -2.85 -37.59
C PHE D 377 -9.18 -3.49 -38.50
N GLY D 378 -7.96 -3.60 -37.99
CA GLY D 378 -6.87 -4.16 -38.76
C GLY D 378 -6.45 -5.53 -38.26
N ARG D 379 -5.25 -5.96 -38.61
CA ARG D 379 -4.80 -7.29 -38.23
C ARG D 379 -4.15 -7.28 -36.86
N LYS D 380 -3.63 -8.45 -36.48
CA LYS D 380 -2.88 -8.66 -35.24
C LYS D 380 -3.71 -8.42 -33.97
P PO4 E . -42.35 4.59 10.35
O1 PO4 E . -43.23 3.36 10.26
O2 PO4 E . -42.67 5.34 11.61
O3 PO4 E . -42.60 5.48 9.17
O4 PO4 E . -40.90 4.17 10.36
P PO4 F . -44.62 8.12 8.37
O1 PO4 F . -43.31 8.53 8.98
O2 PO4 F . -45.60 7.77 9.46
O3 PO4 F . -44.41 6.93 7.49
O4 PO4 F . -45.17 9.25 7.55
P PO4 G . 40.96 -5.92 -11.11
O1 PO4 G . 42.05 -4.92 -10.87
O2 PO4 G . 40.32 -5.66 -12.45
O3 PO4 G . 39.92 -5.81 -10.04
O4 PO4 G . 41.54 -7.32 -11.10
P PO4 H . 44.93 -6.01 -7.47
O1 PO4 H . 46.09 -6.95 -7.20
O2 PO4 H . 45.42 -4.84 -8.29
O3 PO4 H . 44.39 -5.51 -6.15
O4 PO4 H . 43.86 -6.74 -8.22
P PO4 I . 7.92 -16.18 38.92
O1 PO4 I . 7.25 -15.11 38.10
O2 PO4 I . 8.51 -15.57 40.16
O3 PO4 I . 9.02 -16.82 38.10
O4 PO4 I . 6.92 -17.22 39.30
P PO4 J . 5.48 -15.39 42.79
O1 PO4 J . 4.91 -16.78 42.97
O2 PO4 J . 6.60 -15.19 43.76
O3 PO4 J . 4.40 -14.37 43.06
O4 PO4 J . 5.99 -15.23 41.39
P PO4 K . -8.54 15.38 -39.14
O1 PO4 K . -7.77 16.09 -40.22
O2 PO4 K . -9.31 16.38 -38.31
O3 PO4 K . -7.58 14.63 -38.25
O4 PO4 K . -9.50 14.40 -39.78
P PO4 L . -4.35 18.04 -42.07
O1 PO4 L . -4.04 16.85 -42.95
O2 PO4 L . -5.04 19.10 -42.88
O3 PO4 L . -3.06 18.59 -41.52
O4 PO4 L . -5.25 17.60 -40.96
#